data_4HMY
#
_entry.id   4HMY
#
_cell.length_a   267.500
_cell.length_b   267.500
_cell.length_c   191.400
_cell.angle_alpha   90.00
_cell.angle_beta   90.00
_cell.angle_gamma   120.00
#
_symmetry.space_group_name_H-M   'P 64'
#
loop_
_entity.id
_entity.type
_entity.pdbx_description
1 polymer 'AP-1 complex subunit gamma-1'
2 polymer 'AP-1 complex subunit beta-1'
3 polymer 'AP-1 complex subunit mu-1'
4 polymer 'AP-1 complex subunit sigma-3'
5 polymer 'ADP-ribosylation factor 1'
6 non-polymer "GUANOSINE-5'-TRIPHOSPHATE"
7 non-polymer 'MAGNESIUM ION'
#
loop_
_entity_poly.entity_id
_entity_poly.type
_entity_poly.pdbx_seq_one_letter_code
_entity_poly.pdbx_strand_id
1 'polypeptide(L)'
;MPAPIRLRELIRTIRTARTQAEEREMIQKECAAIRSSFREEDNTYRCRNVAKLLYMHMLGYPAHFGQLECLKLIASQKFT
DKRIGYLGAMLLLDERQDVHLLMTNCIKNDLNHSTQFVQGLALCTLGCMGSSEMCRDLAGEVEKLLKTSNSYLRKKAALC
AVHVIRKVPELMEMFLPATKNLLNEKNHGVLHTSVVLLTEMCERSPDMLAHFRKLVPQLVRILKNLIMSGYSPEHDVSGI
SDPFLQVRILRLLRILGRNDDDSSEAMNDILAQVATNTETSKNVGNAILYETVLTIMDIKSESGLRVLAINILGRFLLNN
DKNIRYVALTSLLKTVQTDHNAVQRHRSTIVDCLKDLDVSIKRRAMELSFALVNGNNIRGMMKELLYFLDSCEPEFKADC
ASGIFLAAEKYAPSKRWHIDTIMRVLTTAGSYVRDDAVPNLIQLITNSVEMHAYTVQRLYKAILGDYSQQPLVQVAAWCI
GEYGDLLVSGQCEEEEPIQVTEDEVLDILESVLISNMSTSVTRGYALTAIMKLSTRFTCTVNRIKKVVSIYGSSIDVELQ
QRAVEYNALFKKYDHMRSALLERMPVMEKVTTNGPENLYFQ
;
A
2 'polypeptide(L)'
;GSMTDSKYFTTTKKGEIFELKAELNSDKKEKKKEAVKKVIASMTVGKDVSALFPDVVNCMQTDNLELKKLVYLYLMNYAK
SQPDMAIMAVNTFVKDCEDPNPLIRALAVRTMGCIRVDKITEYLCEPLRKCLKDEDPYVRKTAAVCVAKLHDINAQLVED
QGFLDTLKDLISDSNPMVVANAVAALSEIAESHPSSNLLDLNPQSINKLLTALNECTEWGQIFILDCLANYMPKDDREAQ
SICERVTPRLSHANSAVVLSAVKVLMKFMEMLSKDLDYYGTLLKKLAPPLVTLLSAEPELQYVALRNINLIVQKRPEILK
HEMKVFFVKYNDPIYVKLEKLDIMIRLASQANIAQVLAELREYATEVDVDFVRKAVRAIGRCAIKVEQSAERCVSTLLDL
IQTKVNYVVQEAIVVIKDIFRKYPNKYESVIATLCENLDSLDEPEARAAMIWIVGEYAERIDNADELLESFLEGFHDKST
QVQLQLLTAFVKLFLKKPTETQELVQQVLSLATQDSDNPDLRDRGYIYWRLLSTDPVAAKEVVLAEKPLISEETDLIEPT
LLDELICYIGTLASVYHKPPSAFVEG
;
B
3 'polypeptide(L)'
;MSASAVYVLDLKGKVLICRNYRGDVDMSEVEHFMPILMEKEEEGMLSPILAHGGVRFMWIKHNNLYLVATSKKNACVSLV
FSFLYKVVQVFSEYFKELEEESIRDNFVIIYELLDELMDFGYPQTTDSKILQEYITQEGHKLETGAPRPPATVTNAVSWR
SEGIKYRKNEVFLDVIEAVNLLVSANGNVLRSEIVGSIKMRVFLSGMPELRLGLNDKVLFDNTGRGKSKSVELEDVKFHQ
CVRLSRFENDRTISFIPPDGEFELMSYRLNTHVKPLIWIESVIEKHSHSRIEYMVKAKSQFKRRSTANNVEIHIPVPNDA
DSPKFKTTVGSVKWVPENSEIVWSVKSFPGGKEYLMRAHFGLPSVEAEDKEGKPPISVKFEIPYFTTSGIQVRYLKIIEK
SGYQALPWVRYITQNGDYQLRTQ
;
M
4 'polypeptide(L)'
;MIHFILLFSRQGKLRLQKWYITLPDKERKKITREIVQIILSRGHRTSSFVDWKELKLVYKRYASLYFCCAIENQDNELLT
LEIVHRYVELLDKYFGNVCELDIIFNFEKAYFILDEFIIGGEIQETSKKIAVKAIEDSDMLQEVSTVCQTMGER
;
S
5 'polypeptide(L)'
;MHHHHHHEMRILMVGLDAAGKTTILYKLKLGEIVTTIPTIGFNVETVEYKNISFTVWDVGGLDKIRPLWRHYFQNTQGLI
FVVDSNDRERVNEAREELMRMLAEDELRDAVLLVFANKQDLPNAMNAAEITDKLGLHSLRHRNWYIQATCATSGDGLYEG
LDWLSNQLRNQK
;
C
#
loop_
_chem_comp.id
_chem_comp.type
_chem_comp.name
_chem_comp.formula
GTP non-polymer GUANOSINE-5'-TRIPHOSPHATE 'C10 H16 N5 O14 P3'
MG non-polymer 'MAGNESIUM ION' 'Mg 2'
#
# COMPACT_ATOMS: atom_id res chain seq x y z
N LEU A 7 -21.02 -18.68 -34.89
CA LEU A 7 -20.28 -17.80 -33.95
C LEU A 7 -20.37 -18.31 -32.51
N ARG A 8 -21.59 -18.65 -32.09
CA ARG A 8 -21.81 -19.15 -30.74
C ARG A 8 -20.98 -20.40 -30.51
N GLU A 9 -20.44 -20.96 -31.59
CA GLU A 9 -19.60 -22.14 -31.51
C GLU A 9 -18.14 -21.76 -31.69
N LEU A 10 -17.91 -20.52 -32.15
CA LEU A 10 -16.57 -20.00 -32.35
C LEU A 10 -16.02 -19.44 -31.04
N ILE A 11 -16.86 -18.71 -30.33
CA ILE A 11 -16.47 -18.12 -29.05
C ILE A 11 -16.12 -19.25 -28.10
N ARG A 12 -16.68 -20.43 -28.38
CA ARG A 12 -16.46 -21.62 -27.58
C ARG A 12 -15.07 -22.19 -27.87
N THR A 13 -14.46 -21.74 -28.97
CA THR A 13 -13.14 -22.19 -29.37
C THR A 13 -12.05 -21.33 -28.72
N ILE A 14 -12.26 -20.01 -28.74
CA ILE A 14 -11.30 -19.08 -28.15
C ILE A 14 -11.36 -19.22 -26.63
N ARG A 15 -12.33 -20.01 -26.16
CA ARG A 15 -12.52 -20.25 -24.74
C ARG A 15 -11.54 -21.34 -24.30
N THR A 16 -10.83 -21.90 -25.27
CA THR A 16 -9.85 -22.94 -25.01
C THR A 16 -8.46 -22.33 -24.82
N ALA A 17 -8.32 -21.08 -25.28
CA ALA A 17 -7.05 -20.37 -25.16
C ALA A 17 -6.80 -19.93 -23.73
N ARG A 18 -5.53 -19.88 -23.35
CA ARG A 18 -5.14 -19.48 -22.00
C ARG A 18 -4.11 -18.35 -22.03
N THR A 19 -3.43 -18.20 -23.16
CA THR A 19 -2.42 -17.16 -23.31
C THR A 19 -2.83 -16.07 -24.30
N GLN A 20 -2.39 -14.85 -24.02
CA GLN A 20 -2.71 -13.71 -24.87
C GLN A 20 -1.99 -13.87 -26.21
N ALA A 21 -1.21 -14.93 -26.33
CA ALA A 21 -0.47 -15.22 -27.54
C ALA A 21 -1.28 -16.14 -28.45
N GLU A 22 -2.20 -16.89 -27.83
CA GLU A 22 -3.06 -17.81 -28.57
C GLU A 22 -4.36 -17.12 -28.94
N GLU A 23 -4.80 -16.19 -28.09
CA GLU A 23 -6.03 -15.45 -28.32
C GLU A 23 -5.82 -14.58 -29.57
N ARG A 24 -4.57 -14.24 -29.84
CA ARG A 24 -4.22 -13.43 -31.00
C ARG A 24 -4.16 -14.34 -32.22
N GLU A 25 -3.82 -15.61 -31.97
CA GLU A 25 -3.73 -16.62 -33.03
C GLU A 25 -5.10 -17.14 -33.41
N MET A 26 -6.01 -17.21 -32.43
CA MET A 26 -7.35 -17.70 -32.68
C MET A 26 -8.22 -16.66 -33.39
N ILE A 27 -7.95 -15.39 -33.15
CA ILE A 27 -8.70 -14.31 -33.76
C ILE A 27 -8.14 -13.97 -35.15
N GLN A 28 -6.83 -14.13 -35.29
CA GLN A 28 -6.17 -13.85 -36.56
C GLN A 28 -6.47 -14.97 -37.56
N LYS A 29 -6.83 -16.13 -37.04
CA LYS A 29 -7.16 -17.28 -37.86
C LYS A 29 -8.58 -17.18 -38.40
N GLU A 30 -9.48 -16.67 -37.59
CA GLU A 30 -10.88 -16.52 -37.97
C GLU A 30 -11.05 -15.25 -38.79
N CYS A 31 -10.33 -14.20 -38.40
CA CYS A 31 -10.39 -12.92 -39.10
C CYS A 31 -9.88 -13.04 -40.52
N ALA A 32 -9.08 -14.07 -40.77
CA ALA A 32 -8.51 -14.32 -42.09
C ALA A 32 -9.36 -15.32 -42.85
N ALA A 33 -9.94 -16.27 -42.12
CA ALA A 33 -10.79 -17.30 -42.72
C ALA A 33 -12.13 -16.69 -43.14
N ILE A 34 -12.56 -15.69 -42.38
CA ILE A 34 -13.83 -15.02 -42.65
C ILE A 34 -13.73 -14.17 -43.93
N ARG A 35 -12.51 -13.80 -44.30
CA ARG A 35 -12.30 -13.01 -45.50
C ARG A 35 -12.57 -13.84 -46.74
N SER A 36 -12.10 -15.09 -46.73
CA SER A 36 -12.31 -16.00 -47.85
C SER A 36 -13.77 -16.38 -47.95
N SER A 37 -14.58 -15.90 -47.02
CA SER A 37 -16.00 -16.19 -47.00
C SER A 37 -16.77 -14.89 -47.23
N PHE A 38 -16.01 -13.81 -47.44
CA PHE A 38 -16.58 -12.50 -47.68
C PHE A 38 -16.26 -12.05 -49.10
N ARG A 39 -15.30 -12.74 -49.72
CA ARG A 39 -14.89 -12.42 -51.08
C ARG A 39 -16.04 -12.60 -52.06
N GLU A 40 -16.54 -13.82 -52.14
CA GLU A 40 -17.63 -14.17 -53.04
C GLU A 40 -18.96 -13.56 -52.63
N GLU A 41 -19.03 -12.98 -51.45
CA GLU A 41 -20.26 -12.37 -50.96
C GLU A 41 -21.41 -13.37 -50.96
N ASP A 42 -21.23 -14.48 -50.25
CA ASP A 42 -22.27 -15.50 -50.18
C ASP A 42 -23.39 -15.08 -49.23
N ASN A 43 -24.60 -15.01 -49.77
CA ASN A 43 -25.77 -14.61 -48.98
C ASN A 43 -25.93 -15.40 -47.69
N THR A 44 -25.49 -16.65 -47.69
CA THR A 44 -25.59 -17.49 -46.51
C THR A 44 -24.36 -17.31 -45.62
N TYR A 45 -24.53 -17.56 -44.33
CA TYR A 45 -23.43 -17.42 -43.37
C TYR A 45 -23.09 -15.94 -43.16
N ARG A 46 -23.77 -15.09 -43.92
CA ARG A 46 -23.55 -13.65 -43.84
C ARG A 46 -24.00 -13.12 -42.48
N CYS A 47 -24.82 -13.90 -41.77
CA CYS A 47 -25.31 -13.50 -40.46
C CYS A 47 -24.48 -14.17 -39.37
N ARG A 48 -23.70 -15.17 -39.76
CA ARG A 48 -22.85 -15.89 -38.80
C ARG A 48 -21.51 -15.20 -38.60
N ASN A 49 -20.70 -15.18 -39.66
CA ASN A 49 -19.37 -14.58 -39.61
C ASN A 49 -19.39 -13.10 -39.24
N VAL A 50 -20.56 -12.47 -39.32
CA VAL A 50 -20.69 -11.06 -38.94
C VAL A 50 -20.67 -10.96 -37.42
N ALA A 51 -21.19 -12.00 -36.78
CA ALA A 51 -21.23 -12.05 -35.31
C ALA A 51 -19.86 -12.50 -34.82
N LYS A 52 -19.20 -13.33 -35.64
CA LYS A 52 -17.88 -13.83 -35.29
C LYS A 52 -16.87 -12.68 -35.32
N LEU A 53 -17.22 -11.63 -36.06
CA LEU A 53 -16.36 -10.46 -36.17
C LEU A 53 -16.70 -9.46 -35.06
N LEU A 54 -17.98 -9.38 -34.72
CA LEU A 54 -18.45 -8.48 -33.68
C LEU A 54 -17.80 -8.84 -32.35
N TYR A 55 -17.68 -10.15 -32.10
CA TYR A 55 -17.07 -10.63 -30.86
C TYR A 55 -15.57 -10.35 -30.87
N MET A 56 -14.94 -10.48 -32.04
CA MET A 56 -13.51 -10.22 -32.16
C MET A 56 -13.26 -8.72 -32.19
N HIS A 57 -14.34 -7.97 -32.35
CA HIS A 57 -14.27 -6.51 -32.36
C HIS A 57 -14.22 -6.00 -30.94
N MET A 58 -15.12 -6.52 -30.11
CA MET A 58 -15.19 -6.14 -28.70
C MET A 58 -13.86 -6.44 -28.01
N LEU A 59 -13.24 -7.55 -28.38
CA LEU A 59 -11.97 -7.95 -27.78
C LEU A 59 -10.85 -7.03 -28.23
N GLY A 60 -11.11 -6.20 -29.23
CA GLY A 60 -10.12 -5.27 -29.73
C GLY A 60 -9.19 -5.82 -30.80
N TYR A 61 -9.78 -6.27 -31.91
CA TYR A 61 -9.01 -6.83 -33.01
C TYR A 61 -9.52 -6.33 -34.35
N PRO A 62 -8.84 -6.68 -35.46
CA PRO A 62 -9.27 -6.25 -36.79
C PRO A 62 -10.78 -6.38 -36.98
N ALA A 63 -11.46 -5.25 -37.12
CA ALA A 63 -12.90 -5.24 -37.28
C ALA A 63 -13.37 -4.68 -38.62
N HIS A 64 -12.45 -4.11 -39.39
CA HIS A 64 -12.79 -3.54 -40.69
C HIS A 64 -12.94 -4.64 -41.74
N PHE A 65 -12.77 -5.88 -41.32
CA PHE A 65 -12.85 -7.02 -42.22
C PHE A 65 -14.26 -7.32 -42.75
N GLY A 66 -15.28 -6.96 -41.99
CA GLY A 66 -16.63 -7.25 -42.43
C GLY A 66 -17.56 -6.07 -42.66
N GLN A 67 -17.00 -4.93 -43.06
CA GLN A 67 -17.84 -3.76 -43.30
C GLN A 67 -18.53 -3.91 -44.65
N LEU A 68 -18.55 -5.13 -45.18
CA LEU A 68 -19.18 -5.41 -46.46
C LEU A 68 -20.23 -6.52 -46.36
N GLU A 69 -19.83 -7.65 -45.78
CA GLU A 69 -20.73 -8.79 -45.62
C GLU A 69 -21.65 -8.60 -44.43
N CYS A 70 -21.76 -7.36 -43.96
CA CYS A 70 -22.61 -7.06 -42.83
C CYS A 70 -23.78 -6.21 -43.31
N LEU A 71 -23.45 -5.14 -44.02
CA LEU A 71 -24.45 -4.21 -44.55
C LEU A 71 -25.34 -4.89 -45.59
N LYS A 72 -24.86 -5.99 -46.16
CA LYS A 72 -25.63 -6.72 -47.16
C LYS A 72 -26.74 -7.55 -46.52
N LEU A 73 -26.99 -7.29 -45.24
CA LEU A 73 -28.05 -7.97 -44.50
C LEU A 73 -28.97 -6.89 -43.96
N ILE A 74 -28.44 -5.66 -43.90
CA ILE A 74 -29.22 -4.51 -43.44
C ILE A 74 -30.33 -4.26 -44.44
N ALA A 75 -30.13 -4.75 -45.66
CA ALA A 75 -31.12 -4.59 -46.73
C ALA A 75 -31.96 -5.84 -46.93
N SER A 76 -31.36 -7.00 -46.67
CA SER A 76 -32.05 -8.28 -46.83
C SER A 76 -33.47 -8.23 -46.26
N GLN A 77 -34.35 -9.04 -46.82
CA GLN A 77 -35.74 -9.08 -46.39
C GLN A 77 -35.94 -9.84 -45.09
N LYS A 78 -35.45 -11.08 -45.05
CA LYS A 78 -35.59 -11.92 -43.86
C LYS A 78 -35.12 -11.23 -42.57
N PHE A 79 -36.01 -11.23 -41.59
CA PHE A 79 -35.75 -10.61 -40.28
C PHE A 79 -34.41 -11.01 -39.69
N THR A 80 -34.06 -12.28 -39.85
CA THR A 80 -32.81 -12.81 -39.32
C THR A 80 -31.58 -12.01 -39.76
N ASP A 81 -31.55 -11.65 -41.04
CA ASP A 81 -30.42 -10.89 -41.58
C ASP A 81 -30.45 -9.41 -41.20
N LYS A 82 -31.64 -8.84 -41.03
CA LYS A 82 -31.75 -7.44 -40.65
C LYS A 82 -31.32 -7.24 -39.21
N ARG A 83 -31.72 -8.16 -38.35
CA ARG A 83 -31.39 -8.10 -36.93
C ARG A 83 -29.92 -8.37 -36.65
N ILE A 84 -29.41 -9.47 -37.20
CA ILE A 84 -28.00 -9.83 -37.01
C ILE A 84 -27.12 -8.81 -37.71
N GLY A 85 -27.74 -7.98 -38.55
CA GLY A 85 -27.00 -6.96 -39.27
C GLY A 85 -27.04 -5.62 -38.56
N TYR A 86 -28.24 -5.16 -38.21
CA TYR A 86 -28.41 -3.90 -37.52
C TYR A 86 -27.59 -3.87 -36.24
N LEU A 87 -27.42 -5.04 -35.62
CA LEU A 87 -26.64 -5.17 -34.40
C LEU A 87 -25.19 -4.88 -34.73
N GLY A 88 -24.67 -5.58 -35.73
CA GLY A 88 -23.29 -5.40 -36.15
C GLY A 88 -23.01 -4.04 -36.76
N ALA A 89 -24.07 -3.30 -37.05
CA ALA A 89 -23.92 -1.97 -37.64
C ALA A 89 -23.55 -0.95 -36.56
N MET A 90 -24.16 -1.10 -35.40
CA MET A 90 -23.93 -0.20 -34.27
C MET A 90 -22.66 -0.52 -33.49
N LEU A 91 -22.05 -1.67 -33.77
CA LEU A 91 -20.83 -2.07 -33.07
C LEU A 91 -19.54 -1.88 -33.87
N LEU A 92 -19.57 -2.28 -35.13
CA LEU A 92 -18.39 -2.20 -36.00
C LEU A 92 -18.31 -0.98 -36.91
N LEU A 93 -19.14 0.04 -36.68
CA LEU A 93 -19.09 1.18 -37.60
C LEU A 93 -18.86 2.58 -37.06
N ASP A 94 -17.93 3.27 -37.70
CA ASP A 94 -17.61 4.65 -37.37
C ASP A 94 -18.63 5.49 -38.13
N GLU A 95 -18.40 6.79 -38.23
CA GLU A 95 -19.35 7.65 -38.94
C GLU A 95 -18.90 8.01 -40.36
N ARG A 96 -18.64 6.99 -41.17
CA ARG A 96 -18.23 7.22 -42.56
C ARG A 96 -19.47 7.46 -43.41
N GLN A 97 -19.34 8.39 -44.35
CA GLN A 97 -20.44 8.75 -45.24
C GLN A 97 -20.60 7.74 -46.38
N ASP A 98 -19.87 6.64 -46.29
CA ASP A 98 -19.93 5.59 -47.31
C ASP A 98 -21.01 4.58 -46.94
N VAL A 99 -20.88 3.99 -45.75
CA VAL A 99 -21.85 3.04 -45.26
C VAL A 99 -22.96 3.83 -44.57
N HIS A 100 -22.87 5.15 -44.70
CA HIS A 100 -23.85 6.06 -44.13
C HIS A 100 -25.05 6.14 -45.06
N LEU A 101 -24.78 6.16 -46.36
CA LEU A 101 -25.84 6.23 -47.36
C LEU A 101 -26.46 4.86 -47.59
N LEU A 102 -25.74 3.82 -47.17
CA LEU A 102 -26.23 2.46 -47.30
C LEU A 102 -26.91 2.08 -45.99
N MET A 103 -27.04 3.07 -45.12
CA MET A 103 -27.69 2.91 -43.82
C MET A 103 -28.88 3.86 -43.81
N THR A 104 -28.61 5.11 -44.17
CA THR A 104 -29.65 6.15 -44.23
C THR A 104 -30.85 5.64 -45.01
N ASN A 105 -30.59 5.04 -46.16
CA ASN A 105 -31.64 4.51 -47.01
C ASN A 105 -32.38 3.37 -46.33
N CYS A 106 -31.65 2.34 -45.90
CA CYS A 106 -32.25 1.20 -45.24
C CYS A 106 -33.03 1.58 -43.99
N ILE A 107 -32.60 2.65 -43.33
CA ILE A 107 -33.29 3.11 -42.12
C ILE A 107 -34.67 3.60 -42.54
N LYS A 108 -34.70 4.46 -43.56
CA LYS A 108 -35.94 5.02 -44.07
C LYS A 108 -36.81 3.94 -44.69
N ASN A 109 -36.19 2.88 -45.19
CA ASN A 109 -36.93 1.78 -45.81
C ASN A 109 -37.60 0.91 -44.75
N ASP A 110 -36.88 0.63 -43.66
CA ASP A 110 -37.43 -0.19 -42.60
C ASP A 110 -38.24 0.62 -41.59
N LEU A 111 -38.19 1.95 -41.71
CA LEU A 111 -38.93 2.81 -40.80
C LEU A 111 -40.43 2.70 -41.06
N ASN A 112 -40.77 2.02 -42.16
CA ASN A 112 -42.16 1.80 -42.54
C ASN A 112 -42.33 0.40 -43.13
N HIS A 113 -41.76 -0.58 -42.44
CA HIS A 113 -41.83 -1.98 -42.87
C HIS A 113 -43.22 -2.53 -42.57
N SER A 114 -43.51 -3.74 -43.04
CA SER A 114 -44.80 -4.36 -42.80
C SER A 114 -44.97 -4.65 -41.30
N THR A 115 -44.01 -5.38 -40.74
CA THR A 115 -44.05 -5.71 -39.32
C THR A 115 -43.74 -4.43 -38.55
N GLN A 116 -43.60 -4.53 -37.23
CA GLN A 116 -43.30 -3.35 -36.42
C GLN A 116 -41.99 -3.45 -35.65
N PHE A 117 -41.46 -4.66 -35.53
CA PHE A 117 -40.21 -4.86 -34.81
C PHE A 117 -39.01 -4.55 -35.69
N VAL A 118 -39.23 -4.53 -37.00
CA VAL A 118 -38.17 -4.20 -37.94
C VAL A 118 -37.96 -2.70 -37.81
N GLN A 119 -39.03 -2.02 -37.39
CA GLN A 119 -39.00 -0.58 -37.19
C GLN A 119 -38.38 -0.31 -35.82
N GLY A 120 -38.23 -1.36 -35.04
CA GLY A 120 -37.63 -1.24 -33.73
C GLY A 120 -36.12 -1.12 -33.88
N LEU A 121 -35.56 -2.00 -34.70
CA LEU A 121 -34.12 -2.00 -34.96
C LEU A 121 -33.78 -0.71 -35.69
N ALA A 122 -34.74 -0.20 -36.45
CA ALA A 122 -34.57 1.03 -37.21
C ALA A 122 -34.29 2.20 -36.28
N LEU A 123 -35.34 2.66 -35.60
CA LEU A 123 -35.21 3.78 -34.67
C LEU A 123 -34.06 3.54 -33.70
N CYS A 124 -33.81 2.26 -33.39
CA CYS A 124 -32.74 1.89 -32.49
C CYS A 124 -31.39 2.25 -33.10
N THR A 125 -31.16 1.77 -34.31
CA THR A 125 -29.91 2.03 -35.02
C THR A 125 -29.75 3.52 -35.34
N LEU A 126 -30.87 4.20 -35.50
CA LEU A 126 -30.85 5.63 -35.82
C LEU A 126 -30.23 6.43 -34.68
N GLY A 127 -30.40 5.96 -33.45
CA GLY A 127 -29.85 6.66 -32.30
C GLY A 127 -28.55 6.11 -31.75
N CYS A 128 -27.91 5.20 -32.50
CA CYS A 128 -26.65 4.63 -32.05
C CYS A 128 -25.58 4.76 -33.12
N MET A 129 -25.99 5.13 -34.33
CA MET A 129 -25.08 5.31 -35.45
C MET A 129 -25.28 6.66 -36.12
N GLY A 130 -26.44 7.26 -35.89
CA GLY A 130 -26.74 8.55 -36.49
C GLY A 130 -25.76 9.64 -36.12
N SER A 131 -24.90 10.00 -37.07
CA SER A 131 -23.92 11.05 -36.85
C SER A 131 -24.55 12.41 -37.08
N SER A 132 -24.12 13.08 -38.15
CA SER A 132 -24.65 14.39 -38.48
C SER A 132 -25.58 14.29 -39.69
N GLU A 133 -25.07 13.74 -40.78
CA GLU A 133 -25.85 13.59 -42.00
C GLU A 133 -27.00 12.60 -41.80
N MET A 134 -27.21 12.18 -40.56
CA MET A 134 -28.28 11.23 -40.25
C MET A 134 -29.41 11.92 -39.49
N CYS A 135 -29.05 12.73 -38.51
CA CYS A 135 -30.03 13.46 -37.70
C CYS A 135 -30.60 14.64 -38.46
N ARG A 136 -30.35 14.67 -39.77
CA ARG A 136 -30.85 15.76 -40.61
C ARG A 136 -31.46 15.20 -41.89
N ASP A 137 -31.18 13.93 -42.16
CA ASP A 137 -31.69 13.26 -43.35
C ASP A 137 -33.08 12.69 -43.08
N LEU A 138 -33.16 11.77 -42.12
CA LEU A 138 -34.43 11.14 -41.77
C LEU A 138 -35.22 11.97 -40.76
N ALA A 139 -34.89 13.27 -40.67
CA ALA A 139 -35.56 14.16 -39.75
C ALA A 139 -37.06 14.16 -40.01
N GLY A 140 -37.44 13.85 -41.24
CA GLY A 140 -38.84 13.82 -41.61
C GLY A 140 -39.49 12.49 -41.24
N GLU A 141 -38.68 11.44 -41.21
CA GLU A 141 -39.16 10.10 -40.86
C GLU A 141 -39.26 9.94 -39.34
N VAL A 142 -39.15 11.05 -38.63
CA VAL A 142 -39.22 11.03 -37.17
C VAL A 142 -40.53 11.58 -36.63
N GLU A 143 -40.95 12.75 -37.13
CA GLU A 143 -42.19 13.35 -36.68
C GLU A 143 -43.38 12.66 -37.33
N LYS A 144 -43.16 12.05 -38.49
CA LYS A 144 -44.21 11.35 -39.21
C LYS A 144 -44.60 10.08 -38.46
N LEU A 145 -43.61 9.47 -37.82
CA LEU A 145 -43.83 8.23 -37.06
C LEU A 145 -44.05 8.51 -35.57
N LEU A 146 -43.71 9.71 -35.14
CA LEU A 146 -43.86 10.11 -33.75
C LEU A 146 -45.34 10.23 -33.39
N LYS A 147 -46.15 10.52 -34.40
CA LYS A 147 -47.60 10.68 -34.21
C LYS A 147 -48.36 9.35 -34.20
N THR A 148 -48.07 8.49 -35.17
CA THR A 148 -48.73 7.20 -35.28
C THR A 148 -48.86 6.51 -33.92
N SER A 149 -50.10 6.33 -33.47
CA SER A 149 -50.38 5.70 -32.19
C SER A 149 -50.11 4.20 -32.15
N ASN A 150 -48.85 3.83 -31.98
CA ASN A 150 -48.46 2.43 -31.89
C ASN A 150 -47.44 2.27 -30.77
N SER A 151 -47.86 2.65 -29.56
CA SER A 151 -47.03 2.58 -28.36
C SER A 151 -45.57 2.17 -28.57
N TYR A 152 -45.37 0.93 -28.96
CA TYR A 152 -44.03 0.40 -29.21
C TYR A 152 -43.18 1.34 -30.07
N LEU A 153 -43.76 1.80 -31.17
CA LEU A 153 -43.06 2.69 -32.08
C LEU A 153 -42.95 4.11 -31.53
N ARG A 154 -44.06 4.60 -30.98
CA ARG A 154 -44.12 5.95 -30.43
C ARG A 154 -43.01 6.25 -29.43
N LYS A 155 -42.58 5.24 -28.67
CA LYS A 155 -41.53 5.42 -27.69
C LYS A 155 -40.16 5.43 -28.35
N LYS A 156 -39.95 4.49 -29.25
CA LYS A 156 -38.68 4.36 -29.97
C LYS A 156 -38.46 5.60 -30.84
N ALA A 157 -39.55 6.15 -31.37
CA ALA A 157 -39.49 7.33 -32.22
C ALA A 157 -39.20 8.58 -31.39
N ALA A 158 -39.97 8.76 -30.32
CA ALA A 158 -39.82 9.91 -29.44
C ALA A 158 -38.35 10.13 -29.08
N LEU A 159 -37.62 9.05 -28.88
CA LEU A 159 -36.21 9.13 -28.53
C LEU A 159 -35.35 9.52 -29.72
N CYS A 160 -35.67 9.01 -30.90
CA CYS A 160 -34.91 9.36 -32.10
C CYS A 160 -35.06 10.87 -32.28
N ALA A 161 -36.25 11.38 -32.01
CA ALA A 161 -36.52 12.80 -32.13
C ALA A 161 -35.53 13.56 -31.26
N VAL A 162 -35.22 12.98 -30.10
CA VAL A 162 -34.27 13.59 -29.18
C VAL A 162 -32.87 13.44 -29.74
N HIS A 163 -32.59 12.27 -30.33
CA HIS A 163 -31.30 11.99 -30.92
C HIS A 163 -31.05 12.89 -32.13
N VAL A 164 -32.12 13.51 -32.63
CA VAL A 164 -32.03 14.42 -33.76
C VAL A 164 -31.62 15.79 -33.27
N ILE A 165 -31.96 16.09 -32.02
CA ILE A 165 -31.64 17.38 -31.42
C ILE A 165 -30.27 17.36 -30.74
N ARG A 166 -29.67 16.17 -30.65
CA ARG A 166 -28.36 16.05 -30.03
C ARG A 166 -27.24 16.39 -31.01
N LYS A 167 -27.26 15.74 -32.16
CA LYS A 167 -26.24 15.97 -33.18
C LYS A 167 -26.60 17.17 -34.05
N VAL A 168 -27.85 17.62 -33.94
CA VAL A 168 -28.33 18.75 -34.72
C VAL A 168 -29.31 19.58 -33.89
N PRO A 169 -28.79 20.39 -32.95
CA PRO A 169 -29.62 21.23 -32.08
C PRO A 169 -30.55 22.21 -32.80
N GLU A 170 -30.49 22.25 -34.12
CA GLU A 170 -31.34 23.17 -34.89
C GLU A 170 -32.71 22.64 -35.28
N LEU A 171 -32.88 21.32 -35.33
CA LEU A 171 -34.15 20.73 -35.75
C LEU A 171 -35.19 20.35 -34.70
N MET A 172 -35.14 20.93 -33.51
CA MET A 172 -36.11 20.58 -32.47
C MET A 172 -37.46 21.25 -32.73
N GLU A 173 -37.52 22.09 -33.75
CA GLU A 173 -38.74 22.81 -34.09
C GLU A 173 -39.76 21.95 -34.83
N MET A 174 -39.28 20.93 -35.53
CA MET A 174 -40.16 20.04 -36.29
C MET A 174 -40.94 19.04 -35.45
N PHE A 175 -40.69 19.00 -34.15
CA PHE A 175 -41.39 18.05 -33.29
C PHE A 175 -42.45 18.71 -32.41
N LEU A 176 -42.64 20.01 -32.59
CA LEU A 176 -43.65 20.74 -31.83
C LEU A 176 -45.04 20.13 -32.04
N PRO A 177 -45.35 19.69 -33.27
CA PRO A 177 -46.64 19.09 -33.60
C PRO A 177 -46.94 17.79 -32.85
N ALA A 178 -46.55 17.72 -31.59
CA ALA A 178 -46.78 16.52 -30.77
C ALA A 178 -46.39 16.77 -29.32
N THR A 179 -46.16 18.04 -28.98
CA THR A 179 -45.76 18.42 -27.63
C THR A 179 -46.87 18.37 -26.59
N LYS A 180 -47.66 19.44 -26.52
CA LYS A 180 -48.75 19.59 -25.57
C LYS A 180 -49.52 18.34 -25.12
N ASN A 181 -49.81 17.44 -26.06
CA ASN A 181 -50.57 16.24 -25.72
C ASN A 181 -49.81 15.19 -24.91
N LEU A 182 -48.56 14.93 -25.31
CA LEU A 182 -47.71 13.94 -24.64
C LEU A 182 -48.06 13.62 -23.18
N LEU A 183 -48.09 14.66 -22.34
CA LEU A 183 -48.39 14.49 -20.93
C LEU A 183 -49.84 14.10 -20.64
N ASN A 184 -50.22 12.90 -21.08
CA ASN A 184 -51.56 12.37 -20.87
C ASN A 184 -51.60 10.98 -21.50
N GLU A 185 -50.42 10.40 -21.67
CA GLU A 185 -50.27 9.07 -22.25
C GLU A 185 -50.57 8.01 -21.20
N LYS A 186 -50.70 6.77 -21.63
CA LYS A 186 -51.00 5.67 -20.73
C LYS A 186 -49.82 4.71 -20.58
N ASN A 187 -48.95 4.69 -21.58
CA ASN A 187 -47.79 3.81 -21.56
C ASN A 187 -46.61 4.50 -20.85
N HIS A 188 -46.10 3.87 -19.79
CA HIS A 188 -45.00 4.43 -19.03
C HIS A 188 -43.84 4.90 -19.89
N GLY A 189 -43.30 4.01 -20.72
CA GLY A 189 -42.19 4.36 -21.57
C GLY A 189 -42.41 5.66 -22.33
N VAL A 190 -43.42 5.68 -23.19
CA VAL A 190 -43.74 6.86 -23.98
C VAL A 190 -43.76 8.10 -23.08
N LEU A 191 -44.46 7.99 -21.96
CA LEU A 191 -44.56 9.11 -21.01
C LEU A 191 -43.16 9.59 -20.62
N HIS A 192 -42.26 8.66 -20.34
CA HIS A 192 -40.90 9.01 -19.96
C HIS A 192 -40.20 9.67 -21.15
N THR A 193 -40.31 9.06 -22.32
CA THR A 193 -39.71 9.60 -23.52
C THR A 193 -40.34 10.95 -23.84
N SER A 194 -41.56 11.15 -23.34
CA SER A 194 -42.29 12.39 -23.57
C SER A 194 -41.69 13.48 -22.68
N VAL A 195 -41.10 13.06 -21.56
CA VAL A 195 -40.47 13.98 -20.64
C VAL A 195 -39.11 14.41 -21.18
N VAL A 196 -38.33 13.44 -21.64
CA VAL A 196 -37.01 13.73 -22.19
C VAL A 196 -37.14 14.53 -23.48
N LEU A 197 -38.22 14.29 -24.22
CA LEU A 197 -38.45 14.99 -25.47
C LEU A 197 -38.75 16.46 -25.13
N LEU A 198 -39.63 16.66 -24.15
CA LEU A 198 -39.99 18.00 -23.72
C LEU A 198 -38.78 18.68 -23.08
N THR A 199 -37.91 17.88 -22.47
CA THR A 199 -36.71 18.40 -21.83
C THR A 199 -35.79 18.99 -22.89
N GLU A 200 -35.49 18.20 -23.90
CA GLU A 200 -34.62 18.62 -25.00
C GLU A 200 -35.25 19.78 -25.77
N MET A 201 -36.55 20.00 -25.56
CA MET A 201 -37.26 21.07 -26.23
C MET A 201 -36.93 22.44 -25.68
N CYS A 202 -36.68 22.52 -24.38
CA CYS A 202 -36.35 23.79 -23.73
C CYS A 202 -34.89 24.19 -23.92
N GLU A 203 -34.29 23.79 -25.04
CA GLU A 203 -32.90 24.14 -25.30
C GLU A 203 -32.85 25.47 -26.03
N ARG A 204 -34.00 26.16 -26.02
CA ARG A 204 -34.13 27.47 -26.65
C ARG A 204 -35.11 28.26 -25.78
N SER A 205 -34.91 29.57 -25.71
CA SER A 205 -35.77 30.44 -24.91
C SER A 205 -37.24 30.43 -25.32
N PRO A 206 -37.54 30.65 -26.61
CA PRO A 206 -38.93 30.66 -27.07
C PRO A 206 -39.77 29.47 -26.60
N ASP A 207 -39.17 28.29 -26.56
CA ASP A 207 -39.90 27.10 -26.14
C ASP A 207 -40.01 26.97 -24.62
N MET A 208 -39.20 27.74 -23.89
CA MET A 208 -39.23 27.69 -22.44
C MET A 208 -40.52 28.30 -21.91
N LEU A 209 -40.72 29.59 -22.15
CA LEU A 209 -41.93 30.27 -21.69
C LEU A 209 -43.19 29.57 -22.21
N ALA A 210 -43.03 28.78 -23.26
CA ALA A 210 -44.15 28.05 -23.84
C ALA A 210 -44.59 26.93 -22.88
N HIS A 211 -43.63 26.13 -22.43
CA HIS A 211 -43.92 25.04 -21.52
C HIS A 211 -43.76 25.54 -20.08
N PHE A 212 -43.51 26.84 -19.96
CA PHE A 212 -43.33 27.48 -18.66
C PHE A 212 -44.67 27.64 -17.98
N ARG A 213 -45.49 28.51 -18.55
CA ARG A 213 -46.83 28.81 -18.03
C ARG A 213 -47.80 27.65 -18.19
N LYS A 214 -47.72 26.98 -19.35
CA LYS A 214 -48.60 25.87 -19.67
C LYS A 214 -48.50 24.63 -18.78
N LEU A 215 -48.15 23.52 -19.42
CA LEU A 215 -48.02 22.19 -18.81
C LEU A 215 -47.53 22.06 -17.37
N VAL A 216 -46.92 23.10 -16.81
CA VAL A 216 -46.43 23.00 -15.44
C VAL A 216 -47.45 22.40 -14.47
N PRO A 217 -48.61 23.06 -14.29
CA PRO A 217 -49.62 22.51 -13.36
C PRO A 217 -49.98 21.07 -13.72
N GLN A 218 -49.99 20.77 -15.02
CA GLN A 218 -50.32 19.43 -15.49
C GLN A 218 -49.30 18.42 -15.00
N LEU A 219 -48.05 18.87 -14.87
CA LEU A 219 -46.97 18.01 -14.40
C LEU A 219 -47.11 17.77 -12.90
N VAL A 220 -47.69 18.74 -12.20
CA VAL A 220 -47.89 18.64 -10.76
C VAL A 220 -48.81 17.47 -10.43
N ARG A 221 -49.77 17.22 -11.32
CA ARG A 221 -50.72 16.12 -11.14
C ARG A 221 -50.08 14.78 -11.50
N ILE A 222 -49.06 14.83 -12.34
CA ILE A 222 -48.35 13.63 -12.76
C ILE A 222 -47.44 13.17 -11.62
N LEU A 223 -46.67 14.11 -11.08
CA LEU A 223 -45.77 13.82 -9.97
C LEU A 223 -46.59 13.45 -8.74
N LYS A 224 -47.87 13.84 -8.75
CA LYS A 224 -48.76 13.56 -7.65
C LYS A 224 -49.41 12.18 -7.85
N ASN A 225 -49.77 11.88 -9.09
CA ASN A 225 -50.37 10.59 -9.41
C ASN A 225 -49.41 9.47 -9.08
N LEU A 226 -48.16 9.63 -9.50
CA LEU A 226 -47.12 8.64 -9.23
C LEU A 226 -47.05 8.38 -7.73
N ILE A 227 -47.21 9.44 -6.95
CA ILE A 227 -47.16 9.33 -5.50
C ILE A 227 -48.57 9.44 -4.91
N MET A 228 -48.65 9.71 -3.61
CA MET A 228 -49.92 9.83 -2.91
C MET A 228 -50.73 8.56 -3.11
N SER A 229 -50.14 7.63 -3.86
CA SER A 229 -50.71 6.33 -4.19
C SER A 229 -50.33 6.02 -5.63
N GLY A 230 -51.33 5.72 -6.45
CA GLY A 230 -51.09 5.42 -7.85
C GLY A 230 -50.01 4.39 -8.12
N TYR A 231 -49.56 3.68 -7.09
CA TYR A 231 -48.53 2.65 -7.27
C TYR A 231 -49.08 1.25 -7.02
N SER A 232 -50.03 1.14 -6.10
CA SER A 232 -50.62 -0.15 -5.77
C SER A 232 -51.31 -0.74 -7.00
N PRO A 233 -52.16 0.04 -7.67
CA PRO A 233 -52.87 -0.45 -8.85
C PRO A 233 -51.90 -0.68 -10.01
N GLU A 234 -50.60 -0.56 -9.75
CA GLU A 234 -49.59 -0.74 -10.78
C GLU A 234 -48.77 -2.00 -10.51
N HIS A 235 -47.87 -1.93 -9.53
CA HIS A 235 -47.02 -3.05 -9.15
C HIS A 235 -45.97 -3.48 -10.19
N ASP A 236 -45.71 -2.63 -11.19
CA ASP A 236 -44.73 -2.97 -12.21
C ASP A 236 -43.38 -2.34 -11.98
N VAL A 237 -42.96 -2.22 -10.72
CA VAL A 237 -41.67 -1.63 -10.41
C VAL A 237 -41.01 -2.35 -9.23
N SER A 238 -39.72 -2.10 -9.04
CA SER A 238 -38.98 -2.73 -7.97
C SER A 238 -39.63 -2.50 -6.60
N GLY A 239 -39.74 -1.24 -6.18
CA GLY A 239 -40.34 -0.96 -4.89
C GLY A 239 -40.98 0.41 -4.79
N ILE A 240 -40.86 1.22 -5.84
CA ILE A 240 -41.44 2.56 -5.84
C ILE A 240 -42.10 2.87 -7.19
N SER A 241 -43.13 3.70 -7.16
CA SER A 241 -43.87 4.09 -8.36
C SER A 241 -43.02 4.71 -9.47
N ASP A 242 -42.70 3.90 -10.48
CA ASP A 242 -41.90 4.33 -11.64
C ASP A 242 -40.92 5.45 -11.28
N PRO A 243 -39.88 5.14 -10.48
CA PRO A 243 -38.91 6.17 -10.10
C PRO A 243 -38.44 6.98 -11.30
N PHE A 244 -37.95 6.28 -12.33
CA PHE A 244 -37.48 6.93 -13.54
C PHE A 244 -38.40 8.09 -13.92
N LEU A 245 -39.69 7.79 -14.04
CA LEU A 245 -40.68 8.80 -14.39
C LEU A 245 -40.61 9.94 -13.38
N GLN A 246 -40.79 9.62 -12.10
CA GLN A 246 -40.75 10.62 -11.05
C GLN A 246 -39.51 11.49 -11.20
N VAL A 247 -38.37 10.85 -11.39
CA VAL A 247 -37.09 11.55 -11.55
C VAL A 247 -37.15 12.49 -12.75
N ARG A 248 -37.47 11.94 -13.92
CA ARG A 248 -37.55 12.75 -15.13
C ARG A 248 -38.53 13.90 -14.94
N ILE A 249 -39.55 13.67 -14.11
CA ILE A 249 -40.54 14.71 -13.83
C ILE A 249 -39.81 15.84 -13.12
N LEU A 250 -39.30 15.53 -11.93
CA LEU A 250 -38.57 16.48 -11.11
C LEU A 250 -37.60 17.30 -11.96
N ARG A 251 -36.77 16.60 -12.71
CA ARG A 251 -35.80 17.23 -13.59
C ARG A 251 -36.40 18.27 -14.51
N LEU A 252 -37.50 17.92 -15.15
CA LEU A 252 -38.17 18.84 -16.07
C LEU A 252 -38.85 19.96 -15.27
N LEU A 253 -39.39 19.61 -14.11
CA LEU A 253 -40.04 20.60 -13.25
C LEU A 253 -38.98 21.63 -12.91
N ARG A 254 -37.76 21.12 -12.75
CA ARG A 254 -36.58 21.92 -12.42
C ARG A 254 -36.27 22.95 -13.50
N ILE A 255 -35.89 22.46 -14.68
CA ILE A 255 -35.55 23.33 -15.80
C ILE A 255 -36.63 24.36 -16.09
N LEU A 256 -37.88 24.01 -15.79
CA LEU A 256 -39.01 24.92 -16.03
C LEU A 256 -39.02 26.12 -15.09
N GLY A 257 -39.36 25.86 -13.82
CA GLY A 257 -39.42 26.93 -12.85
C GLY A 257 -38.07 27.51 -12.45
N ARG A 258 -37.07 27.29 -13.31
CA ARG A 258 -35.71 27.78 -13.08
C ARG A 258 -35.72 29.14 -12.37
N ASN A 259 -35.93 30.21 -13.13
CA ASN A 259 -35.98 31.55 -12.57
C ASN A 259 -37.36 32.16 -12.78
N ASP A 260 -38.27 31.87 -11.86
CA ASP A 260 -39.63 32.39 -11.95
C ASP A 260 -40.35 32.30 -10.61
N ASP A 261 -41.57 32.83 -10.57
CA ASP A 261 -42.38 32.82 -9.36
C ASP A 261 -43.68 32.06 -9.58
N ASP A 262 -44.25 32.20 -10.78
CA ASP A 262 -45.49 31.52 -11.13
C ASP A 262 -45.34 30.00 -11.05
N SER A 263 -44.56 29.43 -11.97
CA SER A 263 -44.35 27.99 -11.98
C SER A 263 -43.81 27.50 -10.65
N SER A 264 -42.85 28.22 -10.10
CA SER A 264 -42.24 27.88 -8.82
C SER A 264 -43.30 27.72 -7.73
N GLU A 265 -43.93 28.82 -7.35
CA GLU A 265 -44.96 28.83 -6.31
C GLU A 265 -46.14 27.91 -6.64
N ALA A 266 -46.22 27.48 -7.90
CA ALA A 266 -47.30 26.60 -8.33
C ALA A 266 -46.88 25.14 -8.28
N MET A 267 -45.77 24.87 -7.60
CA MET A 267 -45.25 23.52 -7.50
C MET A 267 -44.86 23.17 -6.07
N ASN A 268 -44.30 24.15 -5.36
CA ASN A 268 -43.86 23.95 -3.98
C ASN A 268 -44.75 23.02 -3.16
N ASP A 269 -46.05 23.05 -3.44
CA ASP A 269 -46.99 22.19 -2.71
C ASP A 269 -46.67 20.72 -2.91
N ILE A 270 -46.81 20.25 -4.16
CA ILE A 270 -46.53 18.86 -4.47
C ILE A 270 -45.14 18.47 -3.98
N LEU A 271 -44.25 19.46 -3.93
CA LEU A 271 -42.88 19.24 -3.47
C LEU A 271 -42.86 18.81 -2.01
N ALA A 272 -43.36 19.68 -1.14
CA ALA A 272 -43.40 19.39 0.29
C ALA A 272 -43.95 17.99 0.55
N GLN A 273 -44.92 17.59 -0.27
CA GLN A 273 -45.52 16.27 -0.13
C GLN A 273 -44.52 15.18 -0.49
N VAL A 274 -44.09 15.17 -1.75
CA VAL A 274 -43.13 14.18 -2.23
C VAL A 274 -42.05 13.92 -1.20
N ALA A 275 -41.32 14.97 -0.84
CA ALA A 275 -40.24 14.88 0.13
C ALA A 275 -40.67 14.20 1.43
N THR A 276 -41.43 14.92 2.24
CA THR A 276 -41.90 14.42 3.52
C THR A 276 -42.64 13.08 3.49
N ASN A 277 -43.17 12.71 2.33
CA ASN A 277 -43.93 11.46 2.21
C ASN A 277 -43.23 10.28 1.55
N THR A 278 -41.92 10.39 1.30
CA THR A 278 -41.20 9.28 0.66
C THR A 278 -40.46 8.43 1.68
N GLU A 279 -40.36 7.13 1.40
CA GLU A 279 -39.66 6.21 2.29
C GLU A 279 -38.17 6.51 2.39
N THR A 280 -37.62 6.34 3.59
CA THR A 280 -36.21 6.59 3.84
C THR A 280 -35.47 5.26 3.85
N SER A 281 -36.23 4.17 3.91
CA SER A 281 -35.70 2.81 3.94
C SER A 281 -34.37 2.64 3.21
N LYS A 282 -34.41 2.32 1.92
CA LYS A 282 -33.19 2.14 1.15
C LYS A 282 -32.95 3.22 0.10
N ASN A 283 -31.84 3.10 -0.62
CA ASN A 283 -31.44 4.05 -1.65
C ASN A 283 -32.52 4.51 -2.63
N VAL A 284 -33.29 3.56 -3.17
CA VAL A 284 -34.33 3.91 -4.13
C VAL A 284 -35.08 5.17 -3.72
N GLY A 285 -35.70 5.13 -2.55
CA GLY A 285 -36.43 6.29 -2.07
C GLY A 285 -35.56 7.53 -2.10
N ASN A 286 -34.36 7.40 -1.53
CA ASN A 286 -33.42 8.52 -1.49
C ASN A 286 -33.17 9.03 -2.89
N ALA A 287 -33.08 8.11 -3.85
CA ALA A 287 -32.85 8.49 -5.24
C ALA A 287 -33.91 9.53 -5.61
N ILE A 288 -35.17 9.21 -5.32
CA ILE A 288 -36.28 10.09 -5.61
C ILE A 288 -35.99 11.47 -5.04
N LEU A 289 -35.67 11.52 -3.75
CA LEU A 289 -35.36 12.77 -3.07
C LEU A 289 -34.14 13.48 -3.64
N TYR A 290 -33.15 12.73 -4.12
CA TYR A 290 -31.96 13.33 -4.68
C TYR A 290 -32.33 14.34 -5.77
N GLU A 291 -33.02 13.86 -6.80
CA GLU A 291 -33.44 14.71 -7.90
C GLU A 291 -34.38 15.82 -7.44
N THR A 292 -35.29 15.48 -6.53
CA THR A 292 -36.24 16.47 -6.00
C THR A 292 -35.51 17.66 -5.39
N VAL A 293 -34.76 17.41 -4.32
CA VAL A 293 -34.03 18.45 -3.63
C VAL A 293 -33.23 19.31 -4.61
N LEU A 294 -32.65 18.67 -5.62
CA LEU A 294 -31.89 19.40 -6.63
C LEU A 294 -32.82 20.43 -7.28
N THR A 295 -33.97 19.96 -7.73
CA THR A 295 -34.97 20.82 -8.36
C THR A 295 -35.43 21.90 -7.40
N ILE A 296 -35.44 21.59 -6.11
CA ILE A 296 -35.87 22.52 -5.09
C ILE A 296 -34.98 23.77 -4.98
N MET A 297 -33.68 23.59 -5.25
CA MET A 297 -32.73 24.69 -5.17
C MET A 297 -32.59 25.51 -6.45
N ASP A 298 -32.63 24.85 -7.61
CA ASP A 298 -32.51 25.54 -8.89
C ASP A 298 -33.79 26.30 -9.25
N ILE A 299 -34.71 26.41 -8.29
CA ILE A 299 -35.97 27.11 -8.54
C ILE A 299 -36.40 27.96 -7.36
N LYS A 300 -36.65 29.24 -7.62
CA LYS A 300 -37.08 30.17 -6.59
C LYS A 300 -38.20 29.53 -5.80
N SER A 301 -38.12 29.60 -4.48
CA SER A 301 -39.15 29.00 -3.63
C SER A 301 -39.23 29.66 -2.26
N GLU A 302 -40.36 29.48 -1.60
CA GLU A 302 -40.60 30.03 -0.27
C GLU A 302 -39.52 29.56 0.70
N SER A 303 -39.31 30.34 1.75
CA SER A 303 -38.30 30.00 2.76
C SER A 303 -38.55 28.61 3.35
N GLY A 304 -39.79 28.37 3.76
CA GLY A 304 -40.15 27.08 4.34
C GLY A 304 -39.73 25.92 3.47
N LEU A 305 -40.11 25.95 2.19
CA LEU A 305 -39.76 24.88 1.26
C LEU A 305 -38.27 24.62 1.25
N ARG A 306 -37.50 25.62 0.84
CA ARG A 306 -36.05 25.48 0.78
C ARG A 306 -35.52 24.80 2.04
N VAL A 307 -36.03 25.23 3.20
CA VAL A 307 -35.62 24.66 4.47
C VAL A 307 -35.76 23.14 4.45
N LEU A 308 -36.93 22.66 4.06
CA LEU A 308 -37.17 21.22 4.00
C LEU A 308 -36.07 20.52 3.22
N ALA A 309 -35.79 21.01 2.02
CA ALA A 309 -34.75 20.43 1.17
C ALA A 309 -33.49 20.17 1.97
N ILE A 310 -33.19 21.08 2.90
CA ILE A 310 -32.01 20.96 3.76
C ILE A 310 -32.18 19.81 4.75
N ASN A 311 -33.18 19.91 5.61
CA ASN A 311 -33.43 18.87 6.60
C ASN A 311 -33.47 17.49 5.95
N ILE A 312 -33.77 17.46 4.66
CA ILE A 312 -33.82 16.21 3.92
C ILE A 312 -32.43 15.65 3.74
N LEU A 313 -31.57 16.41 3.08
CA LEU A 313 -30.19 16.01 2.84
C LEU A 313 -29.51 15.70 4.18
N GLY A 314 -29.82 16.50 5.19
CA GLY A 314 -29.24 16.27 6.49
C GLY A 314 -29.62 14.89 6.98
N ARG A 315 -30.83 14.46 6.61
CA ARG A 315 -31.32 13.14 7.00
C ARG A 315 -30.62 12.09 6.16
N PHE A 316 -30.19 12.48 4.95
CA PHE A 316 -29.48 11.56 4.06
C PHE A 316 -28.21 11.12 4.79
N LEU A 317 -27.46 12.10 5.26
CA LEU A 317 -26.21 11.88 5.97
C LEU A 317 -26.26 10.66 6.89
N LEU A 318 -27.06 10.77 7.94
CA LEU A 318 -27.21 9.71 8.93
C LEU A 318 -27.69 8.37 8.36
N ASN A 319 -27.96 8.31 7.06
CA ASN A 319 -28.42 7.08 6.45
C ASN A 319 -27.40 5.96 6.64
N ASN A 320 -27.90 4.77 6.96
CA ASN A 320 -27.08 3.60 7.19
C ASN A 320 -25.95 3.37 6.20
N ASP A 321 -26.30 3.27 4.92
CA ASP A 321 -25.31 3.03 3.87
C ASP A 321 -24.54 4.28 3.45
N LYS A 322 -23.31 4.08 3.01
CA LYS A 322 -22.45 5.16 2.56
C LYS A 322 -23.05 5.83 1.32
N ASN A 323 -22.53 5.51 0.15
CA ASN A 323 -23.01 6.05 -1.12
C ASN A 323 -23.82 7.33 -0.94
N ILE A 324 -25.10 7.16 -0.60
CA ILE A 324 -26.03 8.25 -0.36
C ILE A 324 -25.32 9.42 0.31
N ARG A 325 -24.72 9.14 1.46
CA ARG A 325 -24.00 10.14 2.24
C ARG A 325 -23.04 11.00 1.42
N TYR A 326 -22.39 10.38 0.43
CA TYR A 326 -21.45 11.09 -0.41
C TYR A 326 -22.04 12.40 -0.96
N VAL A 327 -22.96 12.28 -1.90
CA VAL A 327 -23.59 13.47 -2.49
C VAL A 327 -24.21 14.35 -1.42
N ALA A 328 -24.77 13.73 -0.39
CA ALA A 328 -25.40 14.47 0.70
C ALA A 328 -24.48 15.60 1.16
N LEU A 329 -23.19 15.33 1.16
CA LEU A 329 -22.19 16.33 1.56
C LEU A 329 -21.75 17.14 0.35
N THR A 330 -21.57 16.47 -0.78
CA THR A 330 -21.16 17.14 -2.01
C THR A 330 -22.08 18.32 -2.31
N SER A 331 -23.38 18.02 -2.40
CA SER A 331 -24.38 19.04 -2.68
C SER A 331 -24.51 20.01 -1.52
N LEU A 332 -24.16 19.53 -0.32
CA LEU A 332 -24.24 20.34 0.88
C LEU A 332 -23.49 21.66 0.76
N LEU A 333 -22.25 21.61 0.30
CA LEU A 333 -21.45 22.83 0.14
C LEU A 333 -22.11 23.82 -0.81
N LYS A 334 -22.70 23.31 -1.88
CA LYS A 334 -23.36 24.15 -2.87
C LYS A 334 -24.41 25.07 -2.26
N THR A 335 -24.96 24.68 -1.11
CA THR A 335 -25.99 25.48 -0.45
C THR A 335 -25.55 26.13 0.86
N VAL A 336 -24.41 25.71 1.39
CA VAL A 336 -23.91 26.28 2.64
C VAL A 336 -23.87 27.81 2.56
N GLN A 337 -23.34 28.32 1.47
CA GLN A 337 -23.24 29.76 1.26
C GLN A 337 -24.57 30.42 0.92
N THR A 338 -25.60 29.60 0.72
CA THR A 338 -26.93 30.12 0.40
C THR A 338 -27.84 30.04 1.62
N ASP A 339 -28.08 28.82 2.10
CA ASP A 339 -28.94 28.61 3.26
C ASP A 339 -28.07 28.30 4.48
N HIS A 340 -27.06 29.14 4.69
CA HIS A 340 -26.12 28.98 5.80
C HIS A 340 -26.79 28.61 7.13
N ASN A 341 -27.45 29.58 7.74
CA ASN A 341 -28.12 29.38 9.02
C ASN A 341 -28.86 28.05 9.15
N ALA A 342 -29.51 27.62 8.07
CA ALA A 342 -30.28 26.38 8.09
C ALA A 342 -29.42 25.11 8.22
N VAL A 343 -28.32 25.05 7.48
CA VAL A 343 -27.44 23.89 7.50
C VAL A 343 -26.91 23.57 8.90
N GLN A 344 -26.81 24.58 9.75
CA GLN A 344 -26.30 24.40 11.11
C GLN A 344 -27.08 23.34 11.88
N ARG A 345 -28.32 23.11 11.47
CA ARG A 345 -29.19 22.11 12.12
C ARG A 345 -28.55 20.74 12.26
N HIS A 346 -27.52 20.46 11.47
CA HIS A 346 -26.88 19.15 11.51
C HIS A 346 -25.36 19.12 11.68
N ARG A 347 -24.77 20.27 11.99
CA ARG A 347 -23.32 20.37 12.18
C ARG A 347 -22.76 19.27 13.09
N SER A 348 -23.34 19.13 14.27
CA SER A 348 -22.88 18.12 15.24
C SER A 348 -22.71 16.75 14.60
N THR A 349 -23.68 16.36 13.77
CA THR A 349 -23.63 15.07 13.10
C THR A 349 -22.63 15.12 11.95
N ILE A 350 -22.47 16.30 11.36
CA ILE A 350 -21.56 16.49 10.24
C ILE A 350 -20.12 16.28 10.66
N VAL A 351 -19.74 16.84 11.79
CA VAL A 351 -18.37 16.69 12.28
C VAL A 351 -18.08 15.23 12.61
N ASP A 352 -19.09 14.51 13.05
CA ASP A 352 -18.93 13.10 13.37
C ASP A 352 -18.71 12.29 12.09
N CYS A 353 -19.19 12.82 10.97
CA CYS A 353 -19.04 12.16 9.68
C CYS A 353 -17.58 11.81 9.45
N LEU A 354 -16.71 12.76 9.76
CA LEU A 354 -15.27 12.59 9.59
C LEU A 354 -14.82 11.21 10.09
N LYS A 355 -15.49 10.73 11.13
CA LYS A 355 -15.16 9.42 11.71
C LYS A 355 -15.60 8.28 10.81
N ASP A 356 -15.80 8.57 9.52
CA ASP A 356 -16.23 7.54 8.58
C ASP A 356 -15.03 6.89 7.88
N LEU A 357 -15.19 5.63 7.51
CA LEU A 357 -14.14 4.85 6.87
C LEU A 357 -13.72 5.37 5.48
N ASP A 358 -14.70 5.75 4.67
CA ASP A 358 -14.42 6.25 3.33
C ASP A 358 -13.62 7.55 3.33
N VAL A 359 -12.68 7.67 2.40
CA VAL A 359 -11.84 8.85 2.28
C VAL A 359 -12.63 10.06 1.78
N SER A 360 -13.28 9.90 0.63
CA SER A 360 -14.07 10.97 0.03
C SER A 360 -14.98 11.62 1.06
N ILE A 361 -15.59 10.79 1.92
CA ILE A 361 -16.49 11.29 2.96
C ILE A 361 -15.74 12.25 3.88
N LYS A 362 -14.66 11.76 4.48
CA LYS A 362 -13.85 12.56 5.40
C LYS A 362 -13.56 13.94 4.82
N ARG A 363 -12.93 13.95 3.65
CA ARG A 363 -12.55 15.19 2.98
C ARG A 363 -13.73 16.14 2.78
N ARG A 364 -14.64 15.80 1.88
CA ARG A 364 -15.80 16.66 1.63
C ARG A 364 -16.48 17.10 2.92
N ALA A 365 -16.76 16.15 3.81
CA ALA A 365 -17.40 16.47 5.07
C ALA A 365 -16.54 17.51 5.79
N MET A 366 -15.26 17.20 5.91
CA MET A 366 -14.30 18.11 6.56
C MET A 366 -14.27 19.47 5.88
N GLU A 367 -13.84 19.49 4.62
CA GLU A 367 -13.77 20.73 3.86
C GLU A 367 -14.96 21.62 4.17
N LEU A 368 -16.16 21.06 4.00
CA LEU A 368 -17.39 21.79 4.27
C LEU A 368 -17.48 22.21 5.73
N SER A 369 -17.54 21.22 6.63
CA SER A 369 -17.63 21.48 8.06
C SER A 369 -16.66 22.60 8.47
N PHE A 370 -15.46 22.57 7.90
CA PHE A 370 -14.45 23.58 8.20
C PHE A 370 -15.02 24.98 8.01
N ALA A 371 -15.38 25.29 6.76
CA ALA A 371 -15.93 26.60 6.43
C ALA A 371 -17.21 26.95 7.17
N LEU A 372 -17.73 26.01 7.95
CA LEU A 372 -18.96 26.25 8.71
C LEU A 372 -18.71 26.67 10.15
N VAL A 373 -17.46 26.59 10.60
CA VAL A 373 -17.12 26.97 11.96
C VAL A 373 -17.45 28.44 12.21
N ASN A 374 -18.60 28.71 12.82
CA ASN A 374 -19.02 30.07 13.12
C ASN A 374 -18.47 30.57 14.44
N GLY A 375 -18.73 31.84 14.74
CA GLY A 375 -18.25 32.46 15.97
C GLY A 375 -18.47 31.64 17.22
N ASN A 376 -19.73 31.48 17.61
CA ASN A 376 -20.07 30.73 18.81
C ASN A 376 -19.88 29.23 18.55
N ASN A 377 -19.24 28.91 17.43
CA ASN A 377 -19.02 27.53 17.04
C ASN A 377 -17.59 27.03 17.33
N ILE A 378 -16.60 27.88 17.09
CA ILE A 378 -15.20 27.51 17.30
C ILE A 378 -14.97 26.59 18.50
N ARG A 379 -15.51 26.96 19.66
CA ARG A 379 -15.35 26.18 20.88
C ARG A 379 -15.43 24.66 20.67
N GLY A 380 -16.64 24.13 20.72
CA GLY A 380 -16.85 22.70 20.55
C GLY A 380 -16.15 22.09 19.35
N MET A 381 -16.29 22.72 18.20
CA MET A 381 -15.68 22.21 16.98
C MET A 381 -14.16 22.18 17.06
N MET A 382 -13.59 23.01 17.92
CA MET A 382 -12.13 23.06 18.09
C MET A 382 -11.62 21.80 18.76
N LYS A 383 -12.22 21.44 19.90
CA LYS A 383 -11.81 20.26 20.62
C LYS A 383 -11.80 19.05 19.68
N GLU A 384 -12.85 18.94 18.88
CA GLU A 384 -12.97 17.84 17.93
C GLU A 384 -11.89 17.98 16.85
N LEU A 385 -11.63 19.21 16.44
CA LEU A 385 -10.62 19.49 15.42
C LEU A 385 -9.29 18.86 15.81
N LEU A 386 -8.99 18.92 17.10
CA LEU A 386 -7.76 18.36 17.64
C LEU A 386 -7.81 16.84 17.56
N TYR A 387 -8.80 16.26 18.24
CA TYR A 387 -9.00 14.82 18.25
C TYR A 387 -8.87 14.29 16.82
N PHE A 388 -9.68 14.85 15.94
CA PHE A 388 -9.69 14.47 14.53
C PHE A 388 -8.27 14.57 13.95
N LEU A 389 -7.77 15.79 13.86
CA LEU A 389 -6.43 16.06 13.32
C LEU A 389 -5.37 15.07 13.77
N ASP A 390 -5.47 14.61 15.02
CA ASP A 390 -4.49 13.67 15.56
C ASP A 390 -4.41 12.34 14.83
N SER A 391 -5.56 11.67 14.64
CA SER A 391 -5.58 10.38 13.97
C SER A 391 -5.99 10.45 12.51
N CYS A 392 -6.03 11.65 11.96
CA CYS A 392 -6.41 11.83 10.56
C CYS A 392 -5.48 11.08 9.62
N GLU A 393 -6.03 10.60 8.50
CA GLU A 393 -5.25 9.87 7.51
C GLU A 393 -4.14 10.82 7.04
N PRO A 394 -2.99 10.27 6.63
CA PRO A 394 -1.86 11.06 6.15
C PRO A 394 -2.23 12.23 5.24
N GLU A 395 -2.68 11.91 4.03
CA GLU A 395 -3.08 12.92 3.04
C GLU A 395 -3.89 14.06 3.64
N PHE A 396 -4.58 13.79 4.75
CA PHE A 396 -5.40 14.80 5.40
C PHE A 396 -4.68 15.68 6.40
N LYS A 397 -3.89 15.06 7.28
CA LYS A 397 -3.16 15.81 8.29
C LYS A 397 -2.58 17.12 7.79
N ALA A 398 -1.86 17.06 6.66
CA ALA A 398 -1.25 18.25 6.09
C ALA A 398 -2.27 19.37 5.90
N ASP A 399 -3.37 19.06 5.22
CA ASP A 399 -4.44 20.03 4.97
C ASP A 399 -5.11 20.48 6.27
N CYS A 400 -5.47 19.50 7.10
CA CYS A 400 -6.12 19.78 8.37
C CYS A 400 -5.47 20.95 9.09
N ALA A 401 -4.15 20.90 9.21
CA ALA A 401 -3.39 21.96 9.88
C ALA A 401 -3.79 23.32 9.32
N SER A 402 -3.42 23.57 8.07
CA SER A 402 -3.74 24.83 7.41
C SER A 402 -5.20 25.21 7.64
N GLY A 403 -6.08 24.23 7.48
CA GLY A 403 -7.50 24.46 7.67
C GLY A 403 -7.82 24.87 9.09
N ILE A 404 -7.24 24.15 10.05
CA ILE A 404 -7.46 24.44 11.46
C ILE A 404 -6.91 25.81 11.84
N PHE A 405 -5.79 26.19 11.24
CA PHE A 405 -5.19 27.49 11.53
C PHE A 405 -6.09 28.60 11.00
N LEU A 406 -6.58 28.42 9.77
CA LEU A 406 -7.47 29.39 9.15
C LEU A 406 -8.62 29.75 10.07
N ALA A 407 -9.17 28.75 10.74
CA ALA A 407 -10.28 28.96 11.67
C ALA A 407 -9.87 29.90 12.79
N ALA A 408 -8.80 29.55 13.49
CA ALA A 408 -8.29 30.36 14.60
C ALA A 408 -8.10 31.81 14.20
N GLU A 409 -7.91 32.05 12.90
CA GLU A 409 -7.71 33.40 12.39
C GLU A 409 -9.07 34.08 12.17
N LYS A 410 -9.89 33.46 11.34
CA LYS A 410 -11.21 33.99 11.01
C LYS A 410 -12.11 34.07 12.24
N TYR A 411 -11.59 33.68 13.40
CA TYR A 411 -12.34 33.71 14.66
C TYR A 411 -11.45 33.29 15.83
N ALA A 412 -11.56 34.02 16.95
CA ALA A 412 -10.77 33.71 18.13
C ALA A 412 -11.05 34.63 19.32
N PRO A 413 -11.18 34.05 20.52
CA PRO A 413 -11.45 34.80 21.76
C PRO A 413 -10.16 35.16 22.51
N SER A 414 -10.03 34.64 23.72
CA SER A 414 -8.85 34.90 24.55
C SER A 414 -7.56 34.60 23.80
N LYS A 415 -6.50 35.33 24.14
CA LYS A 415 -5.21 35.13 23.50
C LYS A 415 -4.56 33.86 24.05
N ARG A 416 -4.62 33.69 25.36
CA ARG A 416 -4.06 32.50 26.00
C ARG A 416 -4.55 31.26 25.26
N TRP A 417 -5.86 31.20 25.08
CA TRP A 417 -6.49 30.08 24.39
C TRP A 417 -6.10 30.07 22.92
N HIS A 418 -6.39 31.16 22.23
CA HIS A 418 -6.06 31.29 20.80
C HIS A 418 -4.65 30.79 20.55
N ILE A 419 -3.73 31.19 21.41
CA ILE A 419 -2.34 30.79 21.29
C ILE A 419 -2.17 29.33 21.69
N ASP A 420 -2.64 29.00 22.89
CA ASP A 420 -2.56 27.65 23.41
C ASP A 420 -3.03 26.65 22.38
N THR A 421 -4.05 27.03 21.61
CA THR A 421 -4.60 26.17 20.57
C THR A 421 -3.68 26.12 19.35
N ILE A 422 -3.31 27.29 18.84
CA ILE A 422 -2.42 27.36 17.68
C ILE A 422 -1.15 26.59 18.02
N MET A 423 -0.60 26.84 19.20
CA MET A 423 0.61 26.15 19.62
C MET A 423 0.31 24.65 19.62
N ARG A 424 -0.84 24.29 20.19
CA ARG A 424 -1.28 22.90 20.28
C ARG A 424 -1.22 22.20 18.92
N VAL A 425 -1.95 22.74 17.94
CA VAL A 425 -1.97 22.15 16.61
C VAL A 425 -0.56 21.98 16.05
N LEU A 426 0.33 22.92 16.35
CA LEU A 426 1.71 22.82 15.89
C LEU A 426 2.37 21.63 16.58
N THR A 427 2.05 21.47 17.86
CA THR A 427 2.60 20.40 18.68
C THR A 427 2.47 19.01 18.05
N THR A 428 1.30 18.72 17.49
CA THR A 428 1.06 17.42 16.88
C THR A 428 1.40 17.39 15.39
N ALA A 429 0.95 18.41 14.66
CA ALA A 429 1.21 18.49 13.23
C ALA A 429 2.62 18.99 12.98
N GLY A 430 2.80 20.30 13.05
CA GLY A 430 4.11 20.90 12.83
C GLY A 430 4.75 20.56 11.50
N SER A 431 5.34 19.36 11.42
CA SER A 431 6.01 18.92 10.20
C SER A 431 5.06 18.90 8.99
N TYR A 432 3.76 18.79 9.26
CA TYR A 432 2.78 18.77 8.19
C TYR A 432 2.30 20.17 7.82
N VAL A 433 2.65 21.15 8.64
CA VAL A 433 2.27 22.53 8.39
C VAL A 433 3.12 23.12 7.26
N ARG A 434 2.57 24.07 6.52
CA ARG A 434 3.30 24.69 5.42
C ARG A 434 4.56 25.42 5.87
N ASP A 435 4.81 26.59 5.32
CA ASP A 435 6.00 27.35 5.67
C ASP A 435 5.71 28.73 6.28
N ASP A 436 4.79 29.47 5.67
CA ASP A 436 4.46 30.80 6.15
C ASP A 436 4.01 30.80 7.61
N ALA A 437 3.90 29.61 8.19
CA ALA A 437 3.48 29.48 9.58
C ALA A 437 4.31 30.35 10.51
N VAL A 438 5.62 30.23 10.42
CA VAL A 438 6.52 31.00 11.26
C VAL A 438 6.11 32.48 11.35
N PRO A 439 6.07 33.19 10.21
CA PRO A 439 5.69 34.60 10.24
C PRO A 439 4.31 34.78 10.86
N ASN A 440 3.35 34.00 10.39
CA ASN A 440 1.97 34.06 10.86
C ASN A 440 1.87 34.01 12.39
N LEU A 441 2.32 32.92 12.99
CA LEU A 441 2.26 32.77 14.44
C LEU A 441 3.10 33.82 15.17
N ILE A 442 4.34 34.01 14.73
CA ILE A 442 5.22 34.98 15.35
C ILE A 442 4.51 36.32 15.56
N GLN A 443 3.85 36.80 14.52
CA GLN A 443 3.13 38.07 14.60
C GLN A 443 2.08 38.04 15.70
N LEU A 444 1.55 36.85 15.98
CA LEU A 444 0.54 36.69 17.02
C LEU A 444 1.19 36.90 18.39
N ILE A 445 2.13 36.03 18.71
CA ILE A 445 2.85 36.07 19.98
C ILE A 445 3.27 37.50 20.34
N THR A 446 3.92 38.19 19.40
CA THR A 446 4.37 39.56 19.63
C THR A 446 3.23 40.53 19.94
N ASN A 447 2.18 40.51 19.13
CA ASN A 447 1.05 41.40 19.35
C ASN A 447 0.49 41.25 20.76
N SER A 448 0.37 40.02 21.24
CA SER A 448 -0.12 39.76 22.59
C SER A 448 1.07 39.80 23.53
N VAL A 449 1.29 40.95 24.15
CA VAL A 449 2.41 41.17 25.06
C VAL A 449 2.34 40.49 26.43
N GLU A 450 1.42 39.54 26.60
CA GLU A 450 1.31 38.86 27.89
C GLU A 450 1.96 37.49 27.89
N MET A 451 1.33 36.56 27.17
CA MET A 451 1.82 35.18 27.09
C MET A 451 3.23 34.99 26.56
N HIS A 452 3.94 36.08 26.31
CA HIS A 452 5.31 35.99 25.81
C HIS A 452 6.06 34.86 26.50
N ALA A 453 6.23 34.99 27.80
CA ALA A 453 6.91 33.98 28.60
C ALA A 453 6.27 32.62 28.37
N TYR A 454 5.01 32.50 28.79
CA TYR A 454 4.26 31.26 28.64
C TYR A 454 4.54 30.59 27.30
N THR A 455 4.66 31.41 26.25
CA THR A 455 4.95 30.90 24.92
C THR A 455 6.34 30.27 24.90
N VAL A 456 7.36 31.10 25.06
CA VAL A 456 8.74 30.64 25.07
C VAL A 456 8.92 29.47 26.04
N GLN A 457 8.23 29.55 27.17
CA GLN A 457 8.32 28.49 28.18
C GLN A 457 7.87 27.16 27.60
N ARG A 458 6.58 27.09 27.23
CA ARG A 458 6.05 25.85 26.65
C ARG A 458 6.79 25.45 25.39
N LEU A 459 7.13 26.44 24.57
CA LEU A 459 7.86 26.16 23.34
C LEU A 459 9.12 25.39 23.69
N TYR A 460 9.91 25.95 24.61
CA TYR A 460 11.15 25.33 25.05
C TYR A 460 10.89 23.87 25.42
N LYS A 461 10.13 23.68 26.50
CA LYS A 461 9.77 22.35 26.99
C LYS A 461 9.53 21.37 25.85
N ALA A 462 8.63 21.75 24.95
CA ALA A 462 8.29 20.91 23.80
C ALA A 462 9.50 20.60 22.93
N ILE A 463 10.21 21.64 22.52
CA ILE A 463 11.38 21.48 21.66
C ILE A 463 12.49 20.67 22.34
N LEU A 464 12.52 20.70 23.66
CA LEU A 464 13.52 19.98 24.43
C LEU A 464 13.76 18.57 23.90
N GLY A 465 12.71 17.75 23.93
CA GLY A 465 12.82 16.38 23.44
C GLY A 465 12.27 16.21 22.04
N ASP A 466 11.86 17.32 21.44
CA ASP A 466 11.30 17.28 20.09
C ASP A 466 12.13 18.02 19.05
N TYR A 467 12.76 17.25 18.17
CA TYR A 467 13.57 17.80 17.09
C TYR A 467 12.80 17.52 15.81
N SER A 468 12.04 16.43 15.82
CA SER A 468 11.23 16.03 14.69
C SER A 468 10.14 17.06 14.44
N GLN A 469 10.50 18.10 13.69
CA GLN A 469 9.58 19.19 13.35
C GLN A 469 10.47 20.35 12.92
N GLN A 470 10.11 21.00 11.81
CA GLN A 470 10.91 22.12 11.35
C GLN A 470 10.18 23.45 11.50
N PRO A 471 8.98 23.58 10.90
CA PRO A 471 8.24 24.84 11.05
C PRO A 471 8.11 25.20 12.53
N LEU A 472 7.63 24.23 13.31
CA LEU A 472 7.44 24.40 14.74
C LEU A 472 8.73 24.86 15.42
N VAL A 473 9.72 23.97 15.47
CA VAL A 473 10.99 24.28 16.10
C VAL A 473 11.55 25.63 15.66
N GLN A 474 11.45 25.92 14.36
CA GLN A 474 11.94 27.19 13.84
C GLN A 474 11.25 28.34 14.57
N VAL A 475 9.93 28.25 14.69
CA VAL A 475 9.14 29.26 15.38
C VAL A 475 9.62 29.38 16.83
N ALA A 476 9.35 28.35 17.62
CA ALA A 476 9.75 28.32 19.02
C ALA A 476 11.16 28.86 19.20
N ALA A 477 12.07 28.41 18.36
CA ALA A 477 13.46 28.85 18.42
C ALA A 477 13.55 30.37 18.28
N TRP A 478 13.03 30.88 17.17
CA TRP A 478 13.04 32.31 16.91
C TRP A 478 12.67 33.12 18.15
N CYS A 479 11.54 32.76 18.75
CA CYS A 479 11.05 33.45 19.94
C CYS A 479 12.07 33.39 21.07
N ILE A 480 12.51 32.18 21.40
CA ILE A 480 13.50 31.97 22.45
C ILE A 480 14.68 32.91 22.27
N GLY A 481 15.05 33.16 21.03
CA GLY A 481 16.17 34.04 20.75
C GLY A 481 15.87 35.50 21.08
N GLU A 482 14.73 35.98 20.59
CA GLU A 482 14.32 37.37 20.83
C GLU A 482 13.67 37.55 22.19
N TYR A 483 13.24 36.45 22.80
CA TYR A 483 12.60 36.52 24.11
C TYR A 483 13.33 35.70 25.17
N GLY A 484 14.60 35.41 24.94
CA GLY A 484 15.36 34.65 25.92
C GLY A 484 15.20 35.27 27.30
N ASP A 485 15.01 36.58 27.32
CA ASP A 485 14.83 37.34 28.55
C ASP A 485 13.75 36.71 29.42
N LEU A 486 12.49 36.90 29.02
CA LEU A 486 11.35 36.38 29.75
C LEU A 486 11.44 34.88 30.04
N LEU A 487 12.26 34.18 29.26
CA LEU A 487 12.45 32.75 29.44
C LEU A 487 13.22 32.47 30.72
N VAL A 488 13.86 33.50 31.26
CA VAL A 488 14.65 33.38 32.48
C VAL A 488 13.82 33.51 33.75
N SER A 489 13.18 32.42 34.16
CA SER A 489 12.35 32.37 35.36
C SER A 489 11.75 33.72 35.75
N GLY A 490 11.15 34.40 34.79
CA GLY A 490 10.55 35.70 35.08
C GLY A 490 9.26 35.55 35.86
N GLN A 491 8.53 36.65 36.03
CA GLN A 491 7.27 36.62 36.76
C GLN A 491 6.14 36.32 35.79
N CYS A 492 6.27 35.22 35.05
CA CYS A 492 5.26 34.83 34.08
C CYS A 492 3.88 34.68 34.70
N GLU A 493 2.95 35.52 34.26
CA GLU A 493 1.58 35.49 34.77
C GLU A 493 0.87 34.30 34.13
N GLU A 494 -0.40 34.12 34.45
CA GLU A 494 -1.21 33.04 33.88
C GLU A 494 -0.79 31.67 34.43
N GLU A 495 0.40 31.21 34.05
CA GLU A 495 0.88 29.90 34.50
C GLU A 495 2.33 29.95 35.00
N GLU A 496 2.57 29.27 36.12
CA GLU A 496 3.87 29.22 36.77
C GLU A 496 5.08 28.87 35.90
N PRO A 497 6.18 29.64 36.02
CA PRO A 497 7.43 29.45 35.27
C PRO A 497 8.20 28.23 35.79
N ILE A 498 9.33 27.93 35.17
CA ILE A 498 10.13 26.78 35.57
C ILE A 498 11.63 27.07 35.53
N GLN A 499 12.43 26.02 35.70
CA GLN A 499 13.89 26.14 35.68
C GLN A 499 14.35 26.47 34.27
N VAL A 500 15.33 27.36 34.16
CA VAL A 500 15.85 27.76 32.85
C VAL A 500 17.31 28.24 32.92
N THR A 501 18.22 27.32 33.19
CA THR A 501 19.64 27.68 33.25
C THR A 501 20.06 28.05 31.84
N GLU A 502 20.90 29.06 31.71
CA GLU A 502 21.37 29.50 30.40
C GLU A 502 21.94 28.33 29.61
N ASP A 503 22.68 27.46 30.28
CA ASP A 503 23.27 26.29 29.64
C ASP A 503 22.18 25.48 28.92
N GLU A 504 21.08 25.22 29.60
CA GLU A 504 19.98 24.46 29.02
C GLU A 504 19.59 25.05 27.67
N VAL A 505 19.10 26.28 27.70
CA VAL A 505 18.68 26.98 26.48
C VAL A 505 19.66 26.73 25.35
N LEU A 506 20.94 26.94 25.61
CA LEU A 506 21.98 26.74 24.61
C LEU A 506 22.12 25.29 24.21
N ASP A 507 22.36 24.41 25.17
CA ASP A 507 22.52 22.99 24.90
C ASP A 507 21.54 22.52 23.84
N ILE A 508 20.27 22.88 24.00
CA ILE A 508 19.23 22.50 23.04
C ILE A 508 19.60 23.04 21.66
N LEU A 509 19.71 24.36 21.57
CA LEU A 509 20.06 25.03 20.32
C LEU A 509 21.27 24.37 19.67
N GLU A 510 22.31 24.13 20.46
CA GLU A 510 23.53 23.51 19.96
C GLU A 510 23.17 22.29 19.10
N SER A 511 22.70 21.24 19.76
CA SER A 511 22.33 20.01 19.07
C SER A 511 21.32 20.24 17.95
N VAL A 512 20.68 21.40 17.94
CA VAL A 512 19.70 21.70 16.89
C VAL A 512 20.36 21.76 15.52
N LEU A 513 21.07 22.85 15.25
CA LEU A 513 21.74 23.01 13.96
C LEU A 513 22.72 21.88 13.73
N ILE A 514 23.20 21.29 14.82
CA ILE A 514 24.16 20.19 14.75
C ILE A 514 23.52 18.86 14.34
N SER A 515 22.45 18.48 15.03
CA SER A 515 21.76 17.23 14.72
C SER A 515 21.27 17.21 13.27
N ASN A 516 21.71 16.20 12.52
CA ASN A 516 21.31 16.07 11.13
C ASN A 516 19.81 15.85 10.95
N MET A 517 19.05 16.93 11.06
CA MET A 517 17.60 16.90 10.90
C MET A 517 17.12 18.25 10.40
N SER A 518 17.60 19.31 11.04
CA SER A 518 17.22 20.66 10.69
C SER A 518 17.67 20.99 9.27
N THR A 519 16.81 21.68 8.52
CA THR A 519 17.10 22.07 7.15
C THR A 519 17.88 23.38 7.13
N SER A 520 18.49 23.69 5.99
CA SER A 520 19.27 24.93 5.85
C SER A 520 18.54 26.10 6.51
N VAL A 521 17.34 26.39 6.03
CA VAL A 521 16.54 27.47 6.58
C VAL A 521 16.32 27.29 8.07
N THR A 522 16.09 26.04 8.48
CA THR A 522 15.86 25.72 9.88
C THR A 522 17.05 26.19 10.71
N ARG A 523 18.22 25.61 10.43
CA ARG A 523 19.44 25.96 11.14
C ARG A 523 19.67 27.46 11.09
N GLY A 524 19.11 28.10 10.06
CA GLY A 524 19.26 29.54 9.92
C GLY A 524 18.73 30.26 11.15
N TYR A 525 17.43 30.12 11.40
CA TYR A 525 16.80 30.74 12.55
C TYR A 525 17.71 30.62 13.78
N ALA A 526 18.08 29.38 14.09
CA ALA A 526 18.93 29.10 15.23
C ALA A 526 20.18 29.98 15.26
N LEU A 527 20.97 29.93 14.19
CA LEU A 527 22.18 30.73 14.11
C LEU A 527 21.94 32.15 14.62
N THR A 528 21.10 32.89 13.89
CA THR A 528 20.78 34.26 14.26
C THR A 528 20.24 34.30 15.69
N ALA A 529 19.19 33.51 15.94
CA ALA A 529 18.56 33.43 17.25
C ALA A 529 19.58 33.24 18.37
N ILE A 530 20.35 32.15 18.29
CA ILE A 530 21.36 31.84 19.30
C ILE A 530 22.25 33.04 19.57
N MET A 531 22.90 33.53 18.52
CA MET A 531 23.79 34.67 18.64
C MET A 531 23.15 35.83 19.38
N LYS A 532 21.94 36.22 18.96
CA LYS A 532 21.24 37.32 19.60
C LYS A 532 21.12 37.14 21.11
N LEU A 533 21.11 35.89 21.57
CA LEU A 533 21.02 35.60 23.00
C LEU A 533 22.16 36.27 23.74
N SER A 534 23.25 36.52 23.03
CA SER A 534 24.42 37.16 23.62
C SER A 534 24.03 38.44 24.34
N THR A 535 22.99 39.10 23.82
CA THR A 535 22.51 40.34 24.42
C THR A 535 21.28 40.09 25.29
N ARG A 536 20.78 38.85 25.27
CA ARG A 536 19.61 38.48 26.05
C ARG A 536 19.92 37.48 27.17
N PHE A 537 21.19 37.37 27.56
CA PHE A 537 21.56 36.45 28.63
C PHE A 537 22.58 37.04 29.60
N THR A 538 22.81 36.33 30.70
CA THR A 538 23.72 36.82 31.74
C THR A 538 25.21 36.47 31.69
N CYS A 539 25.55 35.20 31.78
CA CYS A 539 26.97 34.83 31.80
C CYS A 539 27.53 33.88 30.74
N THR A 540 26.70 32.96 30.24
CA THR A 540 27.17 32.01 29.24
C THR A 540 27.54 32.69 27.92
N VAL A 541 27.67 34.00 27.97
CA VAL A 541 28.02 34.81 26.80
C VAL A 541 29.26 34.25 26.08
N ASN A 542 30.15 33.65 26.84
CA ASN A 542 31.37 33.08 26.29
C ASN A 542 31.10 31.87 25.40
N ARG A 543 30.37 30.90 25.93
CA ARG A 543 30.03 29.69 25.20
C ARG A 543 29.52 30.05 23.80
N ILE A 544 28.69 31.08 23.74
CA ILE A 544 28.12 31.55 22.48
C ILE A 544 29.23 31.82 21.46
N LYS A 545 30.05 32.82 21.76
CA LYS A 545 31.15 33.22 20.89
C LYS A 545 31.87 32.01 20.31
N LYS A 546 32.28 31.10 21.18
CA LYS A 546 33.00 29.90 20.77
C LYS A 546 32.22 29.15 19.69
N VAL A 547 31.06 28.62 20.06
CA VAL A 547 30.21 27.87 19.14
C VAL A 547 30.05 28.60 17.81
N VAL A 548 29.78 29.90 17.88
CA VAL A 548 29.59 30.72 16.70
C VAL A 548 30.79 30.63 15.74
N SER A 549 31.96 31.01 16.25
CA SER A 549 33.18 30.98 15.44
C SER A 549 33.48 29.58 14.90
N ILE A 550 32.91 28.57 15.55
CA ILE A 550 33.12 27.19 15.13
C ILE A 550 32.45 26.91 13.78
N TYR A 551 31.13 27.11 13.72
CA TYR A 551 30.39 26.88 12.49
C TYR A 551 30.70 27.92 11.43
N GLY A 552 31.77 28.67 11.63
CA GLY A 552 32.15 29.69 10.67
C GLY A 552 32.70 29.03 9.42
N SER A 553 32.63 27.71 9.38
CA SER A 553 33.11 26.93 8.25
C SER A 553 32.48 25.55 8.22
N SER A 554 31.15 25.51 8.22
CA SER A 554 30.41 24.26 8.21
C SER A 554 30.13 23.83 6.77
N ILE A 555 29.22 22.87 6.61
CA ILE A 555 28.87 22.38 5.27
C ILE A 555 27.97 23.38 4.56
N ASP A 556 27.11 24.03 5.32
CA ASP A 556 26.18 25.01 4.74
C ASP A 556 26.91 26.28 4.31
N VAL A 557 26.47 26.84 3.19
CA VAL A 557 27.06 28.07 2.65
C VAL A 557 26.55 29.29 3.40
N GLU A 558 25.23 29.42 3.49
CA GLU A 558 24.60 30.55 4.18
C GLU A 558 24.92 30.55 5.67
N LEU A 559 24.84 29.37 6.30
CA LEU A 559 25.13 29.26 7.71
C LEU A 559 26.59 29.65 7.98
N GLN A 560 27.47 29.22 7.08
CA GLN A 560 28.88 29.55 7.20
C GLN A 560 29.01 31.05 6.94
N GLN A 561 28.31 31.51 5.91
CA GLN A 561 28.29 32.91 5.52
C GLN A 561 27.97 33.75 6.74
N ARG A 562 26.78 33.53 7.30
CA ARG A 562 26.33 34.23 8.48
C ARG A 562 27.32 34.05 9.62
N ALA A 563 27.62 32.78 9.92
CA ALA A 563 28.55 32.44 10.99
C ALA A 563 29.74 33.40 11.01
N VAL A 564 30.43 33.50 9.87
CA VAL A 564 31.58 34.38 9.76
C VAL A 564 31.19 35.80 10.16
N GLU A 565 30.09 36.29 9.61
CA GLU A 565 29.60 37.62 9.91
C GLU A 565 29.46 37.76 11.42
N TYR A 566 28.50 37.02 11.99
CA TYR A 566 28.26 37.04 13.43
C TYR A 566 29.57 36.87 14.19
N ASN A 567 30.46 36.05 13.64
CA ASN A 567 31.77 35.79 14.25
C ASN A 567 32.59 37.07 14.26
N ALA A 568 32.78 37.64 13.08
CA ALA A 568 33.56 38.87 12.91
C ALA A 568 33.10 39.97 13.86
N LEU A 569 31.90 39.81 14.41
CA LEU A 569 31.34 40.80 15.33
C LEU A 569 31.93 40.56 16.72
N PHE A 570 31.66 39.37 17.27
CA PHE A 570 32.16 38.99 18.59
C PHE A 570 33.63 39.35 18.74
N LYS A 571 34.47 38.61 18.02
CA LYS A 571 35.92 38.79 18.03
C LYS A 571 36.39 40.24 18.01
N LYS A 572 35.62 41.13 17.38
CA LYS A 572 36.03 42.52 17.30
C LYS A 572 35.15 43.56 17.99
N TYR A 573 34.14 44.06 17.27
CA TYR A 573 33.25 45.08 17.81
C TYR A 573 32.14 44.48 18.67
N ASP A 574 32.51 43.91 19.82
CA ASP A 574 31.53 43.31 20.72
C ASP A 574 30.31 44.20 20.93
N HIS A 575 30.41 45.08 21.94
CA HIS A 575 29.35 46.01 22.31
C HIS A 575 28.39 46.42 21.20
N MET A 576 28.88 46.55 19.96
CA MET A 576 28.02 46.94 18.86
C MET A 576 26.74 46.11 18.86
N ARG A 577 26.87 44.83 19.21
CA ARG A 577 25.74 43.92 19.28
C ARG A 577 24.65 44.49 20.19
N SER A 578 25.00 44.64 21.47
CA SER A 578 24.08 45.18 22.48
C SER A 578 23.13 46.23 21.88
N ALA A 579 23.70 47.14 21.10
CA ALA A 579 22.92 48.19 20.47
C ALA A 579 22.16 47.65 19.25
N LEU A 580 22.91 47.17 18.28
CA LEU A 580 22.34 46.62 17.03
C LEU A 580 21.61 45.30 17.20
N LEU A 581 21.18 44.97 18.42
CA LEU A 581 20.47 43.72 18.65
C LEU A 581 19.19 43.87 19.46
N GLU A 582 19.32 44.28 20.71
CA GLU A 582 18.19 44.46 21.63
C GLU A 582 16.91 44.94 20.96
N ARG A 583 17.04 45.75 19.90
CA ARG A 583 15.88 46.30 19.19
C ARG A 583 15.15 45.26 18.33
N MET A 584 13.82 45.30 18.37
CA MET A 584 12.99 44.39 17.60
C MET A 584 11.76 45.11 17.05
N PRO A 585 11.77 45.49 15.76
CA PRO A 585 10.62 46.19 15.18
C PRO A 585 9.37 45.32 15.17
N LYS B 14 -28.84 -11.10 -4.67
CA LYS B 14 -30.03 -11.93 -4.29
C LYS B 14 -29.96 -12.31 -2.82
N GLY B 15 -29.45 -11.40 -2.00
CA GLY B 15 -29.33 -11.68 -0.57
C GLY B 15 -28.42 -12.87 -0.30
N GLU B 16 -27.69 -13.28 -1.32
CA GLU B 16 -26.79 -14.42 -1.21
C GLU B 16 -25.70 -14.16 -0.16
N ILE B 17 -26.12 -14.14 1.10
CA ILE B 17 -25.21 -13.92 2.22
C ILE B 17 -25.71 -14.77 3.38
N PHE B 18 -27.02 -14.68 3.64
CA PHE B 18 -27.63 -15.46 4.70
C PHE B 18 -27.86 -16.88 4.23
N GLU B 19 -27.92 -17.05 2.91
CA GLU B 19 -28.11 -18.37 2.30
C GLU B 19 -26.95 -19.24 2.76
N LEU B 20 -25.74 -18.75 2.52
CA LEU B 20 -24.54 -19.46 2.93
C LEU B 20 -24.59 -19.60 4.44
N LYS B 21 -24.84 -18.49 5.12
CA LYS B 21 -24.93 -18.46 6.58
C LYS B 21 -25.71 -19.65 7.10
N ALA B 22 -26.84 -19.93 6.47
CA ALA B 22 -27.69 -21.04 6.87
C ALA B 22 -26.92 -22.35 6.96
N GLU B 23 -26.40 -22.83 5.83
CA GLU B 23 -25.66 -24.08 5.81
C GLU B 23 -24.40 -24.00 6.67
N LEU B 24 -23.90 -22.79 6.89
CA LEU B 24 -22.70 -22.61 7.71
C LEU B 24 -22.97 -23.19 9.10
N ASN B 25 -24.26 -23.41 9.39
CA ASN B 25 -24.68 -23.95 10.67
C ASN B 25 -25.68 -25.07 10.43
N SER B 26 -25.17 -26.24 10.04
CA SER B 26 -26.01 -27.40 9.78
C SER B 26 -26.00 -28.35 10.97
N ASP B 27 -26.60 -29.53 10.78
CA ASP B 27 -26.67 -30.53 11.84
C ASP B 27 -25.35 -31.29 11.95
N LYS B 28 -25.05 -32.13 10.96
CA LYS B 28 -23.82 -32.91 10.97
C LYS B 28 -22.61 -32.01 10.74
N LYS B 29 -21.47 -32.60 10.41
CA LYS B 29 -20.25 -31.81 10.19
C LYS B 29 -19.77 -31.78 8.74
N GLU B 30 -20.48 -32.46 7.85
CA GLU B 30 -20.08 -32.48 6.44
C GLU B 30 -20.41 -31.14 5.78
N LYS B 31 -21.70 -30.92 5.57
CA LYS B 31 -22.20 -29.69 4.96
C LYS B 31 -21.57 -28.47 5.62
N LYS B 32 -21.40 -28.56 6.94
CA LYS B 32 -20.79 -27.48 7.73
C LYS B 32 -19.32 -27.31 7.36
N LYS B 33 -18.59 -28.41 7.36
CA LYS B 33 -17.18 -28.39 7.04
C LYS B 33 -16.94 -27.76 5.67
N GLU B 34 -17.66 -28.24 4.65
CA GLU B 34 -17.51 -27.69 3.31
C GLU B 34 -17.77 -26.19 3.38
N ALA B 35 -18.78 -25.82 4.17
CA ALA B 35 -19.15 -24.43 4.35
C ALA B 35 -17.97 -23.63 4.89
N VAL B 36 -17.33 -24.17 5.93
CA VAL B 36 -16.18 -23.52 6.55
C VAL B 36 -15.15 -23.19 5.47
N LYS B 37 -15.06 -24.05 4.46
CA LYS B 37 -14.12 -23.85 3.37
C LYS B 37 -14.57 -22.61 2.59
N LYS B 38 -15.86 -22.56 2.26
CA LYS B 38 -16.41 -21.43 1.53
C LYS B 38 -16.22 -20.16 2.34
N VAL B 39 -16.18 -20.30 3.66
CA VAL B 39 -16.01 -19.16 4.55
C VAL B 39 -14.69 -18.43 4.28
N ILE B 40 -13.62 -18.90 4.91
CA ILE B 40 -12.30 -18.29 4.73
C ILE B 40 -12.03 -18.02 3.26
N ALA B 41 -12.59 -18.86 2.40
CA ALA B 41 -12.42 -18.71 0.96
C ALA B 41 -12.88 -17.32 0.54
N SER B 42 -14.17 -17.07 0.66
CA SER B 42 -14.73 -15.76 0.29
C SER B 42 -14.42 -14.73 1.38
N MET B 43 -13.63 -15.13 2.36
CA MET B 43 -13.24 -14.25 3.45
C MET B 43 -12.05 -13.39 3.04
N THR B 44 -11.03 -14.04 2.50
CA THR B 44 -9.83 -13.36 2.07
C THR B 44 -9.94 -12.73 0.68
N VAL B 45 -10.99 -13.09 -0.05
CA VAL B 45 -11.19 -12.55 -1.39
C VAL B 45 -11.83 -11.17 -1.35
N GLY B 46 -12.37 -10.80 -0.18
CA GLY B 46 -12.99 -9.50 -0.04
C GLY B 46 -14.08 -9.45 1.00
N LYS B 47 -15.24 -10.03 0.68
CA LYS B 47 -16.40 -10.06 1.57
C LYS B 47 -16.04 -10.26 3.05
N ASP B 48 -16.58 -9.39 3.90
CA ASP B 48 -16.34 -9.49 5.35
C ASP B 48 -17.42 -10.39 5.95
N VAL B 49 -17.02 -11.53 6.48
CA VAL B 49 -17.97 -12.47 7.06
C VAL B 49 -18.03 -12.46 8.57
N SER B 50 -17.96 -11.27 9.16
CA SER B 50 -18.00 -11.14 10.60
C SER B 50 -19.37 -11.51 11.16
N ALA B 51 -20.35 -11.63 10.27
CA ALA B 51 -21.71 -11.97 10.66
C ALA B 51 -21.86 -13.48 10.89
N LEU B 52 -20.81 -14.22 10.57
CA LEU B 52 -20.80 -15.67 10.74
C LEU B 52 -20.03 -16.07 11.99
N PHE B 53 -19.38 -15.09 12.60
CA PHE B 53 -18.57 -15.31 13.79
C PHE B 53 -19.10 -16.36 14.77
N PRO B 54 -20.39 -16.25 15.18
CA PRO B 54 -20.94 -17.22 16.11
C PRO B 54 -20.95 -18.67 15.61
N ASP B 55 -21.51 -18.87 14.42
CA ASP B 55 -21.62 -20.20 13.82
C ASP B 55 -20.26 -20.80 13.43
N VAL B 56 -19.21 -19.98 13.41
CA VAL B 56 -17.89 -20.45 13.03
C VAL B 56 -17.08 -20.93 14.23
N VAL B 57 -17.00 -20.09 15.26
CA VAL B 57 -16.26 -20.44 16.47
C VAL B 57 -16.92 -21.64 17.12
N ASN B 58 -18.20 -21.85 16.80
CA ASN B 58 -18.96 -22.96 17.34
C ASN B 58 -18.46 -24.28 16.75
N CYS B 59 -18.16 -24.25 15.46
CA CYS B 59 -17.65 -25.43 14.76
C CYS B 59 -16.19 -25.63 15.11
N MET B 60 -15.55 -24.54 15.54
CA MET B 60 -14.15 -24.57 15.93
C MET B 60 -13.88 -25.77 16.84
N GLN B 61 -14.75 -25.97 17.81
CA GLN B 61 -14.59 -27.08 18.74
C GLN B 61 -15.02 -28.39 18.11
N THR B 62 -14.30 -28.79 17.07
CA THR B 62 -14.56 -30.02 16.35
C THR B 62 -13.40 -30.97 16.62
N ASP B 63 -13.27 -31.98 15.78
CA ASP B 63 -12.19 -32.94 15.90
C ASP B 63 -11.43 -33.05 14.59
N ASN B 64 -11.84 -32.22 13.62
CA ASN B 64 -11.20 -32.19 12.31
C ASN B 64 -9.75 -31.75 12.48
N LEU B 65 -9.06 -31.52 11.38
CA LEU B 65 -7.67 -31.09 11.42
C LEU B 65 -7.49 -29.74 10.76
N GLU B 66 -7.53 -29.70 9.43
CA GLU B 66 -7.38 -28.43 8.73
C GLU B 66 -8.38 -27.44 9.28
N LEU B 67 -9.66 -27.80 9.20
CA LEU B 67 -10.74 -26.97 9.71
C LEU B 67 -10.39 -26.42 11.09
N LYS B 68 -9.85 -27.28 11.96
CA LYS B 68 -9.47 -26.89 13.32
C LYS B 68 -8.64 -25.61 13.29
N LYS B 69 -7.43 -25.71 12.74
CA LYS B 69 -6.52 -24.58 12.64
C LYS B 69 -7.15 -23.49 11.78
N LEU B 70 -7.94 -23.89 10.80
CA LEU B 70 -8.61 -22.96 9.92
C LEU B 70 -9.52 -22.01 10.70
N VAL B 71 -10.52 -22.54 11.38
CA VAL B 71 -11.42 -21.71 12.17
C VAL B 71 -10.55 -20.84 13.07
N TYR B 72 -9.51 -21.45 13.62
CA TYR B 72 -8.57 -20.75 14.49
C TYR B 72 -8.03 -19.53 13.76
N LEU B 73 -7.73 -19.69 12.48
CA LEU B 73 -7.21 -18.59 11.65
C LEU B 73 -8.27 -17.49 11.60
N TYR B 74 -9.50 -17.90 11.30
CA TYR B 74 -10.63 -17.00 11.22
C TYR B 74 -10.81 -16.23 12.53
N LEU B 75 -10.72 -16.96 13.64
CA LEU B 75 -10.87 -16.37 14.96
C LEU B 75 -9.90 -15.22 15.25
N MET B 76 -8.63 -15.43 14.92
CA MET B 76 -7.60 -14.41 15.16
C MET B 76 -7.98 -13.12 14.44
N ASN B 77 -8.28 -13.25 13.15
CA ASN B 77 -8.63 -12.13 12.31
C ASN B 77 -9.99 -11.49 12.57
N TYR B 78 -10.96 -12.28 13.04
CA TYR B 78 -12.30 -11.76 13.29
C TYR B 78 -12.67 -11.51 14.75
N ALA B 79 -11.76 -11.81 15.68
CA ALA B 79 -12.04 -11.59 17.09
C ALA B 79 -12.06 -10.10 17.42
N LYS B 80 -11.13 -9.37 16.82
CA LYS B 80 -11.01 -7.93 17.02
C LYS B 80 -12.34 -7.19 17.04
N SER B 81 -13.08 -7.27 15.93
CA SER B 81 -14.36 -6.58 15.81
C SER B 81 -15.42 -7.06 16.79
N GLN B 82 -15.30 -8.31 17.24
CA GLN B 82 -16.29 -8.85 18.17
C GLN B 82 -15.69 -9.46 19.45
N PRO B 83 -15.20 -8.61 20.35
CA PRO B 83 -14.61 -9.10 21.61
C PRO B 83 -15.64 -9.82 22.48
N ASP B 84 -16.86 -9.30 22.49
CA ASP B 84 -17.94 -9.88 23.28
C ASP B 84 -18.10 -11.37 23.04
N MET B 85 -18.53 -11.73 21.83
CA MET B 85 -18.75 -13.13 21.48
C MET B 85 -17.42 -13.87 21.30
N ALA B 86 -16.32 -13.14 21.31
CA ALA B 86 -15.00 -13.75 21.17
C ALA B 86 -14.80 -14.75 22.30
N ILE B 87 -15.38 -14.43 23.45
CA ILE B 87 -15.28 -15.28 24.63
C ILE B 87 -15.75 -16.70 24.34
N MET B 88 -16.33 -16.92 23.16
CA MET B 88 -16.81 -18.25 22.78
C MET B 88 -15.72 -19.31 22.85
N ALA B 89 -14.57 -19.01 22.25
CA ALA B 89 -13.45 -19.95 22.26
C ALA B 89 -12.99 -20.26 23.67
N VAL B 90 -12.33 -19.28 24.30
CA VAL B 90 -11.81 -19.39 25.66
C VAL B 90 -11.47 -20.81 26.12
N ASN B 91 -12.42 -21.48 26.77
CA ASN B 91 -12.20 -22.83 27.29
C ASN B 91 -11.65 -23.78 26.23
N THR B 92 -12.08 -23.61 24.98
CA THR B 92 -11.60 -24.45 23.90
C THR B 92 -10.07 -24.43 23.92
N PHE B 93 -9.49 -23.27 23.61
CA PHE B 93 -8.04 -23.11 23.59
C PHE B 93 -7.43 -23.55 24.92
N VAL B 94 -8.04 -23.11 26.02
CA VAL B 94 -7.55 -23.46 27.36
C VAL B 94 -7.22 -24.95 27.46
N LYS B 95 -8.21 -25.80 27.17
CA LYS B 95 -7.99 -27.24 27.23
C LYS B 95 -7.28 -27.76 25.99
N ASP B 96 -7.32 -26.97 24.91
CA ASP B 96 -6.67 -27.35 23.67
C ASP B 96 -5.17 -27.45 23.90
N CYS B 97 -4.66 -26.62 24.81
CA CYS B 97 -3.23 -26.63 25.13
C CYS B 97 -2.90 -27.82 26.01
N GLU B 98 -3.94 -28.47 26.55
CA GLU B 98 -3.76 -29.64 27.40
C GLU B 98 -3.96 -30.91 26.58
N ASP B 99 -3.84 -30.78 25.27
CA ASP B 99 -4.01 -31.90 24.35
C ASP B 99 -2.76 -32.79 24.35
N PRO B 100 -2.76 -33.87 23.55
CA PRO B 100 -1.62 -34.78 23.49
C PRO B 100 -0.49 -34.23 22.61
N ASN B 101 -0.47 -34.66 21.34
CA ASN B 101 0.55 -34.24 20.38
C ASN B 101 1.00 -32.80 20.60
N PRO B 102 2.32 -32.58 20.70
CA PRO B 102 2.92 -31.26 20.91
C PRO B 102 2.48 -30.20 19.91
N LEU B 103 2.18 -30.63 18.70
CA LEU B 103 1.75 -29.74 17.62
C LEU B 103 0.62 -28.80 18.02
N ILE B 104 -0.41 -29.36 18.63
CA ILE B 104 -1.59 -28.58 19.04
C ILE B 104 -1.32 -27.57 20.14
N ARG B 105 -0.89 -28.03 21.31
CA ARG B 105 -0.61 -27.14 22.44
C ARG B 105 0.03 -25.84 21.95
N ALA B 106 1.07 -25.99 21.13
CA ALA B 106 1.79 -24.84 20.59
C ALA B 106 0.90 -23.98 19.69
N LEU B 107 0.37 -24.60 18.64
CA LEU B 107 -0.50 -23.90 17.70
C LEU B 107 -1.62 -23.26 18.50
N ALA B 108 -2.12 -24.00 19.49
CA ALA B 108 -3.20 -23.51 20.33
C ALA B 108 -2.83 -22.18 20.95
N VAL B 109 -1.58 -22.08 21.40
CA VAL B 109 -1.10 -20.85 22.03
C VAL B 109 -0.91 -19.73 21.01
N ARG B 110 -0.15 -19.99 19.95
CA ARG B 110 0.11 -18.97 18.94
C ARG B 110 -1.18 -18.35 18.41
N THR B 111 -2.24 -19.15 18.30
CA THR B 111 -3.52 -18.66 17.81
C THR B 111 -4.21 -17.88 18.92
N MET B 112 -4.12 -18.42 20.12
CA MET B 112 -4.70 -17.82 21.32
C MET B 112 -4.31 -16.36 21.51
N GLY B 113 -3.01 -16.13 21.66
CA GLY B 113 -2.51 -14.78 21.86
C GLY B 113 -2.63 -13.86 20.66
N CYS B 114 -2.98 -14.42 19.51
CA CYS B 114 -3.10 -13.62 18.31
C CYS B 114 -4.34 -12.72 18.37
N ILE B 115 -5.00 -12.72 19.53
CA ILE B 115 -6.19 -11.92 19.75
C ILE B 115 -5.93 -10.99 20.93
N ARG B 116 -6.38 -9.74 20.83
CA ARG B 116 -6.16 -8.76 21.88
C ARG B 116 -7.41 -8.32 22.64
N VAL B 117 -8.44 -9.16 22.63
CA VAL B 117 -9.67 -8.81 23.35
C VAL B 117 -9.35 -8.60 24.82
N ASP B 118 -9.53 -7.37 25.28
CA ASP B 118 -9.27 -6.97 26.66
C ASP B 118 -9.43 -8.05 27.74
N LYS B 119 -10.44 -8.90 27.58
CA LYS B 119 -10.69 -9.95 28.57
C LYS B 119 -10.01 -11.30 28.33
N ILE B 120 -9.59 -11.57 27.09
CA ILE B 120 -8.92 -12.83 26.81
C ILE B 120 -7.72 -12.97 27.73
N THR B 121 -7.20 -11.83 28.16
CA THR B 121 -6.05 -11.78 29.06
C THR B 121 -6.25 -12.66 30.29
N GLU B 122 -7.18 -12.26 31.14
CA GLU B 122 -7.48 -12.99 32.37
C GLU B 122 -7.75 -14.48 32.14
N TYR B 123 -8.26 -14.82 30.96
CA TYR B 123 -8.53 -16.22 30.68
C TYR B 123 -7.31 -16.99 30.20
N LEU B 124 -6.28 -16.27 29.80
CA LEU B 124 -5.05 -16.90 29.35
C LEU B 124 -4.12 -17.06 30.55
N CYS B 125 -4.55 -16.53 31.70
CA CYS B 125 -3.78 -16.59 32.93
C CYS B 125 -3.18 -17.97 33.18
N GLU B 126 -4.03 -18.99 33.31
CA GLU B 126 -3.57 -20.35 33.55
C GLU B 126 -2.98 -21.00 32.30
N PRO B 127 -3.67 -20.86 31.15
CA PRO B 127 -3.17 -21.46 29.91
C PRO B 127 -1.66 -21.29 29.71
N LEU B 128 -1.26 -20.11 29.26
CA LEU B 128 0.15 -19.82 29.03
C LEU B 128 1.00 -20.27 30.21
N ARG B 129 0.45 -20.15 31.41
CA ARG B 129 1.16 -20.55 32.63
C ARG B 129 1.59 -22.02 32.56
N LYS B 130 0.60 -22.90 32.43
CA LYS B 130 0.88 -24.33 32.36
C LYS B 130 1.41 -24.67 30.96
N CYS B 131 1.37 -23.68 30.06
CA CYS B 131 1.85 -23.88 28.70
C CYS B 131 3.38 -23.84 28.66
N LEU B 132 3.96 -22.92 29.42
CA LEU B 132 5.42 -22.79 29.47
C LEU B 132 5.97 -24.13 29.92
N LYS B 133 5.35 -24.69 30.96
CA LYS B 133 5.75 -25.98 31.50
C LYS B 133 5.38 -27.03 30.47
N ASP B 134 6.37 -27.56 29.78
CA ASP B 134 6.12 -28.56 28.75
C ASP B 134 7.38 -29.35 28.42
N GLU B 135 7.26 -30.67 28.39
CA GLU B 135 8.40 -31.54 28.09
C GLU B 135 8.89 -31.31 26.66
N ASP B 136 7.98 -30.83 25.82
CA ASP B 136 8.30 -30.54 24.42
C ASP B 136 8.69 -29.08 24.23
N PRO B 137 9.88 -28.83 23.65
CA PRO B 137 10.38 -27.47 23.40
C PRO B 137 9.46 -26.62 22.52
N TYR B 138 8.92 -27.22 21.46
CA TYR B 138 8.04 -26.51 20.54
C TYR B 138 6.98 -25.71 21.28
N VAL B 139 6.36 -26.34 22.29
CA VAL B 139 5.32 -25.67 23.07
C VAL B 139 5.91 -24.49 23.84
N ARG B 140 7.05 -24.72 24.47
CA ARG B 140 7.73 -23.68 25.24
C ARG B 140 8.07 -22.53 24.30
N LYS B 141 8.59 -22.90 23.14
CA LYS B 141 8.96 -21.95 22.09
C LYS B 141 7.82 -20.96 21.87
N THR B 142 6.71 -21.47 21.36
CA THR B 142 5.53 -20.66 21.08
C THR B 142 5.11 -19.87 22.31
N ALA B 143 5.10 -20.55 23.47
CA ALA B 143 4.72 -19.93 24.73
C ALA B 143 5.42 -18.59 24.92
N ALA B 144 6.74 -18.63 25.04
CA ALA B 144 7.54 -17.42 25.24
C ALA B 144 7.10 -16.30 24.29
N VAL B 145 6.80 -16.67 23.05
CA VAL B 145 6.37 -15.70 22.05
C VAL B 145 5.09 -15.00 22.49
N CYS B 146 4.05 -15.78 22.77
CA CYS B 146 2.78 -15.22 23.21
C CYS B 146 2.95 -14.38 24.48
N VAL B 147 3.97 -14.69 25.27
CA VAL B 147 4.22 -13.95 26.50
C VAL B 147 4.57 -12.52 26.13
N ALA B 148 5.68 -12.36 25.40
CA ALA B 148 6.11 -11.04 24.96
C ALA B 148 4.94 -10.44 24.17
N LYS B 149 4.35 -11.28 23.33
CA LYS B 149 3.21 -10.88 22.49
C LYS B 149 2.13 -10.18 23.31
N LEU B 150 1.92 -10.64 24.54
CA LEU B 150 0.91 -10.04 25.40
C LEU B 150 1.42 -8.83 26.15
N HIS B 151 2.63 -8.90 26.69
CA HIS B 151 3.22 -7.79 27.44
C HIS B 151 3.27 -6.49 26.64
N ASP B 152 3.16 -6.60 25.32
CA ASP B 152 3.21 -5.44 24.45
C ASP B 152 2.02 -4.51 24.67
N ILE B 153 1.06 -4.94 25.50
CA ILE B 153 -0.12 -4.15 25.79
C ILE B 153 -1.02 -4.87 26.81
N ASN B 154 -1.80 -4.09 27.56
CA ASN B 154 -2.71 -4.66 28.56
C ASN B 154 -2.06 -5.70 29.47
N ALA B 155 -0.74 -5.72 29.52
CA ALA B 155 -0.05 -6.71 30.35
C ALA B 155 1.02 -6.16 31.30
N GLN B 156 0.74 -6.27 32.60
CA GLN B 156 1.66 -5.84 33.66
C GLN B 156 1.57 -6.91 34.74
N LEU B 157 0.47 -6.86 35.48
CA LEU B 157 0.15 -7.80 36.55
C LEU B 157 1.34 -8.31 37.38
N VAL B 158 1.08 -9.40 38.11
CA VAL B 158 2.09 -10.05 38.94
C VAL B 158 2.42 -11.40 38.32
N GLU B 159 1.38 -12.13 37.93
CA GLU B 159 1.56 -13.43 37.30
C GLU B 159 1.98 -13.16 35.86
N ASP B 160 1.90 -11.90 35.47
CA ASP B 160 2.27 -11.48 34.13
C ASP B 160 3.77 -11.23 34.16
N GLN B 161 4.24 -10.62 35.24
CA GLN B 161 5.67 -10.37 35.39
C GLN B 161 6.28 -11.65 35.93
N GLY B 162 5.41 -12.61 36.23
CA GLY B 162 5.85 -13.90 36.75
C GLY B 162 6.36 -14.77 35.62
N PHE B 163 5.75 -14.61 34.45
CA PHE B 163 6.15 -15.38 33.27
C PHE B 163 7.49 -14.83 32.81
N LEU B 164 7.73 -13.55 33.09
CA LEU B 164 8.98 -12.89 32.73
C LEU B 164 10.12 -13.66 33.36
N ASP B 165 9.94 -14.02 34.63
CA ASP B 165 10.95 -14.78 35.36
C ASP B 165 11.25 -16.08 34.64
N THR B 166 10.23 -16.63 33.99
CA THR B 166 10.37 -17.87 33.25
C THR B 166 11.14 -17.67 31.95
N LEU B 167 10.72 -16.68 31.16
CA LEU B 167 11.40 -16.41 29.89
C LEU B 167 12.87 -16.09 30.08
N LYS B 168 13.20 -15.48 31.22
CA LYS B 168 14.59 -15.14 31.51
C LYS B 168 15.40 -16.41 31.76
N ASP B 169 15.02 -17.15 32.80
CA ASP B 169 15.70 -18.40 33.12
C ASP B 169 15.68 -19.35 31.94
N LEU B 170 14.76 -19.12 30.99
CA LEU B 170 14.66 -19.97 29.82
C LEU B 170 16.00 -20.01 29.08
N ILE B 171 16.89 -19.08 29.43
CA ILE B 171 18.20 -19.01 28.80
C ILE B 171 18.86 -20.39 28.69
N SER B 172 19.02 -21.06 29.82
CA SER B 172 19.63 -22.39 29.84
C SER B 172 18.54 -23.44 29.68
N ASP B 173 18.20 -23.76 28.44
CA ASP B 173 17.16 -24.76 28.17
C ASP B 173 17.75 -25.95 27.41
N SER B 174 17.18 -27.12 27.65
CA SER B 174 17.64 -28.37 27.02
C SER B 174 17.64 -28.36 25.50
N ASN B 175 17.27 -27.23 24.89
CA ASN B 175 17.25 -27.14 23.43
C ASN B 175 17.61 -25.76 22.91
N PRO B 176 17.94 -25.66 21.61
CA PRO B 176 18.31 -24.40 20.98
C PRO B 176 17.09 -23.55 20.62
N MET B 177 16.03 -24.22 20.17
CA MET B 177 14.80 -23.55 19.78
C MET B 177 14.28 -22.76 20.98
N VAL B 178 14.07 -23.44 22.09
CA VAL B 178 13.58 -22.83 23.30
C VAL B 178 14.39 -21.59 23.69
N VAL B 179 15.70 -21.76 23.77
CA VAL B 179 16.58 -20.64 24.13
C VAL B 179 16.55 -19.58 23.03
N ALA B 180 16.51 -20.03 21.78
CA ALA B 180 16.46 -19.11 20.64
C ALA B 180 15.31 -18.13 20.82
N ASN B 181 14.10 -18.66 20.93
CA ASN B 181 12.91 -17.84 21.10
C ASN B 181 12.97 -17.10 22.44
N ALA B 182 13.45 -17.78 23.47
CA ALA B 182 13.56 -17.16 24.78
C ALA B 182 14.40 -15.89 24.65
N VAL B 183 15.46 -15.99 23.85
CA VAL B 183 16.37 -14.87 23.60
C VAL B 183 15.61 -13.75 22.91
N ALA B 184 15.03 -14.07 21.76
CA ALA B 184 14.26 -13.11 20.98
C ALA B 184 13.10 -12.54 21.80
N ALA B 185 12.46 -13.41 22.58
CA ALA B 185 11.33 -13.00 23.41
C ALA B 185 11.77 -12.01 24.48
N LEU B 186 12.62 -12.47 25.39
CA LEU B 186 13.13 -11.63 26.47
C LEU B 186 13.62 -10.29 25.95
N SER B 187 14.27 -10.32 24.79
CA SER B 187 14.80 -9.11 24.16
C SER B 187 13.66 -8.16 23.78
N GLU B 188 12.61 -8.72 23.18
CA GLU B 188 11.46 -7.94 22.77
C GLU B 188 10.71 -7.40 23.98
N ILE B 189 10.88 -8.04 25.12
CA ILE B 189 10.23 -7.62 26.36
C ILE B 189 10.98 -6.40 26.89
N ALA B 190 12.24 -6.28 26.50
CA ALA B 190 13.08 -5.17 26.93
C ALA B 190 12.66 -3.89 26.23
N GLU B 191 11.65 -3.99 25.36
CA GLU B 191 11.13 -2.83 24.65
C GLU B 191 10.33 -2.02 25.66
N SER B 192 9.46 -2.70 26.41
CA SER B 192 8.69 -2.04 27.44
C SER B 192 9.75 -1.68 28.47
N HIS B 193 9.62 -0.52 29.11
CA HIS B 193 10.65 -0.11 30.06
C HIS B 193 10.35 -0.18 31.55
N PRO B 194 10.59 -1.35 32.17
CA PRO B 194 10.35 -1.50 33.61
C PRO B 194 11.63 -1.02 34.29
N SER B 195 12.32 -0.10 33.61
CA SER B 195 13.57 0.49 34.07
C SER B 195 14.72 -0.50 34.03
N SER B 196 14.48 -1.72 34.50
CA SER B 196 15.51 -2.74 34.52
C SER B 196 15.79 -3.27 33.10
N ASN B 197 15.93 -2.36 32.15
CA ASN B 197 16.20 -2.74 30.77
C ASN B 197 17.58 -3.39 30.71
N LEU B 198 17.88 -4.09 29.61
CA LEU B 198 19.14 -4.80 29.43
C LEU B 198 19.01 -6.10 30.22
N LEU B 199 18.30 -5.99 31.34
CA LEU B 199 18.01 -7.11 32.22
C LEU B 199 19.09 -7.55 33.20
N ASP B 200 20.00 -8.40 32.74
CA ASP B 200 21.04 -8.93 33.61
C ASP B 200 22.43 -9.01 32.97
N LEU B 201 22.52 -9.77 31.89
CA LEU B 201 23.77 -9.96 31.17
C LEU B 201 24.97 -10.17 32.09
N ASN B 202 25.23 -11.43 32.41
CA ASN B 202 26.33 -11.83 33.28
C ASN B 202 27.15 -12.90 32.56
N PRO B 203 28.46 -13.00 32.85
CA PRO B 203 29.34 -13.98 32.22
C PRO B 203 28.72 -15.37 32.02
N GLN B 204 28.04 -15.86 33.04
CA GLN B 204 27.41 -17.18 32.97
C GLN B 204 26.38 -17.23 31.84
N SER B 205 25.38 -16.37 31.92
CA SER B 205 24.32 -16.31 30.92
C SER B 205 24.86 -16.06 29.52
N ILE B 206 25.91 -15.24 29.43
CA ILE B 206 26.51 -14.91 28.15
C ILE B 206 27.13 -16.13 27.48
N ASN B 207 28.10 -16.74 28.14
CA ASN B 207 28.79 -17.91 27.62
C ASN B 207 27.82 -19.05 27.36
N LYS B 208 26.87 -19.25 28.27
CA LYS B 208 25.88 -20.31 28.13
C LYS B 208 25.03 -20.05 26.89
N LEU B 209 24.92 -18.78 26.50
CA LEU B 209 24.14 -18.42 25.34
C LEU B 209 24.89 -18.79 24.07
N LEU B 210 26.21 -18.71 24.15
CA LEU B 210 27.08 -19.02 23.02
C LEU B 210 26.87 -20.47 22.58
N THR B 211 26.80 -21.38 23.56
CA THR B 211 26.60 -22.78 23.26
C THR B 211 25.24 -22.96 22.59
N ALA B 212 24.27 -22.15 23.03
CA ALA B 212 22.93 -22.21 22.46
C ALA B 212 22.88 -21.25 21.29
N LEU B 213 24.04 -20.68 20.97
CA LEU B 213 24.19 -19.73 19.88
C LEU B 213 24.84 -20.41 18.68
N ASN B 214 25.85 -21.22 18.96
CA ASN B 214 26.58 -21.93 17.92
C ASN B 214 25.68 -22.92 17.19
N GLU B 215 25.00 -23.76 17.96
CA GLU B 215 24.12 -24.77 17.37
C GLU B 215 22.64 -24.43 17.60
N CYS B 216 22.28 -23.18 17.36
CA CYS B 216 20.90 -22.75 17.55
C CYS B 216 20.11 -22.94 16.26
N THR B 217 20.07 -21.91 15.41
CA THR B 217 19.35 -21.98 14.14
C THR B 217 19.51 -20.70 13.33
N GLU B 218 19.32 -20.82 12.01
CA GLU B 218 19.43 -19.69 11.09
C GLU B 218 19.01 -18.37 11.73
N TRP B 219 17.70 -18.17 11.86
CA TRP B 219 17.17 -16.95 12.46
C TRP B 219 17.43 -16.94 13.95
N GLY B 220 17.30 -18.11 14.57
CA GLY B 220 17.53 -18.23 15.99
C GLY B 220 18.80 -17.54 16.46
N GLN B 221 19.91 -17.83 15.80
CA GLN B 221 21.19 -17.24 16.15
C GLN B 221 21.15 -15.71 16.02
N ILE B 222 20.57 -15.23 14.93
CA ILE B 222 20.46 -13.79 14.68
C ILE B 222 19.73 -13.12 15.83
N PHE B 223 18.73 -13.81 16.39
CA PHE B 223 17.96 -13.26 17.50
C PHE B 223 18.91 -12.86 18.61
N ILE B 224 19.80 -13.77 18.97
CA ILE B 224 20.79 -13.52 20.02
C ILE B 224 21.79 -12.46 19.57
N LEU B 225 21.84 -12.24 18.26
CA LEU B 225 22.75 -11.25 17.70
C LEU B 225 22.12 -9.88 17.74
N ASP B 226 20.88 -9.79 17.26
CA ASP B 226 20.16 -8.52 17.24
C ASP B 226 19.82 -8.12 18.68
N CYS B 227 20.20 -8.98 19.63
CA CYS B 227 19.94 -8.71 21.05
C CYS B 227 21.20 -8.48 21.86
N LEU B 228 22.17 -9.37 21.76
CA LEU B 228 23.41 -9.23 22.53
C LEU B 228 24.11 -7.92 22.21
N ALA B 229 23.68 -7.28 21.13
CA ALA B 229 24.26 -6.01 20.72
C ALA B 229 24.15 -5.02 21.87
N ASN B 230 23.11 -5.19 22.68
CA ASN B 230 22.88 -4.32 23.84
C ASN B 230 23.68 -4.77 25.06
N TYR B 231 25.01 -4.73 24.93
CA TYR B 231 25.89 -5.12 26.03
C TYR B 231 27.36 -4.92 25.68
N MET B 232 28.12 -4.45 26.67
CA MET B 232 29.55 -4.22 26.51
C MET B 232 30.31 -4.93 27.63
N PRO B 233 31.33 -5.73 27.28
CA PRO B 233 32.14 -6.46 28.25
C PRO B 233 32.77 -5.57 29.30
N LYS B 234 33.02 -6.13 30.48
CA LYS B 234 33.62 -5.37 31.57
C LYS B 234 35.10 -5.14 31.29
N ASP B 235 35.67 -5.98 30.44
CA ASP B 235 37.07 -5.88 30.07
C ASP B 235 37.32 -6.47 28.69
N ASP B 236 38.59 -6.76 28.38
CA ASP B 236 38.95 -7.31 27.08
C ASP B 236 38.94 -8.84 27.04
N ARG B 237 38.97 -9.48 28.21
CA ARG B 237 38.93 -10.93 28.28
C ARG B 237 37.68 -11.41 27.55
N GLU B 238 36.55 -11.25 28.23
CA GLU B 238 35.25 -11.63 27.71
C GLU B 238 35.06 -11.07 26.32
N ALA B 239 35.45 -9.81 26.13
CA ALA B 239 35.33 -9.14 24.85
C ALA B 239 36.00 -9.95 23.75
N GLN B 240 37.29 -10.22 23.91
CA GLN B 240 38.04 -10.98 22.92
C GLN B 240 37.53 -12.41 22.81
N SER B 241 37.36 -13.08 23.95
CA SER B 241 36.88 -14.45 23.98
C SER B 241 35.59 -14.61 23.19
N ILE B 242 34.64 -13.70 23.44
CA ILE B 242 33.36 -13.73 22.73
C ILE B 242 33.52 -13.33 21.28
N CYS B 243 34.01 -12.11 21.05
CA CYS B 243 34.21 -11.61 19.70
C CYS B 243 34.88 -12.67 18.82
N GLU B 244 35.82 -13.40 19.42
CA GLU B 244 36.52 -14.45 18.69
C GLU B 244 35.52 -15.51 18.22
N ARG B 245 34.67 -15.95 19.14
CA ARG B 245 33.67 -16.96 18.83
C ARG B 245 32.61 -16.40 17.89
N VAL B 246 32.74 -15.13 17.55
CA VAL B 246 31.80 -14.45 16.65
C VAL B 246 32.39 -14.26 15.25
N THR B 247 33.69 -14.07 15.19
CA THR B 247 34.40 -13.85 13.92
C THR B 247 33.95 -14.76 12.77
N PRO B 248 33.78 -16.07 13.03
CA PRO B 248 33.34 -17.01 11.99
C PRO B 248 31.97 -16.69 11.40
N ARG B 249 31.73 -15.43 11.07
CA ARG B 249 30.44 -15.04 10.53
C ARG B 249 30.42 -14.75 9.03
N LEU B 250 30.98 -15.68 8.26
CA LEU B 250 30.96 -15.59 6.80
C LEU B 250 29.75 -16.46 6.51
N SER B 251 28.88 -16.46 7.52
CA SER B 251 27.62 -17.19 7.62
C SER B 251 26.78 -17.53 6.38
N HIS B 252 25.61 -18.10 6.68
CA HIS B 252 24.64 -18.56 5.71
C HIS B 252 23.39 -17.67 5.66
N ALA B 253 22.71 -17.55 6.79
CA ALA B 253 21.49 -16.76 6.91
C ALA B 253 21.56 -15.40 6.24
N ASN B 254 22.77 -14.96 5.90
CA ASN B 254 22.95 -13.66 5.24
C ASN B 254 22.41 -12.52 6.10
N SER B 255 22.51 -11.30 5.57
CA SER B 255 22.04 -10.11 6.26
C SER B 255 22.02 -10.27 7.78
N ALA B 256 20.82 -10.42 8.33
CA ALA B 256 20.63 -10.58 9.76
C ALA B 256 21.86 -11.06 10.51
N VAL B 257 22.29 -12.29 10.23
CA VAL B 257 23.46 -12.87 10.88
C VAL B 257 24.74 -12.07 10.65
N VAL B 258 25.27 -12.11 9.42
CA VAL B 258 26.49 -11.38 9.10
C VAL B 258 26.44 -9.94 9.60
N LEU B 259 25.41 -9.21 9.18
CA LEU B 259 25.21 -7.82 9.58
C LEU B 259 25.35 -7.70 11.10
N SER B 260 24.34 -8.22 11.81
CA SER B 260 24.32 -8.18 13.27
C SER B 260 25.68 -8.54 13.86
N ALA B 261 26.33 -9.53 13.27
CA ALA B 261 27.65 -9.96 13.73
C ALA B 261 28.55 -8.72 13.76
N VAL B 262 28.92 -8.23 12.58
CA VAL B 262 29.75 -7.04 12.45
C VAL B 262 29.15 -5.98 13.36
N LYS B 263 27.90 -5.66 13.08
CA LYS B 263 27.10 -4.68 13.84
C LYS B 263 27.50 -4.69 15.30
N VAL B 264 27.19 -5.79 15.99
CA VAL B 264 27.50 -5.95 17.40
C VAL B 264 29.00 -5.96 17.65
N LEU B 265 29.74 -6.60 16.74
CA LEU B 265 31.19 -6.68 16.85
C LEU B 265 31.86 -5.32 16.67
N MET B 266 31.57 -4.68 15.53
CA MET B 266 32.12 -3.36 15.21
C MET B 266 32.01 -2.43 16.41
N LYS B 267 30.98 -2.63 17.21
CA LYS B 267 30.74 -1.83 18.41
C LYS B 267 31.66 -2.22 19.57
N PHE B 268 32.05 -3.48 19.61
CA PHE B 268 32.93 -3.98 20.68
C PHE B 268 34.34 -3.44 20.60
N MET B 269 34.54 -2.36 19.85
CA MET B 269 35.86 -1.78 19.72
C MET B 269 36.23 -1.03 21.01
N GLU B 270 36.35 -1.77 22.10
CA GLU B 270 36.70 -1.17 23.38
C GLU B 270 37.99 -1.78 23.93
N MET B 271 38.31 -2.98 23.46
CA MET B 271 39.52 -3.67 23.91
C MET B 271 40.72 -2.78 23.69
N LEU B 272 41.70 -2.89 24.58
CA LEU B 272 42.93 -2.11 24.52
C LEU B 272 43.32 -1.77 23.08
N SER B 273 42.99 -0.56 22.67
CA SER B 273 43.25 -0.05 21.32
C SER B 273 44.22 -0.86 20.46
N LYS B 274 45.52 -0.67 20.68
CA LYS B 274 46.52 -1.37 19.88
C LYS B 274 47.04 -2.69 20.47
N ASP B 275 46.14 -3.64 20.69
CA ASP B 275 46.54 -4.94 21.22
C ASP B 275 47.28 -5.62 20.09
N LEU B 276 47.45 -6.94 20.17
CA LEU B 276 48.13 -7.66 19.10
C LEU B 276 47.15 -7.79 17.94
N ASP B 277 46.86 -6.64 17.34
CA ASP B 277 45.95 -6.47 16.22
C ASP B 277 44.89 -7.52 15.94
N TYR B 278 44.02 -7.77 16.91
CA TYR B 278 42.91 -8.69 16.71
C TYR B 278 41.85 -7.71 16.25
N TYR B 279 42.01 -6.48 16.74
CA TYR B 279 41.14 -5.35 16.45
C TYR B 279 41.33 -5.00 14.98
N GLY B 280 42.55 -5.18 14.49
CA GLY B 280 42.85 -4.90 13.10
C GLY B 280 42.43 -6.06 12.22
N THR B 281 42.92 -7.25 12.54
CA THR B 281 42.57 -8.45 11.78
C THR B 281 41.05 -8.56 11.73
N LEU B 282 40.40 -7.97 12.72
CA LEU B 282 38.94 -7.97 12.80
C LEU B 282 38.44 -7.00 11.74
N LEU B 283 38.84 -5.73 11.86
CA LEU B 283 38.44 -4.70 10.91
C LEU B 283 38.67 -5.20 9.49
N LYS B 284 39.66 -6.10 9.34
CA LYS B 284 39.99 -6.66 8.05
C LYS B 284 39.04 -7.81 7.71
N LYS B 285 38.92 -8.74 8.65
CA LYS B 285 38.08 -9.91 8.49
C LYS B 285 36.60 -9.56 8.33
N LEU B 286 36.31 -8.27 8.18
CA LEU B 286 34.93 -7.81 7.99
C LEU B 286 34.68 -7.40 6.55
N ALA B 287 35.59 -6.60 6.00
CA ALA B 287 35.48 -6.12 4.63
C ALA B 287 35.07 -7.19 3.63
N PRO B 288 35.83 -8.31 3.56
CA PRO B 288 35.50 -9.39 2.63
C PRO B 288 34.03 -9.81 2.62
N PRO B 289 33.48 -10.21 3.78
CA PRO B 289 32.08 -10.60 3.75
C PRO B 289 31.11 -9.48 3.39
N LEU B 290 31.54 -8.23 3.58
CA LEU B 290 30.72 -7.06 3.28
C LEU B 290 30.56 -6.85 1.79
N VAL B 291 31.68 -6.92 1.07
CA VAL B 291 31.68 -6.74 -0.38
C VAL B 291 30.85 -7.82 -1.06
N THR B 292 30.54 -8.88 -0.31
CA THR B 292 29.75 -9.98 -0.85
C THR B 292 28.28 -9.60 -0.94
N LEU B 293 27.83 -8.73 -0.02
CA LEU B 293 26.45 -8.28 -0.02
C LEU B 293 26.16 -7.48 -1.28
N LEU B 294 27.21 -7.20 -2.05
CA LEU B 294 27.07 -6.43 -3.28
C LEU B 294 26.60 -7.34 -4.41
N SER B 295 25.99 -8.47 -4.04
CA SER B 295 25.48 -9.43 -5.00
C SER B 295 24.22 -10.11 -4.47
N ALA B 296 23.88 -9.86 -3.21
CA ALA B 296 22.69 -10.43 -2.62
C ALA B 296 21.47 -9.76 -3.23
N GLU B 297 20.28 -10.13 -2.75
CA GLU B 297 19.05 -9.54 -3.28
C GLU B 297 19.23 -8.03 -3.45
N PRO B 298 18.70 -7.47 -4.56
CA PRO B 298 18.81 -6.04 -4.84
C PRO B 298 18.59 -5.11 -3.64
N GLU B 299 17.42 -5.22 -3.01
CA GLU B 299 17.11 -4.39 -1.86
C GLU B 299 18.18 -4.48 -0.78
N LEU B 300 18.68 -5.69 -0.57
CA LEU B 300 19.71 -5.93 0.45
C LEU B 300 20.92 -5.02 0.27
N GLN B 301 21.36 -4.87 -0.98
CA GLN B 301 22.50 -4.02 -1.27
C GLN B 301 22.26 -2.61 -0.74
N TYR B 302 21.06 -2.09 -1.00
CA TYR B 302 20.69 -0.76 -0.55
C TYR B 302 20.82 -0.69 0.96
N VAL B 303 20.52 -1.79 1.63
CA VAL B 303 20.61 -1.86 3.08
C VAL B 303 22.08 -1.69 3.44
N ALA B 304 22.90 -2.64 3.01
CA ALA B 304 24.33 -2.61 3.27
C ALA B 304 24.93 -1.26 2.88
N LEU B 305 24.64 -0.82 1.67
CA LEU B 305 25.15 0.47 1.18
C LEU B 305 25.17 1.55 2.25
N ARG B 306 24.00 2.05 2.63
CA ARG B 306 23.92 3.08 3.65
C ARG B 306 24.65 2.60 4.91
N ASN B 307 24.45 1.33 5.24
CA ASN B 307 25.10 0.73 6.40
C ASN B 307 26.61 0.97 6.28
N ILE B 308 27.10 0.84 5.04
CA ILE B 308 28.51 1.04 4.74
C ILE B 308 28.87 2.50 5.05
N ASN B 309 28.02 3.42 4.59
CA ASN B 309 28.25 4.84 4.81
C ASN B 309 28.31 5.15 6.30
N LEU B 310 27.91 4.18 7.11
CA LEU B 310 27.89 4.32 8.56
C LEU B 310 29.17 3.80 9.18
N ILE B 311 29.29 2.47 9.24
CA ILE B 311 30.45 1.79 9.81
C ILE B 311 31.75 2.39 9.29
N VAL B 312 31.85 2.48 7.97
CA VAL B 312 33.05 3.03 7.33
C VAL B 312 33.32 4.46 7.78
N GLN B 313 32.27 5.17 8.19
CA GLN B 313 32.45 6.54 8.63
C GLN B 313 33.11 6.59 9.99
N LYS B 314 32.93 5.53 10.78
CA LYS B 314 33.52 5.43 12.10
C LYS B 314 34.88 4.74 11.96
N ARG B 315 34.93 3.77 11.05
CA ARG B 315 36.15 3.01 10.77
C ARG B 315 36.23 2.72 9.28
N PRO B 316 36.85 3.63 8.50
CA PRO B 316 37.00 3.46 7.06
C PRO B 316 38.16 2.58 6.61
N GLU B 317 39.10 2.34 7.52
CA GLU B 317 40.26 1.52 7.17
C GLU B 317 39.89 0.06 6.90
N ILE B 318 38.63 -0.17 6.54
CA ILE B 318 38.15 -1.51 6.24
C ILE B 318 37.78 -1.55 4.75
N LEU B 319 37.18 -0.47 4.28
CA LEU B 319 36.78 -0.35 2.88
C LEU B 319 37.77 0.57 2.19
N LYS B 320 39.00 0.60 2.71
CA LYS B 320 40.08 1.43 2.20
C LYS B 320 40.09 1.55 0.68
N HIS B 321 40.76 0.61 0.02
CA HIS B 321 40.88 0.61 -1.44
C HIS B 321 39.84 -0.28 -2.10
N GLU B 322 38.95 -0.86 -1.30
CA GLU B 322 37.90 -1.73 -1.81
C GLU B 322 36.93 -0.96 -2.70
N MET B 323 37.27 0.30 -2.97
CA MET B 323 36.45 1.17 -3.80
C MET B 323 36.02 0.49 -5.10
N LYS B 324 36.85 -0.44 -5.58
CA LYS B 324 36.56 -1.16 -6.81
C LYS B 324 35.13 -1.69 -6.90
N VAL B 325 34.87 -2.79 -6.22
CA VAL B 325 33.55 -3.44 -6.21
C VAL B 325 32.38 -2.46 -6.07
N PHE B 326 32.63 -1.30 -5.46
CA PHE B 326 31.57 -0.32 -5.28
C PHE B 326 31.19 0.42 -6.55
N PHE B 327 31.70 -0.06 -7.69
CA PHE B 327 31.37 0.57 -8.96
C PHE B 327 30.00 0.07 -9.39
N VAL B 328 29.10 1.01 -9.69
CA VAL B 328 27.74 0.65 -10.10
C VAL B 328 27.67 -0.02 -11.46
N LYS B 329 26.80 -1.02 -11.58
CA LYS B 329 26.60 -1.75 -12.82
C LYS B 329 25.58 -0.94 -13.64
N TYR B 330 25.77 -0.91 -14.96
CA TYR B 330 24.87 -0.16 -15.84
C TYR B 330 23.40 -0.55 -15.68
N ASN B 331 23.17 -1.76 -15.19
CA ASN B 331 21.80 -2.26 -15.00
C ASN B 331 21.26 -2.16 -13.58
N ASP B 332 22.15 -2.00 -12.60
CA ASP B 332 21.76 -1.88 -11.20
C ASP B 332 20.57 -0.94 -11.01
N PRO B 333 19.72 -1.20 -10.01
CA PRO B 333 18.56 -0.34 -9.76
C PRO B 333 18.99 1.09 -9.51
N ILE B 334 18.15 2.03 -9.94
CA ILE B 334 18.44 3.45 -9.79
C ILE B 334 18.93 3.86 -8.40
N TYR B 335 18.39 3.26 -7.35
CA TYR B 335 18.80 3.60 -5.99
C TYR B 335 20.18 3.06 -5.62
N VAL B 336 20.36 1.75 -5.72
CA VAL B 336 21.65 1.15 -5.39
C VAL B 336 22.75 1.85 -6.21
N LYS B 337 22.37 2.34 -7.38
CA LYS B 337 23.30 3.05 -8.26
C LYS B 337 23.93 4.22 -7.50
N LEU B 338 23.19 5.31 -7.42
CA LEU B 338 23.65 6.51 -6.74
C LEU B 338 24.20 6.22 -5.35
N GLU B 339 23.47 5.40 -4.58
CA GLU B 339 23.88 5.03 -3.23
C GLU B 339 25.31 4.54 -3.22
N LYS B 340 25.66 3.69 -4.19
CA LYS B 340 27.00 3.16 -4.29
C LYS B 340 27.98 4.29 -4.55
N LEU B 341 27.65 5.14 -5.52
CA LEU B 341 28.50 6.27 -5.86
C LEU B 341 28.76 7.07 -4.60
N ASP B 342 27.70 7.34 -3.84
CA ASP B 342 27.80 8.09 -2.60
C ASP B 342 29.01 7.66 -1.76
N ILE B 343 28.95 6.44 -1.24
CA ILE B 343 30.03 5.90 -0.42
C ILE B 343 31.36 5.99 -1.15
N MET B 344 31.31 5.75 -2.46
CA MET B 344 32.52 5.79 -3.28
C MET B 344 33.17 7.17 -3.19
N ILE B 345 32.34 8.19 -2.93
CA ILE B 345 32.83 9.56 -2.80
C ILE B 345 33.17 9.81 -1.34
N ARG B 346 32.86 8.84 -0.49
CA ARG B 346 33.12 8.94 0.95
C ARG B 346 34.54 8.49 1.28
N LEU B 347 35.09 7.59 0.46
CA LEU B 347 36.44 7.09 0.68
C LEU B 347 37.40 7.39 -0.46
N ALA B 348 37.09 8.42 -1.25
CA ALA B 348 37.94 8.81 -2.37
C ALA B 348 39.14 9.59 -1.85
N SER B 349 40.34 9.08 -2.07
CA SER B 349 41.55 9.76 -1.60
C SER B 349 42.54 10.05 -2.72
N GLN B 350 43.75 10.44 -2.31
CA GLN B 350 44.84 10.79 -3.22
C GLN B 350 45.12 9.78 -4.31
N ALA B 351 44.68 8.54 -4.13
CA ALA B 351 44.94 7.49 -5.13
C ALA B 351 43.78 7.24 -6.09
N ASN B 352 42.70 6.65 -5.56
CA ASN B 352 41.53 6.32 -6.35
C ASN B 352 41.01 7.42 -7.27
N ILE B 353 41.25 8.67 -6.91
CA ILE B 353 40.80 9.80 -7.71
C ILE B 353 40.76 9.54 -9.22
N ALA B 354 41.84 9.00 -9.76
CA ALA B 354 41.93 8.71 -11.19
C ALA B 354 40.73 8.00 -11.76
N GLN B 355 40.43 6.81 -11.24
CA GLN B 355 39.30 6.01 -11.72
C GLN B 355 37.94 6.53 -11.26
N VAL B 356 37.91 7.23 -10.14
CA VAL B 356 36.65 7.77 -9.63
C VAL B 356 36.03 8.69 -10.68
N LEU B 357 36.89 9.39 -11.41
CA LEU B 357 36.45 10.30 -12.46
C LEU B 357 36.00 9.48 -13.67
N ALA B 358 36.81 8.49 -14.05
CA ALA B 358 36.48 7.62 -15.16
C ALA B 358 35.10 7.04 -14.88
N GLU B 359 34.85 6.73 -13.62
CA GLU B 359 33.57 6.19 -13.16
C GLU B 359 32.49 7.19 -13.54
N LEU B 360 32.51 8.31 -12.84
CA LEU B 360 31.57 9.41 -13.02
C LEU B 360 31.47 9.87 -14.46
N ARG B 361 32.60 9.94 -15.15
CA ARG B 361 32.62 10.38 -16.54
C ARG B 361 31.60 9.62 -17.40
N GLU B 362 31.38 8.35 -17.07
CA GLU B 362 30.43 7.54 -17.80
C GLU B 362 29.08 7.45 -17.07
N TYR B 363 29.03 8.00 -15.87
CA TYR B 363 27.82 7.99 -15.06
C TYR B 363 26.94 9.21 -15.33
N ALA B 364 27.57 10.30 -15.76
CA ALA B 364 26.84 11.52 -16.06
C ALA B 364 26.37 11.56 -17.50
N THR B 365 26.86 10.64 -18.31
CA THR B 365 26.48 10.57 -19.72
C THR B 365 25.20 9.76 -19.94
N GLU B 366 24.55 9.38 -18.85
CA GLU B 366 23.31 8.61 -18.94
C GLU B 366 22.12 9.54 -19.11
N VAL B 367 20.93 9.04 -18.76
CA VAL B 367 19.71 9.81 -18.87
C VAL B 367 18.93 9.79 -17.56
N ASP B 368 19.37 8.95 -16.63
CA ASP B 368 18.71 8.83 -15.33
C ASP B 368 18.86 10.17 -14.59
N VAL B 369 17.74 10.88 -14.47
CA VAL B 369 17.72 12.18 -13.80
C VAL B 369 18.61 12.27 -12.57
N ASP B 370 18.06 11.92 -11.41
CA ASP B 370 18.81 11.97 -10.16
C ASP B 370 20.19 11.33 -10.25
N PHE B 371 20.38 10.43 -11.20
CA PHE B 371 21.67 9.76 -11.35
C PHE B 371 22.70 10.79 -11.81
N VAL B 372 22.50 11.32 -13.01
CA VAL B 372 23.40 12.31 -13.58
C VAL B 372 23.54 13.48 -12.62
N ARG B 373 22.43 13.89 -12.02
CA ARG B 373 22.43 14.99 -11.06
C ARG B 373 23.43 14.74 -9.94
N LYS B 374 23.12 13.76 -9.09
CA LYS B 374 24.00 13.42 -7.98
C LYS B 374 25.41 13.12 -8.48
N ALA B 375 25.49 12.55 -9.69
CA ALA B 375 26.78 12.24 -10.29
C ALA B 375 27.67 13.46 -10.17
N VAL B 376 27.35 14.50 -10.93
CA VAL B 376 28.12 15.73 -10.91
C VAL B 376 28.21 16.32 -9.49
N ARG B 377 27.17 16.13 -8.70
CA ARG B 377 27.15 16.65 -7.34
C ARG B 377 28.38 16.10 -6.62
N ALA B 378 28.85 14.96 -7.09
CA ALA B 378 30.04 14.32 -6.52
C ALA B 378 31.28 14.90 -7.19
N ILE B 379 31.19 15.16 -8.49
CA ILE B 379 32.31 15.72 -9.24
C ILE B 379 32.83 16.94 -8.49
N GLY B 380 31.94 17.65 -7.83
CA GLY B 380 32.34 18.80 -7.07
C GLY B 380 32.99 18.34 -5.78
N ARG B 381 32.17 17.83 -4.87
CA ARG B 381 32.64 17.34 -3.57
C ARG B 381 33.96 16.59 -3.61
N CYS B 382 34.21 15.81 -4.66
CA CYS B 382 35.46 15.08 -4.77
C CYS B 382 36.63 16.03 -5.01
N ALA B 383 36.42 17.03 -5.86
CA ALA B 383 37.46 18.01 -6.15
C ALA B 383 37.86 18.65 -4.84
N ILE B 384 36.89 18.76 -3.93
CA ILE B 384 37.12 19.35 -2.61
C ILE B 384 37.89 18.38 -1.75
N LYS B 385 37.75 17.08 -2.02
CA LYS B 385 38.45 16.06 -1.23
C LYS B 385 39.96 16.11 -1.36
N VAL B 386 40.46 16.27 -2.59
CA VAL B 386 41.91 16.33 -2.81
C VAL B 386 42.26 17.37 -3.88
N GLU B 387 43.56 17.60 -4.08
CA GLU B 387 44.04 18.56 -5.07
C GLU B 387 43.92 18.00 -6.48
N GLN B 388 44.64 16.93 -6.77
CA GLN B 388 44.62 16.31 -8.08
C GLN B 388 43.24 16.33 -8.73
N SER B 389 42.21 16.17 -7.91
CA SER B 389 40.84 16.17 -8.40
C SER B 389 40.43 17.53 -8.94
N ALA B 390 40.43 18.53 -8.06
CA ALA B 390 40.04 19.89 -8.42
C ALA B 390 40.55 20.34 -9.78
N GLU B 391 41.75 19.88 -10.15
CA GLU B 391 42.34 20.26 -11.43
C GLU B 391 41.54 19.72 -12.61
N ARG B 392 41.53 18.40 -12.78
CA ARG B 392 40.78 17.79 -13.86
C ARG B 392 39.32 18.19 -13.73
N CYS B 393 38.88 18.32 -12.48
CA CYS B 393 37.50 18.71 -12.17
C CYS B 393 37.14 19.97 -12.94
N VAL B 394 38.11 20.89 -13.05
CA VAL B 394 37.89 22.14 -13.78
C VAL B 394 37.42 21.81 -15.18
N SER B 395 38.16 20.94 -15.86
CA SER B 395 37.84 20.52 -17.21
C SER B 395 36.49 19.81 -17.27
N THR B 396 36.21 18.99 -16.26
CA THR B 396 34.95 18.25 -16.21
C THR B 396 33.77 19.20 -16.32
N LEU B 397 33.72 20.17 -15.41
CA LEU B 397 32.64 21.15 -15.37
C LEU B 397 32.59 22.00 -16.64
N LEU B 398 33.72 22.13 -17.31
CA LEU B 398 33.75 22.92 -18.54
C LEU B 398 32.85 22.19 -19.52
N ASP B 399 33.42 21.23 -20.25
CA ASP B 399 32.69 20.45 -21.25
C ASP B 399 31.27 20.13 -20.78
N LEU B 400 31.13 19.86 -19.48
CA LEU B 400 29.83 19.52 -18.92
C LEU B 400 28.77 20.59 -19.17
N ILE B 401 28.98 21.79 -18.65
CA ILE B 401 28.01 22.87 -18.85
C ILE B 401 27.84 23.10 -20.34
N GLN B 402 28.89 22.80 -21.10
CA GLN B 402 28.88 22.99 -22.54
C GLN B 402 27.92 22.04 -23.26
N THR B 403 27.37 21.08 -22.52
CA THR B 403 26.42 20.14 -23.10
C THR B 403 25.14 20.90 -23.44
N LYS B 404 25.12 22.19 -23.10
CA LYS B 404 23.99 23.07 -23.36
C LYS B 404 22.70 22.67 -22.64
N VAL B 405 22.63 21.42 -22.19
CA VAL B 405 21.43 20.93 -21.51
C VAL B 405 21.17 21.67 -20.19
N ASN B 406 20.07 22.39 -20.15
CA ASN B 406 19.66 23.18 -18.99
C ASN B 406 19.90 22.58 -17.60
N TYR B 407 19.09 21.61 -17.22
CA TYR B 407 19.20 20.99 -15.90
C TYR B 407 20.63 20.65 -15.45
N VAL B 408 21.33 19.80 -16.21
CA VAL B 408 22.69 19.43 -15.85
C VAL B 408 23.50 20.69 -15.58
N VAL B 409 23.41 21.66 -16.50
CA VAL B 409 24.12 22.92 -16.36
C VAL B 409 23.85 23.46 -14.97
N GLN B 410 22.59 23.49 -14.58
CA GLN B 410 22.18 23.99 -13.28
C GLN B 410 22.82 23.24 -12.12
N GLU B 411 22.64 21.93 -12.06
CA GLU B 411 23.22 21.14 -10.99
C GLU B 411 24.72 21.36 -10.92
N ALA B 412 25.33 21.39 -12.10
CA ALA B 412 26.77 21.60 -12.21
C ALA B 412 27.18 22.89 -11.49
N ILE B 413 26.50 23.99 -11.79
CA ILE B 413 26.81 25.27 -11.15
C ILE B 413 26.70 25.13 -9.64
N VAL B 414 25.75 24.33 -9.20
CA VAL B 414 25.54 24.12 -7.78
C VAL B 414 26.82 23.60 -7.15
N VAL B 415 27.47 22.65 -7.81
CA VAL B 415 28.72 22.10 -7.29
C VAL B 415 29.78 23.17 -7.37
N ILE B 416 29.73 23.97 -8.43
CA ILE B 416 30.68 25.05 -8.64
C ILE B 416 30.68 25.96 -7.41
N LYS B 417 29.49 26.17 -6.85
CA LYS B 417 29.32 27.00 -5.66
C LYS B 417 30.27 26.51 -4.58
N ASP B 418 29.99 25.32 -4.08
CA ASP B 418 30.79 24.70 -3.02
C ASP B 418 32.26 24.60 -3.39
N ILE B 419 32.54 24.49 -4.69
CA ILE B 419 33.92 24.39 -5.17
C ILE B 419 34.70 25.62 -4.73
N PHE B 420 34.13 26.79 -4.95
CA PHE B 420 34.78 28.03 -4.55
C PHE B 420 34.81 28.16 -3.03
N ARG B 421 33.92 27.44 -2.35
CA ARG B 421 33.88 27.47 -0.90
C ARG B 421 35.12 26.76 -0.36
N LYS B 422 35.68 25.86 -1.16
CA LYS B 422 36.86 25.13 -0.74
C LYS B 422 38.11 25.67 -1.43
N TYR B 423 37.90 26.43 -2.50
CA TYR B 423 39.00 27.01 -3.26
C TYR B 423 38.68 28.43 -3.71
N PRO B 424 38.36 29.32 -2.76
CA PRO B 424 38.04 30.71 -3.11
C PRO B 424 39.29 31.44 -3.60
N ASN B 425 39.09 32.48 -4.41
CA ASN B 425 40.22 33.23 -4.92
C ASN B 425 41.24 32.28 -5.57
N LYS B 426 40.79 31.56 -6.60
CA LYS B 426 41.65 30.61 -7.28
C LYS B 426 41.17 30.23 -8.68
N TYR B 427 39.96 29.68 -8.79
CA TYR B 427 39.43 29.28 -10.09
C TYR B 427 38.36 30.24 -10.62
N GLU B 428 38.38 31.48 -10.13
CA GLU B 428 37.40 32.48 -10.56
C GLU B 428 37.76 33.06 -11.92
N SER B 429 38.73 32.44 -12.60
CA SER B 429 39.18 32.90 -13.90
C SER B 429 38.29 32.49 -15.07
N VAL B 430 37.36 31.58 -14.82
CA VAL B 430 36.47 31.09 -15.88
C VAL B 430 35.01 31.47 -15.63
N ILE B 431 34.78 32.23 -14.58
CA ILE B 431 33.43 32.66 -14.20
C ILE B 431 32.62 33.26 -15.34
N ALA B 432 33.26 34.11 -16.14
CA ALA B 432 32.59 34.76 -17.26
C ALA B 432 31.83 33.76 -18.14
N THR B 433 32.26 32.50 -18.09
CA THR B 433 31.63 31.45 -18.89
C THR B 433 30.41 30.85 -18.21
N LEU B 434 30.44 30.75 -16.88
CA LEU B 434 29.32 30.18 -16.15
C LEU B 434 28.10 31.10 -16.18
N CYS B 435 28.34 32.34 -16.60
CA CYS B 435 27.27 33.33 -16.69
C CYS B 435 26.54 33.17 -18.02
N GLU B 436 27.26 32.69 -19.03
CA GLU B 436 26.66 32.50 -20.36
C GLU B 436 25.47 31.55 -20.31
N ASN B 437 25.36 30.77 -19.23
CA ASN B 437 24.25 29.84 -19.09
C ASN B 437 23.47 30.09 -17.81
N LEU B 438 23.46 31.33 -17.34
CA LEU B 438 22.74 31.67 -16.13
C LEU B 438 21.26 31.86 -16.50
N ASP B 439 21.01 31.96 -17.79
CA ASP B 439 19.66 32.12 -18.31
C ASP B 439 18.88 30.82 -18.24
N SER B 440 19.56 29.75 -17.83
CA SER B 440 18.93 28.44 -17.71
C SER B 440 18.86 28.03 -16.25
N LEU B 441 18.76 29.03 -15.38
CA LEU B 441 18.69 28.78 -13.94
C LEU B 441 17.31 29.16 -13.41
N ASP B 442 16.40 28.20 -13.40
CA ASP B 442 15.04 28.42 -12.94
C ASP B 442 14.75 27.70 -11.62
N GLU B 443 15.80 27.18 -11.00
CA GLU B 443 15.67 26.48 -9.73
C GLU B 443 16.31 27.28 -8.60
N PRO B 444 15.66 27.30 -7.42
CA PRO B 444 16.15 28.02 -6.25
C PRO B 444 17.64 27.87 -5.92
N GLU B 445 18.12 26.63 -5.86
CA GLU B 445 19.53 26.40 -5.54
C GLU B 445 20.42 26.94 -6.64
N ALA B 446 20.05 26.66 -7.89
CA ALA B 446 20.81 27.12 -9.04
C ALA B 446 20.88 28.64 -9.05
N ARG B 447 19.71 29.27 -8.93
CA ARG B 447 19.62 30.72 -8.91
C ARG B 447 20.44 31.27 -7.75
N ALA B 448 20.17 30.75 -6.55
CA ALA B 448 20.86 31.18 -5.34
C ALA B 448 22.37 31.11 -5.50
N ALA B 449 22.87 29.96 -5.95
CA ALA B 449 24.30 29.75 -6.15
C ALA B 449 24.93 30.92 -6.90
N MET B 450 24.49 31.14 -8.13
CA MET B 450 25.01 32.23 -8.95
C MET B 450 24.95 33.58 -8.23
N ILE B 451 23.95 33.75 -7.38
CA ILE B 451 23.79 34.98 -6.64
C ILE B 451 24.87 35.11 -5.57
N TRP B 452 25.21 34.00 -4.94
CA TRP B 452 26.23 33.98 -3.91
C TRP B 452 27.59 34.25 -4.54
N ILE B 453 27.90 33.53 -5.62
CA ILE B 453 29.17 33.70 -6.31
C ILE B 453 29.30 35.14 -6.82
N VAL B 454 28.25 35.65 -7.43
CA VAL B 454 28.26 37.02 -7.96
C VAL B 454 28.46 38.03 -6.84
N GLY B 455 27.95 37.71 -5.66
CA GLY B 455 28.11 38.61 -4.53
C GLY B 455 29.43 38.34 -3.85
N GLU B 456 29.58 37.13 -3.32
CA GLU B 456 30.78 36.70 -2.63
C GLU B 456 32.07 37.17 -3.30
N TYR B 457 32.04 37.35 -4.62
CA TYR B 457 33.23 37.78 -5.35
C TYR B 457 32.92 38.91 -6.32
N ALA B 458 32.05 39.84 -5.89
CA ALA B 458 31.65 40.97 -6.73
C ALA B 458 32.79 41.97 -6.98
N GLU B 459 33.88 41.83 -6.24
CA GLU B 459 35.03 42.72 -6.37
C GLU B 459 35.61 42.67 -7.78
N ARG B 460 35.40 41.54 -8.46
CA ARG B 460 35.89 41.34 -9.82
C ARG B 460 34.73 41.26 -10.81
N ILE B 461 33.53 41.12 -10.28
CA ILE B 461 32.33 41.00 -11.12
C ILE B 461 31.76 42.36 -11.46
N ASP B 462 32.25 42.92 -12.57
CA ASP B 462 31.81 44.24 -13.04
C ASP B 462 30.41 44.16 -13.64
N ASN B 463 29.86 42.95 -13.68
CA ASN B 463 28.53 42.73 -14.24
C ASN B 463 27.53 42.44 -13.12
N ALA B 464 28.05 42.26 -11.91
CA ALA B 464 27.23 41.95 -10.75
C ALA B 464 26.03 42.87 -10.52
N ASP B 465 26.14 44.12 -10.98
CA ASP B 465 25.05 45.08 -10.81
C ASP B 465 23.73 44.60 -11.42
N GLU B 466 23.63 44.69 -12.74
CA GLU B 466 22.44 44.28 -13.46
C GLU B 466 21.96 42.88 -13.10
N LEU B 467 22.80 41.89 -13.39
CA LEU B 467 22.49 40.49 -13.12
C LEU B 467 21.83 40.25 -11.76
N LEU B 468 22.58 40.50 -10.70
CA LEU B 468 22.09 40.30 -9.34
C LEU B 468 20.68 40.85 -9.16
N GLU B 469 20.44 42.04 -9.67
CA GLU B 469 19.13 42.68 -9.55
C GLU B 469 18.16 42.35 -10.69
N SER B 470 18.64 41.68 -11.73
CA SER B 470 17.80 41.33 -12.87
C SER B 470 16.74 40.32 -12.43
N PHE B 471 17.15 39.41 -11.56
CA PHE B 471 16.29 38.36 -11.03
C PHE B 471 15.24 38.91 -10.07
N LEU B 472 15.56 40.02 -9.41
CA LEU B 472 14.66 40.62 -8.44
C LEU B 472 13.46 41.34 -9.04
N GLU B 473 12.90 40.80 -10.12
CA GLU B 473 11.74 41.41 -10.74
C GLU B 473 10.65 41.48 -9.67
N GLY B 474 10.80 40.62 -8.66
CA GLY B 474 9.87 40.56 -7.56
C GLY B 474 10.52 40.07 -6.28
N PHE B 475 10.78 40.99 -5.36
CA PHE B 475 11.40 40.68 -4.07
C PHE B 475 11.12 39.25 -3.60
N HIS B 476 9.96 39.05 -2.99
CA HIS B 476 9.57 37.72 -2.50
C HIS B 476 9.17 36.79 -3.63
N ASP B 477 8.00 36.17 -3.51
CA ASP B 477 7.52 35.22 -4.52
C ASP B 477 8.67 34.36 -5.06
N LYS B 478 9.59 34.02 -4.18
CA LYS B 478 10.75 33.19 -4.49
C LYS B 478 11.23 32.53 -3.20
N SER B 479 11.84 31.36 -3.32
CA SER B 479 12.35 30.62 -2.17
C SER B 479 13.08 31.51 -1.18
N THR B 480 12.67 31.46 0.09
CA THR B 480 13.27 32.26 1.15
C THR B 480 14.79 32.22 1.03
N GLN B 481 15.31 31.08 0.62
CA GLN B 481 16.75 30.88 0.46
C GLN B 481 17.34 31.87 -0.54
N VAL B 482 16.74 31.91 -1.73
CA VAL B 482 17.22 32.81 -2.78
C VAL B 482 17.22 34.25 -2.28
N GLN B 483 16.29 34.57 -1.38
CA GLN B 483 16.22 35.92 -0.82
C GLN B 483 17.42 36.12 0.10
N LEU B 484 17.57 35.19 1.04
CA LEU B 484 18.67 35.22 2.01
C LEU B 484 20.01 35.39 1.31
N GLN B 485 20.10 34.87 0.09
CA GLN B 485 21.33 34.97 -0.68
C GLN B 485 21.39 36.27 -1.47
N LEU B 486 20.28 36.63 -2.08
CA LEU B 486 20.21 37.88 -2.84
C LEU B 486 20.62 39.01 -1.91
N LEU B 487 20.08 38.98 -0.69
CA LEU B 487 20.38 39.98 0.31
C LEU B 487 21.90 40.14 0.43
N THR B 488 22.53 39.17 1.09
CA THR B 488 23.97 39.20 1.30
C THR B 488 24.74 39.39 -0.01
N ALA B 489 24.10 39.14 -1.13
CA ALA B 489 24.76 39.30 -2.43
C ALA B 489 24.90 40.79 -2.75
N PHE B 490 23.77 41.50 -2.68
CA PHE B 490 23.74 42.93 -2.96
C PHE B 490 24.54 43.71 -1.92
N VAL B 491 24.49 43.28 -0.66
CA VAL B 491 25.20 43.96 0.41
C VAL B 491 26.66 44.15 0.06
N LYS B 492 27.24 43.18 -0.64
CA LYS B 492 28.64 43.25 -1.04
C LYS B 492 28.75 43.95 -2.38
N LEU B 493 27.66 43.96 -3.13
CA LEU B 493 27.63 44.62 -4.44
C LEU B 493 27.77 46.12 -4.22
N PHE B 494 27.22 46.60 -3.11
CA PHE B 494 27.28 48.01 -2.75
C PHE B 494 28.61 48.36 -2.10
N LEU B 495 28.99 47.58 -1.09
CA LEU B 495 30.23 47.81 -0.35
C LEU B 495 31.45 48.02 -1.24
N LYS B 496 31.38 47.55 -2.48
CA LYS B 496 32.51 47.70 -3.39
C LYS B 496 32.19 48.65 -4.56
N LYS B 497 30.96 49.15 -4.60
CA LYS B 497 30.57 50.06 -5.67
C LYS B 497 29.42 50.98 -5.24
N PRO B 498 29.65 51.77 -4.17
CA PRO B 498 28.66 52.71 -3.63
C PRO B 498 28.18 53.77 -4.62
N THR B 499 29.10 54.26 -5.45
CA THR B 499 28.79 55.29 -6.43
C THR B 499 27.72 54.90 -7.44
N GLU B 500 27.11 53.75 -7.27
CA GLU B 500 26.08 53.29 -8.19
C GLU B 500 25.27 52.13 -7.59
N THR B 501 24.84 52.30 -6.34
CA THR B 501 24.08 51.26 -5.67
C THR B 501 23.21 51.79 -4.53
N GLN B 502 23.27 53.11 -4.30
CA GLN B 502 22.48 53.71 -3.23
C GLN B 502 20.98 53.54 -3.44
N GLU B 503 20.57 53.34 -4.69
CA GLU B 503 19.16 53.15 -5.01
C GLU B 503 18.78 51.69 -4.82
N LEU B 504 19.70 50.79 -5.13
CA LEU B 504 19.44 49.36 -4.99
C LEU B 504 19.40 49.01 -3.51
N VAL B 505 20.41 49.46 -2.77
CA VAL B 505 20.49 49.20 -1.34
C VAL B 505 19.20 49.60 -0.66
N GLN B 506 18.63 50.71 -1.10
CA GLN B 506 17.39 51.22 -0.52
C GLN B 506 16.24 50.24 -0.71
N GLN B 507 15.88 50.02 -1.98
CA GLN B 507 14.77 49.12 -2.30
C GLN B 507 15.02 47.65 -1.96
N VAL B 508 16.28 47.25 -1.85
CA VAL B 508 16.58 45.86 -1.49
C VAL B 508 16.36 45.69 0.01
N LEU B 509 16.92 46.62 0.79
CA LEU B 509 16.77 46.59 2.24
C LEU B 509 15.32 46.90 2.58
N SER B 510 14.76 47.88 1.87
CA SER B 510 13.38 48.30 2.07
C SER B 510 12.47 47.09 2.20
N LEU B 511 12.15 46.48 1.07
CA LEU B 511 11.27 45.31 1.04
C LEU B 511 11.78 44.20 1.95
N ALA B 512 13.08 44.22 2.23
CA ALA B 512 13.70 43.21 3.07
C ALA B 512 13.64 43.52 4.56
N THR B 513 13.07 44.67 4.90
CA THR B 513 12.97 45.06 6.30
C THR B 513 11.62 45.67 6.68
N GLN B 514 10.83 46.04 5.68
CA GLN B 514 9.53 46.65 5.93
C GLN B 514 8.37 45.68 5.74
N ASP B 515 8.36 44.96 4.63
CA ASP B 515 7.27 44.02 4.35
C ASP B 515 7.74 42.56 4.27
N SER B 516 8.90 42.28 4.86
CA SER B 516 9.44 40.92 4.82
C SER B 516 8.65 39.95 5.71
N ASP B 517 7.89 39.05 5.08
CA ASP B 517 7.12 38.08 5.83
C ASP B 517 8.12 37.15 6.52
N ASN B 518 9.02 36.57 5.75
CA ASN B 518 10.03 35.67 6.26
C ASN B 518 10.81 36.34 7.40
N PRO B 519 10.73 35.79 8.61
CA PRO B 519 11.41 36.32 9.79
C PRO B 519 12.90 36.56 9.59
N ASP B 520 13.64 35.52 9.24
CA ASP B 520 15.08 35.63 9.03
C ASP B 520 15.47 36.57 7.88
N LEU B 521 14.59 36.75 6.92
CA LEU B 521 14.86 37.65 5.80
C LEU B 521 14.76 39.05 6.39
N ARG B 522 13.76 39.23 7.24
CA ARG B 522 13.52 40.48 7.92
C ARG B 522 14.58 40.63 9.02
N ASP B 523 15.17 39.51 9.42
CA ASP B 523 16.22 39.52 10.43
C ASP B 523 17.53 39.93 9.80
N ARG B 524 17.87 39.31 8.66
CA ARG B 524 19.11 39.64 7.98
C ARG B 524 19.02 41.10 7.54
N GLY B 525 17.92 41.48 6.93
CA GLY B 525 17.74 42.84 6.50
C GLY B 525 17.98 43.80 7.65
N TYR B 526 17.23 43.61 8.74
CA TYR B 526 17.36 44.45 9.92
C TYR B 526 18.80 44.52 10.46
N ILE B 527 19.34 43.38 10.84
CA ILE B 527 20.70 43.32 11.37
C ILE B 527 21.70 43.90 10.39
N TYR B 528 21.46 43.69 9.10
CA TYR B 528 22.34 44.21 8.06
C TYR B 528 22.37 45.73 8.14
N TRP B 529 21.21 46.34 8.13
CA TRP B 529 21.11 47.79 8.20
C TRP B 529 21.81 48.28 9.45
N ARG B 530 21.77 47.47 10.50
CA ARG B 530 22.42 47.81 11.76
C ARG B 530 23.93 47.73 11.60
N LEU B 531 24.40 48.14 10.42
CA LEU B 531 25.81 48.16 10.08
C LEU B 531 26.09 49.47 9.35
N LEU B 532 25.63 49.55 8.10
CA LEU B 532 25.82 50.74 7.29
C LEU B 532 25.16 51.90 8.04
N SER B 533 24.34 51.56 9.02
CA SER B 533 23.66 52.54 9.85
C SER B 533 24.61 53.00 10.94
N THR B 534 25.89 52.72 10.76
CA THR B 534 26.87 53.10 11.76
C THR B 534 28.28 53.26 11.20
N ASP B 535 28.77 52.24 10.50
CA ASP B 535 30.13 52.31 9.97
C ASP B 535 30.50 51.23 8.95
N PRO B 536 30.55 51.59 7.65
CA PRO B 536 30.93 50.57 6.67
C PRO B 536 32.38 50.16 6.88
N VAL B 537 32.98 50.65 7.96
CA VAL B 537 34.36 50.34 8.31
C VAL B 537 34.35 48.98 8.98
N ALA B 538 33.29 48.72 9.74
CA ALA B 538 33.13 47.45 10.43
C ALA B 538 32.28 46.54 9.54
N ALA B 539 32.01 47.01 8.33
CA ALA B 539 31.23 46.27 7.36
C ALA B 539 32.15 45.27 6.67
N LYS B 540 33.31 45.77 6.24
CA LYS B 540 34.33 44.95 5.58
C LYS B 540 34.86 43.96 6.61
N GLU B 541 34.75 44.35 7.88
CA GLU B 541 35.20 43.52 8.98
C GLU B 541 34.05 42.64 9.47
N VAL B 542 33.08 42.41 8.60
CA VAL B 542 31.92 41.59 8.93
C VAL B 542 31.34 40.90 7.69
N VAL B 543 31.24 41.65 6.60
CA VAL B 543 30.69 41.13 5.36
C VAL B 543 31.72 40.51 4.41
N LEU B 544 32.91 41.11 4.34
CA LEU B 544 33.93 40.60 3.44
C LEU B 544 35.14 39.97 4.14
N ALA B 545 34.98 39.59 5.41
CA ALA B 545 36.08 38.99 6.15
C ALA B 545 36.48 37.66 5.50
N GLU B 546 37.35 36.91 6.18
CA GLU B 546 37.80 35.62 5.64
C GLU B 546 36.69 34.58 5.77
N LYS B 547 36.77 33.55 4.94
CA LYS B 547 35.76 32.50 4.94
C LYS B 547 36.41 31.12 4.83
N PRO B 548 36.67 30.47 5.98
CA PRO B 548 37.29 29.14 6.02
C PRO B 548 36.62 28.12 5.10
N LEU B 549 37.44 27.22 4.56
CA LEU B 549 36.98 26.19 3.64
C LEU B 549 36.00 25.20 4.29
N ILE B 550 36.01 23.97 3.81
CA ILE B 550 35.13 22.93 4.33
C ILE B 550 35.94 21.66 4.61
N SER B 551 36.78 21.29 3.64
CA SER B 551 37.64 20.11 3.71
C SER B 551 36.83 18.81 3.79
N GLU B 552 37.09 17.91 2.85
CA GLU B 552 36.43 16.61 2.75
C GLU B 552 35.18 16.47 3.62
N GLU B 553 34.19 17.31 3.35
CA GLU B 553 32.94 17.30 4.09
C GLU B 553 32.04 16.18 3.57
N THR B 554 31.92 16.11 2.24
CA THR B 554 31.11 15.12 1.56
C THR B 554 30.14 14.36 2.46
N ASP B 555 29.12 15.05 2.96
CA ASP B 555 28.12 14.43 3.82
C ASP B 555 28.70 13.85 5.11
N LEU B 556 29.27 14.70 5.96
CA LEU B 556 29.82 14.22 7.21
C LEU B 556 28.73 14.32 8.27
N ILE B 557 28.50 13.21 8.98
CA ILE B 557 27.46 13.18 10.00
C ILE B 557 28.03 13.38 11.41
N GLU B 558 27.16 13.77 12.33
CA GLU B 558 27.55 14.00 13.71
C GLU B 558 28.40 12.86 14.22
N PRO B 559 29.65 13.14 14.64
CA PRO B 559 30.57 12.11 15.13
C PRO B 559 29.97 11.27 16.26
N THR B 560 29.07 11.87 17.04
CA THR B 560 28.44 11.15 18.15
C THR B 560 27.28 10.32 17.61
N LEU B 561 26.50 10.91 16.71
CA LEU B 561 25.38 10.24 16.10
C LEU B 561 25.92 9.05 15.32
N LEU B 562 27.20 9.14 14.97
CA LEU B 562 27.89 8.10 14.21
C LEU B 562 28.22 6.89 15.09
N ASP B 563 28.62 7.17 16.33
CA ASP B 563 28.99 6.11 17.26
C ASP B 563 27.78 5.29 17.73
N GLU B 564 26.61 5.91 17.72
CA GLU B 564 25.40 5.23 18.16
C GLU B 564 24.57 4.68 17.00
N LEU B 565 24.70 5.29 15.82
CA LEU B 565 23.96 4.81 14.65
C LEU B 565 24.45 3.41 14.32
N ILE B 566 25.69 3.12 14.70
CA ILE B 566 26.29 1.80 14.46
C ILE B 566 25.82 0.87 15.58
N CYS B 567 25.37 1.47 16.68
CA CYS B 567 24.89 0.70 17.83
C CYS B 567 23.63 -0.06 17.44
N TYR B 568 23.28 0.03 16.16
CA TYR B 568 22.10 -0.63 15.61
C TYR B 568 22.06 -0.43 14.10
N ILE B 569 22.79 -1.30 13.38
CA ILE B 569 22.89 -1.25 11.93
C ILE B 569 21.87 -2.16 11.24
N GLY B 570 21.64 -3.33 11.84
CA GLY B 570 20.70 -4.27 11.26
C GLY B 570 19.35 -3.65 11.02
N THR B 571 18.96 -2.75 11.91
CA THR B 571 17.69 -2.07 11.83
C THR B 571 17.63 -1.12 10.64
N LEU B 572 16.41 -0.73 10.24
CA LEU B 572 16.24 0.16 9.11
C LEU B 572 16.70 1.58 9.46
N ALA B 573 16.55 1.94 10.73
CA ALA B 573 16.94 3.27 11.20
C ALA B 573 18.45 3.44 11.27
N SER B 574 19.17 2.61 10.54
CA SER B 574 20.63 2.68 10.52
C SER B 574 21.11 3.46 9.30
N VAL B 575 20.42 3.27 8.18
CA VAL B 575 20.74 3.93 6.93
C VAL B 575 20.66 5.45 7.02
N TYR B 576 20.76 5.99 8.22
CA TYR B 576 20.69 7.43 8.44
C TYR B 576 21.89 7.91 9.25
N SER C 2 11.55 -8.48 14.26
CA SER C 2 10.61 -7.56 14.97
C SER C 2 9.43 -7.20 14.08
N ALA C 3 9.31 -7.89 12.95
CA ALA C 3 8.24 -7.64 12.00
C ALA C 3 6.88 -7.60 12.71
N SER C 4 5.89 -7.00 12.08
CA SER C 4 4.56 -6.88 12.67
C SER C 4 3.43 -7.18 11.67
N ALA C 5 3.72 -7.00 10.39
CA ALA C 5 2.73 -7.24 9.35
C ALA C 5 3.36 -7.93 8.14
N VAL C 6 2.59 -8.79 7.48
CA VAL C 6 3.07 -9.52 6.31
C VAL C 6 1.95 -9.60 5.29
N TYR C 7 2.19 -9.07 4.09
CA TYR C 7 1.17 -9.09 3.05
C TYR C 7 1.68 -9.71 1.74
N VAL C 8 0.74 -10.23 0.97
CA VAL C 8 1.04 -10.83 -0.33
C VAL C 8 0.20 -10.07 -1.34
N LEU C 9 0.83 -9.52 -2.37
CA LEU C 9 0.10 -8.76 -3.36
C LEU C 9 0.34 -9.25 -4.79
N ASP C 10 -0.60 -8.93 -5.66
CA ASP C 10 -0.51 -9.32 -7.08
C ASP C 10 -0.61 -8.06 -7.93
N LEU C 11 0.32 -7.92 -8.87
CA LEU C 11 0.39 -6.77 -9.78
C LEU C 11 -0.46 -5.58 -9.37
N LYS C 12 -1.77 -5.69 -9.53
CA LYS C 12 -2.70 -4.62 -9.18
C LYS C 12 -2.40 -4.01 -7.82
N GLY C 13 -1.62 -4.71 -7.00
CA GLY C 13 -1.26 -4.21 -5.69
C GLY C 13 -2.31 -4.44 -4.62
N LYS C 14 -3.36 -5.18 -4.96
CA LYS C 14 -4.42 -5.46 -3.99
C LYS C 14 -4.06 -6.69 -3.17
N VAL C 15 -4.45 -6.68 -1.90
CA VAL C 15 -4.18 -7.78 -0.99
C VAL C 15 -4.53 -9.14 -1.59
N LEU C 16 -3.51 -9.88 -2.01
CA LEU C 16 -3.69 -11.20 -2.60
C LEU C 16 -3.99 -12.20 -1.49
N ILE C 17 -3.26 -12.08 -0.38
CA ILE C 17 -3.43 -12.96 0.77
C ILE C 17 -2.45 -12.53 1.86
N CYS C 18 -2.71 -12.87 3.11
CA CYS C 18 -1.81 -12.47 4.20
C CYS C 18 -2.25 -12.81 5.61
N ARG C 19 -1.36 -12.51 6.56
CA ARG C 19 -1.58 -12.75 7.99
C ARG C 19 -0.86 -11.68 8.82
N ASN C 20 -1.57 -11.10 9.78
CA ASN C 20 -1.00 -10.08 10.65
C ASN C 20 -0.45 -10.75 11.91
N TYR C 21 0.86 -10.62 12.14
CA TYR C 21 1.50 -11.24 13.30
C TYR C 21 1.65 -10.32 14.51
N ARG C 22 1.17 -9.09 14.42
CA ARG C 22 1.30 -8.16 15.54
C ARG C 22 0.12 -7.21 15.66
N GLY C 23 0.40 -5.95 15.96
CA GLY C 23 -0.65 -4.96 16.11
C GLY C 23 -0.44 -3.70 15.32
N ASP C 24 -0.86 -3.71 14.06
CA ASP C 24 -0.73 -2.55 13.19
C ASP C 24 -2.10 -2.29 12.56
N VAL C 25 -2.35 -1.04 12.18
CA VAL C 25 -3.63 -0.68 11.57
C VAL C 25 -4.01 -1.70 10.50
N ASP C 26 -3.00 -2.25 9.84
CA ASP C 26 -3.19 -3.25 8.80
C ASP C 26 -4.12 -2.84 7.66
N MET C 27 -5.42 -3.01 7.88
CA MET C 27 -6.44 -2.69 6.88
C MET C 27 -6.05 -1.59 5.89
N SER C 28 -5.73 -0.41 6.40
CA SER C 28 -5.34 0.71 5.55
C SER C 28 -3.99 0.48 4.86
N GLU C 29 -3.03 1.36 5.15
CA GLU C 29 -1.68 1.29 4.58
C GLU C 29 -1.50 0.38 3.38
N VAL C 30 -1.58 -0.94 3.60
CA VAL C 30 -1.43 -1.92 2.52
C VAL C 30 -2.21 -1.51 1.28
N GLU C 31 -3.29 -0.76 1.47
CA GLU C 31 -4.12 -0.31 0.36
C GLU C 31 -3.50 0.90 -0.33
N HIS C 32 -2.91 1.81 0.46
CA HIS C 32 -2.28 3.00 -0.09
C HIS C 32 -0.87 2.70 -0.62
N PHE C 33 -0.44 1.46 -0.45
CA PHE C 33 0.89 1.05 -0.91
C PHE C 33 1.12 1.38 -2.38
N MET C 34 0.41 0.68 -3.26
CA MET C 34 0.53 0.88 -4.71
C MET C 34 0.48 2.34 -5.12
N PRO C 35 -0.55 3.09 -4.68
CA PRO C 35 -0.67 4.51 -5.04
C PRO C 35 0.63 5.29 -4.84
N ILE C 36 1.31 5.01 -3.73
CA ILE C 36 2.56 5.68 -3.41
C ILE C 36 3.70 5.13 -4.27
N LEU C 37 3.61 3.85 -4.61
CA LEU C 37 4.62 3.19 -5.43
C LEU C 37 4.80 3.89 -6.76
N MET C 38 3.75 3.85 -7.59
CA MET C 38 3.76 4.47 -8.90
C MET C 38 4.34 5.87 -8.87
N GLU C 39 3.86 6.70 -7.93
CA GLU C 39 4.34 8.06 -7.81
C GLU C 39 5.81 8.13 -7.42
N LYS C 40 6.21 7.34 -6.43
CA LYS C 40 7.60 7.33 -5.99
C LYS C 40 8.55 6.79 -7.04
N GLU C 41 8.02 6.55 -8.25
CA GLU C 41 8.83 6.06 -9.36
C GLU C 41 9.14 7.23 -10.29
N GLU C 42 8.14 8.07 -10.50
CA GLU C 42 8.32 9.25 -11.35
C GLU C 42 9.46 10.09 -10.80
N GLU C 43 9.49 10.24 -9.48
CA GLU C 43 10.54 11.01 -8.82
C GLU C 43 11.88 10.30 -8.98
N GLY C 44 11.84 9.05 -9.43
CA GLY C 44 13.06 8.28 -9.61
C GLY C 44 13.48 7.62 -8.31
N MET C 45 13.02 8.19 -7.20
CA MET C 45 13.33 7.67 -5.88
C MET C 45 12.52 6.40 -5.60
N LEU C 46 12.80 5.36 -6.37
CA LEU C 46 12.10 4.09 -6.22
C LEU C 46 12.67 3.37 -5.00
N SER C 47 12.45 3.93 -3.82
CA SER C 47 12.96 3.34 -2.59
C SER C 47 12.26 2.03 -2.25
N PRO C 48 13.05 0.97 -1.98
CA PRO C 48 12.53 -0.36 -1.64
C PRO C 48 11.64 -0.36 -0.40
N ILE C 49 11.53 0.79 0.26
CA ILE C 49 10.71 0.92 1.46
C ILE C 49 9.87 2.19 1.40
N LEU C 50 8.60 2.05 1.02
CA LEU C 50 7.70 3.20 0.94
C LEU C 50 7.25 3.62 2.33
N ALA C 51 6.91 4.90 2.48
CA ALA C 51 6.46 5.43 3.76
C ALA C 51 5.09 6.08 3.65
N HIS C 52 4.24 5.81 4.64
CA HIS C 52 2.89 6.36 4.66
C HIS C 52 2.29 6.29 6.06
N GLY C 53 2.22 7.44 6.71
CA GLY C 53 1.66 7.51 8.06
C GLY C 53 2.46 6.70 9.08
N GLY C 54 3.78 6.78 8.98
CA GLY C 54 4.63 6.05 9.91
C GLY C 54 4.49 4.55 9.76
N VAL C 55 4.48 4.08 8.52
CA VAL C 55 4.35 2.66 8.23
C VAL C 55 5.34 2.28 7.12
N ARG C 56 6.29 1.41 7.46
CA ARG C 56 7.29 0.97 6.49
C ARG C 56 6.79 -0.12 5.56
N PHE C 57 7.36 -0.17 4.36
CA PHE C 57 6.96 -1.17 3.37
C PHE C 57 8.15 -1.92 2.77
N MET C 58 8.35 -3.15 3.21
CA MET C 58 9.43 -3.98 2.70
C MET C 58 8.86 -4.89 1.61
N TRP C 59 9.26 -4.64 0.37
CA TRP C 59 8.74 -5.43 -0.76
C TRP C 59 9.80 -6.10 -1.62
N ILE C 60 9.41 -7.23 -2.21
CA ILE C 60 10.28 -7.99 -3.11
C ILE C 60 9.43 -8.33 -4.33
N LYS C 61 9.99 -8.12 -5.53
CA LYS C 61 9.28 -8.40 -6.76
C LYS C 61 9.57 -9.78 -7.35
N HIS C 62 8.51 -10.58 -7.48
CA HIS C 62 8.63 -11.91 -8.05
C HIS C 62 7.71 -12.00 -9.27
N ASN C 63 7.75 -13.12 -9.97
CA ASN C 63 6.93 -13.32 -11.16
C ASN C 63 5.46 -13.03 -10.95
N ASN C 64 5.00 -11.93 -11.53
CA ASN C 64 3.60 -11.52 -11.45
C ASN C 64 3.08 -11.36 -10.02
N LEU C 65 3.98 -11.04 -9.09
CA LEU C 65 3.57 -10.88 -7.69
C LEU C 65 4.40 -9.88 -6.88
N TYR C 66 3.70 -9.04 -6.12
CA TYR C 66 4.34 -8.05 -5.26
C TYR C 66 4.23 -8.49 -3.81
N LEU C 67 5.31 -9.01 -3.24
CA LEU C 67 5.28 -9.46 -1.85
C LEU C 67 5.70 -8.28 -0.98
N VAL C 68 4.97 -8.04 0.10
CA VAL C 68 5.29 -6.91 0.98
C VAL C 68 5.19 -7.22 2.47
N ALA C 69 5.99 -6.50 3.26
CA ALA C 69 6.02 -6.64 4.70
C ALA C 69 5.73 -5.27 5.30
N THR C 70 5.25 -5.25 6.54
CA THR C 70 4.93 -3.98 7.20
C THR C 70 5.15 -4.02 8.70
N SER C 71 5.56 -2.89 9.27
CA SER C 71 5.81 -2.78 10.70
C SER C 71 6.26 -1.36 11.07
N LYS C 72 5.61 -0.80 12.08
CA LYS C 72 5.96 0.55 12.55
C LYS C 72 7.14 0.45 13.49
N LYS C 73 7.21 -0.66 14.24
CA LYS C 73 8.30 -0.88 15.17
C LYS C 73 9.60 -1.00 14.39
N ASN C 74 10.71 -0.60 15.01
CA ASN C 74 12.01 -0.68 14.36
C ASN C 74 12.21 -2.12 13.90
N ALA C 75 12.08 -2.34 12.60
CA ALA C 75 12.24 -3.67 12.04
C ALA C 75 13.66 -3.88 11.53
N CYS C 76 14.17 -5.09 11.77
CA CYS C 76 15.51 -5.46 11.33
C CYS C 76 15.41 -5.80 9.85
N VAL C 77 15.07 -4.78 9.06
CA VAL C 77 14.91 -4.91 7.61
C VAL C 77 15.73 -6.04 7.00
N SER C 78 16.99 -6.15 7.43
CA SER C 78 17.87 -7.19 6.94
C SER C 78 17.14 -8.53 6.88
N LEU C 79 16.80 -9.06 8.04
CA LEU C 79 16.10 -10.34 8.13
C LEU C 79 14.82 -10.32 7.30
N VAL C 80 14.14 -9.17 7.30
CA VAL C 80 12.90 -9.01 6.56
C VAL C 80 12.97 -9.59 5.15
N PHE C 81 13.63 -8.88 4.24
CA PHE C 81 13.77 -9.33 2.86
C PHE C 81 14.36 -10.73 2.78
N SER C 82 15.38 -10.98 3.59
CA SER C 82 16.03 -12.28 3.60
C SER C 82 14.96 -13.37 3.80
N PHE C 83 14.08 -13.12 4.76
CA PHE C 83 13.00 -14.07 5.05
C PHE C 83 12.03 -14.10 3.88
N LEU C 84 11.50 -12.94 3.51
CA LEU C 84 10.57 -12.83 2.39
C LEU C 84 11.01 -13.70 1.21
N TYR C 85 12.30 -13.62 0.88
CA TYR C 85 12.83 -14.40 -0.23
C TYR C 85 12.82 -15.88 0.14
N LYS C 86 13.38 -16.19 1.31
CA LYS C 86 13.42 -17.57 1.79
C LYS C 86 12.01 -18.14 1.77
N VAL C 87 11.03 -17.27 2.00
CA VAL C 87 9.63 -17.68 1.99
C VAL C 87 9.31 -18.15 0.57
N VAL C 88 9.75 -17.35 -0.40
CA VAL C 88 9.55 -17.68 -1.81
C VAL C 88 10.14 -19.07 -2.03
N GLN C 89 11.35 -19.27 -1.54
CA GLN C 89 12.04 -20.55 -1.66
C GLN C 89 11.12 -21.68 -1.20
N VAL C 90 10.51 -21.49 -0.03
CA VAL C 90 9.60 -22.47 0.54
C VAL C 90 8.41 -22.77 -0.36
N PHE C 91 7.70 -21.72 -0.78
CA PHE C 91 6.54 -21.87 -1.63
C PHE C 91 6.90 -22.20 -3.08
N SER C 92 7.95 -21.59 -3.59
CA SER C 92 8.40 -21.83 -4.96
C SER C 92 8.76 -23.29 -5.18
N GLU C 93 8.80 -24.06 -4.10
CA GLU C 93 9.15 -25.48 -4.19
C GLU C 93 7.93 -26.36 -3.98
N TYR C 94 7.00 -25.92 -3.12
CA TYR C 94 5.79 -26.69 -2.86
C TYR C 94 4.96 -26.81 -4.14
N PHE C 95 4.83 -25.69 -4.84
CA PHE C 95 4.07 -25.65 -6.10
C PHE C 95 4.89 -24.91 -7.15
N LYS C 96 5.21 -25.61 -8.23
CA LYS C 96 6.00 -25.10 -9.34
C LYS C 96 6.55 -23.67 -9.18
N GLU C 97 5.70 -22.67 -9.37
CA GLU C 97 6.14 -21.28 -9.25
C GLU C 97 5.14 -20.39 -8.53
N LEU C 98 5.63 -19.27 -8.01
CA LEU C 98 4.78 -18.32 -7.29
C LEU C 98 4.09 -17.43 -8.32
N GLU C 99 2.76 -17.47 -8.34
CA GLU C 99 2.00 -16.69 -9.29
C GLU C 99 0.60 -16.43 -8.74
N GLU C 100 -0.08 -15.42 -9.29
CA GLU C 100 -1.43 -15.09 -8.84
C GLU C 100 -2.28 -16.36 -8.85
N GLU C 101 -2.13 -17.12 -9.92
CA GLU C 101 -2.87 -18.36 -10.09
C GLU C 101 -2.36 -19.42 -9.11
N SER C 102 -1.07 -19.39 -8.84
CA SER C 102 -0.45 -20.34 -7.91
C SER C 102 -1.13 -20.23 -6.56
N ILE C 103 -1.23 -19.00 -6.06
CA ILE C 103 -1.86 -18.72 -4.77
C ILE C 103 -3.36 -18.99 -4.87
N ARG C 104 -3.92 -18.68 -6.04
CA ARG C 104 -5.34 -18.87 -6.30
C ARG C 104 -5.89 -20.18 -5.73
N ASP C 105 -5.08 -21.22 -5.76
CA ASP C 105 -5.51 -22.52 -5.26
C ASP C 105 -5.00 -22.83 -3.85
N ASN C 106 -3.69 -22.66 -3.65
CA ASN C 106 -3.05 -22.94 -2.37
C ASN C 106 -3.50 -22.07 -1.20
N PHE C 107 -4.53 -21.25 -1.41
CA PHE C 107 -5.04 -20.38 -0.35
C PHE C 107 -5.01 -21.06 1.03
N VAL C 108 -5.80 -22.10 1.19
CA VAL C 108 -5.88 -22.84 2.45
C VAL C 108 -4.52 -23.13 3.07
N ILE C 109 -3.77 -24.05 2.47
CA ILE C 109 -2.45 -24.42 2.99
C ILE C 109 -1.56 -23.22 3.29
N ILE C 110 -1.51 -22.27 2.36
CA ILE C 110 -0.68 -21.08 2.54
C ILE C 110 -0.86 -20.53 3.95
N TYR C 111 -2.11 -20.29 4.35
CA TYR C 111 -2.38 -19.78 5.69
C TYR C 111 -1.65 -20.66 6.69
N GLU C 112 -1.82 -21.96 6.53
CA GLU C 112 -1.19 -22.96 7.40
C GLU C 112 0.32 -22.73 7.45
N LEU C 113 0.95 -22.60 6.29
CA LEU C 113 2.39 -22.38 6.24
C LEU C 113 2.76 -21.09 6.95
N LEU C 114 1.93 -20.07 6.81
CA LEU C 114 2.17 -18.79 7.45
C LEU C 114 2.39 -19.01 8.95
N ASP C 115 1.44 -19.67 9.59
CA ASP C 115 1.52 -19.95 11.01
C ASP C 115 2.80 -20.68 11.39
N GLU C 116 3.37 -21.42 10.45
CA GLU C 116 4.60 -22.16 10.71
C GLU C 116 5.82 -21.51 10.07
N LEU C 117 5.62 -20.35 9.47
CA LEU C 117 6.70 -19.62 8.81
C LEU C 117 7.37 -18.69 9.82
N MET C 118 6.58 -18.17 10.75
CA MET C 118 7.08 -17.26 11.78
C MET C 118 6.00 -17.06 12.84
N ASP C 119 6.29 -16.21 13.82
CA ASP C 119 5.32 -15.92 14.88
C ASP C 119 5.59 -14.56 15.51
N PHE C 120 4.52 -13.77 15.65
CA PHE C 120 4.62 -12.44 16.24
C PHE C 120 5.77 -11.67 15.59
N GLY C 121 5.93 -11.86 14.29
CA GLY C 121 7.00 -11.19 13.57
C GLY C 121 8.25 -12.04 13.45
N TYR C 122 8.79 -12.48 14.59
CA TYR C 122 9.98 -13.31 14.62
C TYR C 122 9.78 -14.60 13.83
N PRO C 123 10.51 -14.75 12.71
CA PRO C 123 10.45 -15.91 11.82
C PRO C 123 10.88 -17.25 12.43
N GLN C 124 9.91 -18.11 12.73
CA GLN C 124 10.24 -19.42 13.28
C GLN C 124 10.93 -20.17 12.12
N THR C 125 12.14 -20.64 12.37
CA THR C 125 12.92 -21.36 11.35
C THR C 125 12.03 -22.15 10.40
N THR C 126 12.27 -22.00 9.11
CA THR C 126 11.49 -22.71 8.09
C THR C 126 12.21 -22.76 6.75
N ASP C 127 11.90 -23.80 5.98
CA ASP C 127 12.48 -23.99 4.65
C ASP C 127 11.67 -25.08 3.95
N SER C 128 11.48 -24.92 2.65
CA SER C 128 10.71 -25.88 1.85
C SER C 128 10.58 -27.28 2.45
N LYS C 129 11.64 -28.08 2.36
CA LYS C 129 11.60 -29.44 2.90
C LYS C 129 11.37 -29.52 4.40
N ILE C 130 11.94 -28.58 5.15
CA ILE C 130 11.78 -28.58 6.60
C ILE C 130 10.32 -28.32 6.96
N LEU C 131 9.52 -27.99 5.95
CA LEU C 131 8.11 -27.69 6.17
C LEU C 131 7.18 -28.78 5.63
N GLN C 132 7.76 -29.75 4.92
CA GLN C 132 6.99 -30.84 4.33
C GLN C 132 5.97 -31.47 5.29
N GLU C 133 6.38 -31.68 6.53
CA GLU C 133 5.48 -32.26 7.53
C GLU C 133 4.35 -31.32 7.90
N TYR C 134 3.94 -30.49 6.95
CA TYR C 134 2.86 -29.53 7.17
C TYR C 134 2.06 -29.34 5.88
N ARG C 148 5.77 -36.83 13.30
CA ARG C 148 7.10 -36.30 13.06
C ARG C 148 7.21 -34.79 13.24
N PRO C 149 6.23 -34.01 12.72
CA PRO C 149 6.29 -32.56 12.88
C PRO C 149 6.58 -32.05 14.29
N PRO C 150 6.05 -32.72 15.33
CA PRO C 150 6.34 -32.22 16.67
C PRO C 150 7.81 -32.40 17.03
N ALA C 151 8.36 -33.57 16.71
CA ALA C 151 9.76 -33.87 17.01
C ALA C 151 10.74 -33.24 16.03
N THR C 152 10.77 -33.76 14.81
CA THR C 152 11.69 -33.27 13.77
C THR C 152 12.08 -31.81 13.91
N VAL C 153 11.13 -30.98 14.31
CA VAL C 153 11.38 -29.54 14.47
C VAL C 153 11.85 -29.19 15.87
N THR C 154 11.03 -29.54 16.87
CA THR C 154 11.34 -29.25 18.27
C THR C 154 12.79 -29.52 18.64
N ASN C 155 13.42 -30.47 17.93
CA ASN C 155 14.80 -30.84 18.18
C ASN C 155 15.78 -29.85 17.56
N ALA C 156 17.04 -29.92 18.00
CA ALA C 156 18.06 -29.03 17.49
C ALA C 156 18.34 -29.29 16.00
N VAL C 157 18.39 -30.57 15.63
CA VAL C 157 18.66 -30.96 14.26
C VAL C 157 17.41 -30.97 13.38
N SER C 158 16.79 -29.82 13.21
CA SER C 158 15.58 -29.70 12.40
C SER C 158 15.87 -29.59 10.90
N TRP C 159 16.82 -28.72 10.55
CA TRP C 159 17.19 -28.47 9.16
C TRP C 159 16.88 -29.56 8.13
N ARG C 160 17.49 -30.73 8.26
CA ARG C 160 17.25 -31.79 7.29
C ARG C 160 17.99 -33.07 7.63
N SER C 161 17.64 -33.68 8.77
CA SER C 161 18.28 -34.91 9.20
C SER C 161 17.40 -35.63 10.21
N GLU C 162 17.30 -36.95 10.08
CA GLU C 162 16.49 -37.77 10.98
C GLU C 162 17.00 -39.20 11.02
N GLY C 163 17.20 -39.78 9.84
CA GLY C 163 17.66 -41.15 9.74
C GLY C 163 16.97 -41.81 8.57
N ILE C 164 17.32 -41.38 7.37
CA ILE C 164 16.72 -41.90 6.14
C ILE C 164 17.61 -42.87 5.38
N LYS C 165 17.13 -43.25 4.19
CA LYS C 165 17.82 -44.18 3.30
C LYS C 165 17.08 -44.17 1.97
N TYR C 166 17.83 -44.22 0.88
CA TYR C 166 17.23 -44.22 -0.45
C TYR C 166 17.72 -45.38 -1.30
N ARG C 167 17.03 -45.61 -2.42
CA ARG C 167 17.37 -46.68 -3.35
C ARG C 167 18.87 -46.74 -3.56
N LYS C 168 19.40 -45.69 -4.17
CA LYS C 168 20.82 -45.58 -4.45
C LYS C 168 21.40 -44.36 -3.76
N ASN C 169 22.57 -44.53 -3.16
CA ASN C 169 23.24 -43.43 -2.46
C ASN C 169 24.38 -42.83 -3.27
N GLU C 170 24.16 -41.62 -3.80
CA GLU C 170 25.16 -40.93 -4.59
C GLU C 170 25.05 -39.42 -4.43
N VAL C 171 26.19 -38.74 -4.48
CA VAL C 171 26.24 -37.29 -4.34
C VAL C 171 26.88 -36.67 -5.58
N PHE C 172 26.56 -35.41 -5.86
CA PHE C 172 27.12 -34.72 -7.01
C PHE C 172 27.55 -33.30 -6.65
N LEU C 173 28.84 -33.01 -6.87
CA LEU C 173 29.38 -31.68 -6.57
C LEU C 173 29.44 -30.85 -7.85
N ASP C 174 28.84 -29.67 -7.82
CA ASP C 174 28.80 -28.79 -8.98
C ASP C 174 29.51 -27.46 -8.74
N VAL C 175 30.61 -27.25 -9.45
CA VAL C 175 31.38 -26.01 -9.31
C VAL C 175 30.82 -24.93 -10.25
N ILE C 176 29.73 -24.27 -9.84
CA ILE C 176 29.17 -23.22 -10.67
C ILE C 176 29.89 -21.92 -10.38
N GLU C 177 30.32 -21.26 -11.44
CA GLU C 177 31.07 -20.02 -11.31
C GLU C 177 30.62 -19.03 -12.38
N ALA C 178 30.38 -17.78 -11.99
CA ALA C 178 29.95 -16.74 -12.91
C ALA C 178 31.10 -15.76 -13.15
N VAL C 179 31.31 -15.38 -14.41
CA VAL C 179 32.39 -14.46 -14.76
C VAL C 179 32.04 -12.98 -14.52
N ASN C 180 32.70 -12.38 -13.53
CA ASN C 180 32.47 -10.99 -13.20
C ASN C 180 33.37 -10.08 -14.02
N LEU C 181 32.87 -9.61 -15.16
CA LEU C 181 33.66 -8.72 -16.00
C LEU C 181 33.12 -7.30 -16.01
N LEU C 182 34.04 -6.36 -16.19
CA LEU C 182 33.74 -4.94 -16.26
C LEU C 182 34.91 -4.28 -16.98
N VAL C 183 34.71 -3.99 -18.26
CA VAL C 183 35.76 -3.38 -19.06
C VAL C 183 35.37 -1.97 -19.51
N SER C 184 35.91 -0.99 -18.79
CA SER C 184 35.68 0.42 -19.02
C SER C 184 35.73 0.86 -20.49
N ALA C 185 35.27 2.09 -20.72
CA ALA C 185 35.22 2.71 -22.04
C ALA C 185 36.36 2.35 -22.98
N ASN C 186 37.59 2.67 -22.58
CA ASN C 186 38.76 2.40 -23.42
C ASN C 186 39.36 1.00 -23.29
N GLY C 187 38.51 0.03 -22.97
CA GLY C 187 38.99 -1.34 -22.85
C GLY C 187 39.94 -1.63 -21.70
N ASN C 188 39.47 -1.43 -20.47
CA ASN C 188 40.29 -1.69 -19.29
C ASN C 188 39.36 -2.19 -18.19
N VAL C 189 39.74 -3.29 -17.55
CA VAL C 189 38.92 -3.87 -16.49
C VAL C 189 39.23 -3.34 -15.09
N LEU C 190 38.26 -2.64 -14.52
CA LEU C 190 38.40 -2.09 -13.17
C LEU C 190 37.86 -3.12 -12.19
N ARG C 191 36.98 -3.99 -12.69
CA ARG C 191 36.41 -5.05 -11.87
C ARG C 191 36.56 -6.39 -12.56
N SER C 192 37.61 -7.13 -12.18
CA SER C 192 37.89 -8.43 -12.74
C SER C 192 37.70 -9.51 -11.67
N GLU C 193 36.78 -10.42 -11.91
CA GLU C 193 36.51 -11.49 -10.95
C GLU C 193 35.58 -12.55 -11.54
N ILE C 194 35.42 -13.65 -10.82
CA ILE C 194 34.55 -14.74 -11.25
C ILE C 194 33.88 -15.39 -10.04
N VAL C 195 32.72 -14.87 -9.65
CA VAL C 195 31.98 -15.40 -8.51
C VAL C 195 31.54 -16.83 -8.80
N GLY C 196 30.78 -17.41 -7.87
CA GLY C 196 30.31 -18.77 -8.05
C GLY C 196 29.95 -19.48 -6.75
N SER C 197 29.31 -20.64 -6.90
CA SER C 197 28.89 -21.45 -5.75
C SER C 197 29.06 -22.95 -6.05
N ILE C 198 28.63 -23.79 -5.11
CA ILE C 198 28.74 -25.24 -5.29
C ILE C 198 27.43 -25.93 -4.92
N LYS C 199 26.57 -26.10 -5.92
CA LYS C 199 25.27 -26.75 -5.75
C LYS C 199 25.50 -28.23 -5.48
N MET C 200 25.20 -28.66 -4.26
CA MET C 200 25.39 -30.06 -3.87
C MET C 200 24.16 -30.95 -3.98
N ARG C 201 24.24 -31.94 -4.86
CA ARG C 201 23.15 -32.90 -5.05
C ARG C 201 23.37 -34.07 -4.10
N VAL C 202 22.41 -34.33 -3.23
CA VAL C 202 22.53 -35.41 -2.26
C VAL C 202 21.43 -36.48 -2.29
N PHE C 203 21.88 -37.73 -2.27
CA PHE C 203 21.00 -38.89 -2.27
C PHE C 203 21.67 -39.93 -1.36
N LEU C 204 21.80 -39.59 -0.07
CA LEU C 204 22.45 -40.47 0.90
C LEU C 204 21.47 -41.08 1.89
N SER C 205 22.00 -41.49 3.04
CA SER C 205 21.18 -42.12 4.07
C SER C 205 21.70 -41.84 5.49
N GLY C 206 20.79 -41.91 6.46
CA GLY C 206 21.16 -41.68 7.84
C GLY C 206 21.64 -40.27 8.12
N MET C 207 22.65 -40.16 8.98
CA MET C 207 23.23 -38.86 9.33
C MET C 207 24.68 -38.85 8.91
N PRO C 208 24.94 -38.78 7.60
CA PRO C 208 26.30 -38.77 7.05
C PRO C 208 27.06 -37.46 7.27
N GLU C 209 28.33 -37.57 7.62
CA GLU C 209 29.18 -36.40 7.83
C GLU C 209 30.22 -36.40 6.72
N LEU C 210 30.32 -35.30 5.98
CA LEU C 210 31.26 -35.21 4.89
C LEU C 210 32.21 -34.02 4.95
N ARG C 211 33.51 -34.32 4.94
CA ARG C 211 34.54 -33.29 4.97
C ARG C 211 34.87 -32.97 3.51
N LEU C 212 35.58 -31.87 3.27
CA LEU C 212 35.92 -31.50 1.91
C LEU C 212 36.96 -30.38 1.86
N GLY C 213 37.89 -30.49 0.92
CA GLY C 213 38.93 -29.50 0.79
C GLY C 213 39.01 -28.97 -0.63
N LEU C 214 39.95 -28.07 -0.88
CA LEU C 214 40.12 -27.48 -2.20
C LEU C 214 41.56 -26.98 -2.32
N ASN C 215 41.74 -25.69 -2.06
CA ASN C 215 43.07 -25.08 -2.12
C ASN C 215 43.22 -24.18 -0.90
N ASP C 216 44.37 -24.28 -0.23
CA ASP C 216 44.63 -23.47 0.96
C ASP C 216 46.03 -23.76 1.49
N VAL C 231 46.36 -22.05 -6.72
CA VAL C 231 45.66 -20.87 -6.24
C VAL C 231 44.32 -21.24 -5.63
N GLU C 232 43.82 -20.40 -4.73
CA GLU C 232 42.54 -20.65 -4.07
C GLU C 232 41.51 -19.54 -4.29
N LEU C 233 41.17 -18.80 -3.23
CA LEU C 233 40.18 -17.75 -3.39
C LEU C 233 40.22 -16.70 -2.27
N GLU C 234 39.25 -15.79 -2.29
CA GLU C 234 39.17 -14.72 -1.29
C GLU C 234 38.22 -15.06 -0.16
N ASP C 235 37.04 -14.44 -0.16
CA ASP C 235 36.05 -14.68 0.88
C ASP C 235 35.19 -15.90 0.55
N VAL C 236 34.48 -16.41 1.55
CA VAL C 236 33.64 -17.58 1.35
C VAL C 236 32.48 -17.70 2.34
N LYS C 237 31.28 -17.92 1.80
CA LYS C 237 30.08 -18.10 2.62
C LYS C 237 29.54 -19.49 2.33
N PHE C 238 29.29 -20.27 3.37
CA PHE C 238 28.79 -21.64 3.22
C PHE C 238 27.29 -21.76 3.39
N HIS C 239 26.85 -22.98 3.71
CA HIS C 239 25.44 -23.27 3.92
C HIS C 239 25.21 -23.58 5.40
N GLN C 240 23.96 -23.49 5.84
CA GLN C 240 23.56 -23.73 7.24
C GLN C 240 24.33 -24.82 7.99
N CYS C 241 24.20 -26.06 7.54
CA CYS C 241 24.84 -27.20 8.19
C CYS C 241 26.36 -27.15 8.42
N VAL C 242 27.00 -26.05 8.05
CA VAL C 242 28.45 -25.95 8.26
C VAL C 242 28.80 -25.51 9.67
N ARG C 243 29.72 -26.23 10.31
CA ARG C 243 30.15 -25.89 11.67
C ARG C 243 31.16 -24.76 11.61
N LEU C 244 30.66 -23.54 11.44
CA LEU C 244 31.49 -22.34 11.37
C LEU C 244 32.57 -22.30 12.46
N SER C 245 32.17 -22.57 13.70
CA SER C 245 33.12 -22.55 14.82
C SER C 245 34.06 -23.74 14.71
N ARG C 246 34.15 -24.33 13.52
CA ARG C 246 35.02 -25.47 13.29
C ARG C 246 35.75 -25.28 11.95
N PHE C 247 35.25 -24.36 11.13
CA PHE C 247 35.87 -24.07 9.84
C PHE C 247 36.92 -22.99 10.01
N GLU C 248 36.47 -21.79 10.36
CA GLU C 248 37.35 -20.64 10.57
C GLU C 248 38.51 -21.01 11.47
N ASN C 249 38.37 -22.11 12.21
CA ASN C 249 39.39 -22.57 13.13
C ASN C 249 40.15 -23.79 12.64
N ASP C 250 39.86 -24.25 11.43
CA ASP C 250 40.53 -25.43 10.89
C ASP C 250 40.46 -25.51 9.37
N ARG C 251 39.88 -24.50 8.73
CA ARG C 251 39.75 -24.45 7.28
C ARG C 251 38.91 -25.62 6.75
N THR C 252 38.70 -26.63 7.59
CA THR C 252 37.91 -27.79 7.21
C THR C 252 36.44 -27.40 7.09
N ILE C 253 35.69 -28.15 6.30
CA ILE C 253 34.27 -27.86 6.12
C ILE C 253 33.39 -29.08 6.40
N SER C 254 33.41 -29.53 7.65
CA SER C 254 32.62 -30.68 8.08
C SER C 254 31.19 -30.19 8.29
N PHE C 255 30.21 -30.92 7.74
CA PHE C 255 28.81 -30.52 7.88
C PHE C 255 27.85 -31.69 7.83
N ILE C 256 26.61 -31.44 8.28
CA ILE C 256 25.55 -32.43 8.27
C ILE C 256 24.68 -32.09 7.05
N PRO C 257 24.95 -32.73 5.91
CA PRO C 257 24.26 -32.55 4.63
C PRO C 257 22.74 -32.74 4.56
N PRO C 258 22.02 -31.66 4.18
CA PRO C 258 20.57 -31.64 4.05
C PRO C 258 20.18 -32.21 2.69
N ASP C 259 19.43 -33.31 2.69
CA ASP C 259 19.01 -33.98 1.46
C ASP C 259 18.12 -33.14 0.53
N GLY C 260 18.65 -32.84 -0.64
CA GLY C 260 17.91 -32.06 -1.63
C GLY C 260 18.78 -31.07 -2.38
N GLU C 261 18.18 -30.00 -2.87
CA GLU C 261 18.92 -28.98 -3.60
C GLU C 261 19.29 -27.82 -2.67
N PHE C 262 20.58 -27.71 -2.37
CA PHE C 262 21.08 -26.65 -1.50
C PHE C 262 22.49 -26.27 -1.91
N GLU C 263 22.81 -24.98 -1.79
CA GLU C 263 24.13 -24.50 -2.14
C GLU C 263 25.09 -24.55 -0.95
N LEU C 264 26.12 -25.38 -1.08
CA LEU C 264 27.11 -25.55 -0.02
C LEU C 264 27.80 -24.24 0.34
N MET C 265 28.11 -23.42 -0.66
CA MET C 265 28.80 -22.16 -0.40
C MET C 265 28.98 -21.23 -1.60
N SER C 266 29.15 -19.94 -1.31
CA SER C 266 29.37 -18.90 -2.32
C SER C 266 30.79 -18.38 -2.12
N TYR C 267 31.44 -17.98 -3.22
CA TYR C 267 32.81 -17.50 -3.13
C TYR C 267 33.11 -16.28 -4.02
N ARG C 268 34.35 -15.81 -3.98
CA ARG C 268 34.77 -14.64 -4.76
C ARG C 268 36.24 -14.67 -5.13
N LEU C 269 36.53 -14.59 -6.44
CA LEU C 269 37.91 -14.59 -6.93
C LEU C 269 38.20 -13.33 -7.76
N ASN C 270 38.47 -12.23 -7.08
CA ASN C 270 38.76 -10.98 -7.77
C ASN C 270 40.26 -10.77 -7.97
N THR C 271 41.07 -11.57 -7.28
CA THR C 271 42.52 -11.47 -7.38
C THR C 271 43.06 -12.51 -8.35
N HIS C 272 44.23 -12.23 -8.92
CA HIS C 272 44.86 -13.12 -9.88
C HIS C 272 43.86 -13.59 -10.93
N VAL C 273 42.81 -12.79 -11.12
CA VAL C 273 41.77 -13.09 -12.09
C VAL C 273 42.24 -12.74 -13.49
N LYS C 274 42.73 -13.73 -14.22
CA LYS C 274 43.23 -13.55 -15.58
C LYS C 274 42.11 -13.09 -16.52
N PRO C 275 42.42 -12.17 -17.46
CA PRO C 275 41.40 -11.70 -18.39
C PRO C 275 40.65 -12.84 -19.06
N LEU C 276 39.49 -12.55 -19.66
CA LEU C 276 38.69 -13.60 -20.30
C LEU C 276 38.45 -13.37 -21.78
N ILE C 277 37.27 -13.75 -22.24
CA ILE C 277 36.90 -13.61 -23.65
C ILE C 277 36.99 -12.16 -24.08
N TRP C 278 37.68 -11.91 -25.20
CA TRP C 278 37.86 -10.57 -25.72
C TRP C 278 36.83 -10.20 -26.77
N ILE C 279 36.92 -8.98 -27.28
CA ILE C 279 36.00 -8.49 -28.31
C ILE C 279 36.32 -7.03 -28.63
N GLU C 280 36.48 -6.74 -29.91
CA GLU C 280 36.80 -5.38 -30.37
C GLU C 280 35.61 -4.83 -31.15
N SER C 281 35.36 -3.52 -31.01
CA SER C 281 34.24 -2.90 -31.71
C SER C 281 34.48 -1.43 -32.00
N VAL C 282 33.83 -0.92 -33.05
CA VAL C 282 33.95 0.48 -33.44
C VAL C 282 32.70 0.92 -34.17
N ILE C 283 32.31 2.18 -33.94
CA ILE C 283 31.12 2.74 -34.57
C ILE C 283 31.44 3.22 -35.99
N GLU C 284 30.42 3.76 -36.66
CA GLU C 284 30.60 4.28 -38.01
C GLU C 284 29.31 4.96 -38.46
N LYS C 285 29.32 6.28 -38.43
CA LYS C 285 28.15 7.07 -38.80
C LYS C 285 28.39 7.93 -40.04
N HIS C 286 27.60 7.69 -41.09
CA HIS C 286 27.71 8.44 -42.33
C HIS C 286 26.31 8.90 -42.72
N SER C 287 26.08 10.21 -42.69
CA SER C 287 24.77 10.78 -43.01
C SER C 287 23.71 10.16 -42.10
N HIS C 288 22.45 10.44 -42.41
CA HIS C 288 21.35 9.90 -41.62
C HIS C 288 20.69 8.71 -42.30
N SER C 289 21.44 8.01 -43.13
CA SER C 289 20.90 6.86 -43.84
C SER C 289 21.80 5.63 -43.80
N ARG C 290 22.94 5.74 -43.14
CA ARG C 290 23.86 4.59 -43.08
C ARG C 290 24.78 4.61 -41.86
N ILE C 291 24.44 3.85 -40.83
CA ILE C 291 25.26 3.75 -39.63
C ILE C 291 25.72 2.30 -39.56
N GLU C 292 27.03 2.08 -39.63
CA GLU C 292 27.59 0.73 -39.61
C GLU C 292 28.09 0.27 -38.25
N TYR C 293 28.80 -0.86 -38.25
CA TYR C 293 29.34 -1.43 -37.01
C TYR C 293 30.31 -2.59 -37.27
N MET C 294 31.44 -2.59 -36.57
CA MET C 294 32.45 -3.62 -36.71
C MET C 294 32.82 -4.25 -35.37
N VAL C 295 32.21 -5.38 -35.04
CA VAL C 295 32.48 -6.07 -33.79
C VAL C 295 33.18 -7.40 -33.99
N LYS C 296 34.26 -7.61 -33.24
CA LYS C 296 35.03 -8.84 -33.32
C LYS C 296 34.60 -9.74 -32.16
N ALA C 297 35.40 -10.76 -31.87
CA ALA C 297 35.09 -11.68 -30.79
C ALA C 297 36.22 -12.68 -30.55
N LYS C 298 37.08 -12.36 -29.58
CA LYS C 298 38.20 -13.23 -29.22
C LYS C 298 37.86 -13.80 -27.84
N SER C 299 38.69 -14.70 -27.33
CA SER C 299 38.44 -15.29 -26.02
C SER C 299 39.68 -15.92 -25.38
N GLN C 300 39.75 -15.83 -24.05
CA GLN C 300 40.88 -16.37 -23.31
C GLN C 300 40.52 -17.55 -22.42
N PHE C 301 41.17 -18.68 -22.66
CA PHE C 301 40.96 -19.89 -21.89
C PHE C 301 42.21 -20.76 -21.95
N LYS C 302 42.01 -22.07 -21.99
CA LYS C 302 43.11 -23.01 -22.06
C LYS C 302 43.01 -23.74 -23.41
N ARG C 303 44.17 -24.00 -24.00
CA ARG C 303 44.26 -24.67 -25.31
C ARG C 303 43.13 -25.60 -25.76
N ARG C 304 42.70 -26.51 -24.89
CA ARG C 304 41.67 -27.48 -25.23
C ARG C 304 40.19 -27.08 -25.13
N SER C 305 39.88 -26.11 -24.27
CA SER C 305 38.50 -25.67 -24.08
C SER C 305 37.80 -25.21 -25.36
N THR C 306 36.48 -25.34 -25.38
CA THR C 306 35.66 -24.93 -26.52
C THR C 306 34.38 -24.25 -26.02
N ALA C 307 34.29 -22.94 -26.21
CA ALA C 307 33.12 -22.17 -25.81
C ALA C 307 31.91 -22.63 -26.60
N ASN C 308 30.71 -22.47 -26.04
CA ASN C 308 29.50 -22.89 -26.73
C ASN C 308 28.31 -21.99 -26.46
N ASN C 309 27.25 -22.18 -27.25
CA ASN C 309 26.01 -21.41 -27.14
C ASN C 309 26.20 -20.01 -26.57
N VAL C 310 27.02 -19.22 -27.25
CA VAL C 310 27.30 -17.85 -26.81
C VAL C 310 26.42 -16.86 -27.57
N GLU C 311 26.14 -15.73 -26.92
CA GLU C 311 25.30 -14.68 -27.52
C GLU C 311 25.78 -13.31 -27.02
N ILE C 312 25.92 -12.36 -27.95
CA ILE C 312 26.37 -11.02 -27.60
C ILE C 312 25.22 -10.02 -27.76
N HIS C 313 25.23 -8.96 -26.96
CA HIS C 313 24.18 -7.96 -26.99
C HIS C 313 24.68 -6.59 -27.43
N ILE C 314 24.35 -6.20 -28.65
CA ILE C 314 24.75 -4.92 -29.22
C ILE C 314 23.52 -4.16 -29.70
N PRO C 315 23.04 -3.19 -28.92
CA PRO C 315 21.87 -2.39 -29.28
C PRO C 315 22.07 -1.37 -30.40
N VAL C 316 20.99 -1.07 -31.10
CA VAL C 316 21.01 -0.10 -32.20
C VAL C 316 20.42 1.19 -31.63
N PRO C 317 20.27 2.23 -32.46
CA PRO C 317 19.70 3.48 -31.92
C PRO C 317 18.38 3.19 -31.22
N ASN C 318 17.93 4.10 -30.36
CA ASN C 318 16.68 3.91 -29.64
C ASN C 318 15.51 3.65 -30.58
N ASP C 319 15.79 3.61 -31.88
CA ASP C 319 14.77 3.36 -32.88
C ASP C 319 15.34 2.42 -33.94
N ALA C 320 14.87 2.52 -35.17
CA ALA C 320 15.35 1.66 -36.25
C ALA C 320 14.79 2.06 -37.60
N ASP C 321 15.67 2.43 -38.52
CA ASP C 321 15.25 2.84 -39.85
C ASP C 321 15.27 1.62 -40.78
N SER C 322 16.43 1.33 -41.35
CA SER C 322 16.56 0.18 -42.25
C SER C 322 17.52 -0.84 -41.64
N PRO C 323 17.01 -2.04 -41.32
CA PRO C 323 17.83 -3.11 -40.73
C PRO C 323 18.74 -3.83 -41.72
N LYS C 324 20.00 -3.99 -41.33
CA LYS C 324 20.99 -4.67 -42.15
C LYS C 324 21.92 -5.45 -41.24
N PHE C 325 22.00 -6.76 -41.46
CA PHE C 325 22.85 -7.62 -40.64
C PHE C 325 23.72 -8.55 -41.47
N LYS C 326 25.02 -8.52 -41.22
CA LYS C 326 25.95 -9.38 -41.94
C LYS C 326 26.48 -10.45 -40.98
N THR C 327 26.87 -11.59 -41.54
CA THR C 327 27.38 -12.69 -40.73
C THR C 327 28.70 -13.23 -41.30
N THR C 328 29.53 -13.77 -40.42
CA THR C 328 30.82 -14.31 -40.82
C THR C 328 30.99 -15.69 -40.20
N VAL C 329 30.42 -15.87 -39.02
CA VAL C 329 30.50 -17.13 -38.30
C VAL C 329 29.31 -17.35 -37.38
N GLY C 330 28.43 -18.28 -37.77
CA GLY C 330 27.26 -18.56 -36.96
C GLY C 330 25.99 -17.94 -37.48
N SER C 331 25.24 -17.29 -36.59
CA SER C 331 23.99 -16.65 -36.95
C SER C 331 23.73 -15.43 -36.06
N VAL C 332 23.00 -14.45 -36.56
CA VAL C 332 22.69 -13.25 -35.80
C VAL C 332 21.34 -12.63 -36.13
N LYS C 333 20.75 -11.97 -35.14
CA LYS C 333 19.46 -11.30 -35.28
C LYS C 333 19.42 -10.11 -34.34
N TRP C 334 18.34 -9.35 -34.38
CA TRP C 334 18.17 -8.19 -33.51
C TRP C 334 16.69 -7.99 -33.22
N VAL C 335 16.37 -7.08 -32.32
CA VAL C 335 14.97 -6.83 -31.98
C VAL C 335 14.59 -5.35 -31.87
N PRO C 336 13.52 -4.95 -32.57
CA PRO C 336 13.01 -3.58 -32.59
C PRO C 336 12.39 -3.18 -31.25
N GLU C 337 12.22 -1.87 -31.03
CA GLU C 337 11.64 -1.35 -29.80
C GLU C 337 12.60 -1.64 -28.64
N ASN C 338 12.86 -2.92 -28.38
CA ASN C 338 13.77 -3.31 -27.32
C ASN C 338 15.10 -2.65 -27.62
N SER C 339 15.31 -2.36 -28.90
CA SER C 339 16.53 -1.70 -29.39
C SER C 339 17.81 -2.45 -29.04
N GLU C 340 18.09 -3.51 -29.79
CA GLU C 340 19.29 -4.30 -29.56
C GLU C 340 19.48 -5.44 -30.55
N ILE C 341 20.73 -5.89 -30.70
CA ILE C 341 21.07 -6.95 -31.62
C ILE C 341 21.64 -8.15 -30.85
N VAL C 342 21.21 -9.34 -31.21
CA VAL C 342 21.69 -10.55 -30.56
C VAL C 342 22.41 -11.47 -31.55
N TRP C 343 23.71 -11.65 -31.35
CA TRP C 343 24.51 -12.50 -32.22
C TRP C 343 24.93 -13.76 -31.47
N SER C 344 24.46 -14.90 -31.95
CA SER C 344 24.76 -16.18 -31.31
C SER C 344 25.33 -17.21 -32.29
N VAL C 345 26.36 -17.91 -31.84
CA VAL C 345 27.02 -18.94 -32.67
C VAL C 345 26.99 -20.30 -31.98
N LYS C 346 27.26 -21.36 -32.76
CA LYS C 346 27.27 -22.72 -32.25
C LYS C 346 28.25 -22.85 -31.08
N SER C 347 29.53 -22.65 -31.36
CA SER C 347 30.58 -22.75 -30.34
C SER C 347 31.73 -21.78 -30.63
N PHE C 348 32.87 -22.02 -29.96
CA PHE C 348 34.05 -21.18 -30.13
C PHE C 348 35.26 -21.85 -29.47
N PRO C 349 36.17 -22.42 -30.27
CA PRO C 349 37.39 -23.10 -29.82
C PRO C 349 38.21 -22.37 -28.76
N GLY C 350 39.27 -23.01 -28.28
CA GLY C 350 40.12 -22.42 -27.26
C GLY C 350 41.21 -21.50 -27.78
N GLY C 351 40.82 -20.35 -28.32
CA GLY C 351 41.77 -19.40 -28.86
C GLY C 351 41.45 -18.98 -30.28
N LYS C 352 40.34 -18.28 -30.45
CA LYS C 352 39.92 -17.81 -31.78
C LYS C 352 39.61 -16.33 -31.83
N GLU C 353 39.19 -15.87 -33.01
CA GLU C 353 38.86 -14.47 -33.24
C GLU C 353 37.80 -14.41 -34.35
N TYR C 354 36.59 -13.97 -34.01
CA TYR C 354 35.51 -13.89 -35.00
C TYR C 354 34.92 -12.50 -35.16
N LEU C 355 34.68 -12.11 -36.41
CA LEU C 355 34.14 -10.79 -36.72
C LEU C 355 32.70 -10.83 -37.21
N MET C 356 32.11 -9.65 -37.38
CA MET C 356 30.73 -9.51 -37.87
C MET C 356 30.43 -8.03 -38.09
N ARG C 357 29.70 -7.73 -39.15
CA ARG C 357 29.36 -6.34 -39.47
C ARG C 357 27.86 -6.13 -39.70
N ALA C 358 27.46 -4.86 -39.79
CA ALA C 358 26.05 -4.50 -40.00
C ALA C 358 25.90 -2.99 -40.19
N HIS C 359 24.88 -2.61 -40.97
CA HIS C 359 24.61 -1.20 -41.25
C HIS C 359 23.29 -0.78 -40.63
N PHE C 360 22.81 0.41 -41.01
CA PHE C 360 21.54 0.92 -40.50
C PHE C 360 21.20 2.27 -41.12
N GLY C 361 20.37 3.05 -40.42
CA GLY C 361 19.99 4.36 -40.92
C GLY C 361 19.16 5.16 -39.93
N LEU C 362 18.93 6.42 -40.26
CA LEU C 362 18.14 7.29 -39.38
C LEU C 362 17.34 8.30 -40.20
N PRO C 374 23.89 2.45 -23.58
CA PRO C 374 23.62 1.02 -23.39
C PRO C 374 24.73 0.12 -23.94
N PRO C 375 25.79 -0.10 -23.15
CA PRO C 375 26.92 -0.94 -23.54
C PRO C 375 26.54 -2.36 -23.97
N ILE C 376 27.54 -3.17 -24.28
CA ILE C 376 27.32 -4.55 -24.71
C ILE C 376 27.59 -5.54 -23.58
N SER C 377 26.68 -6.50 -23.42
CA SER C 377 26.83 -7.52 -22.39
C SER C 377 26.58 -8.90 -22.98
N VAL C 378 27.65 -9.66 -23.15
CA VAL C 378 27.56 -11.01 -23.70
C VAL C 378 27.02 -12.00 -22.67
N LYS C 379 26.75 -13.21 -23.11
CA LYS C 379 26.25 -14.28 -22.25
C LYS C 379 26.68 -15.59 -22.91
N PHE C 380 27.03 -16.59 -22.10
CA PHE C 380 27.50 -17.85 -22.67
C PHE C 380 27.38 -19.08 -21.78
N GLU C 381 28.34 -20.00 -21.94
CA GLU C 381 28.40 -21.23 -21.17
C GLU C 381 29.64 -22.02 -21.60
N ILE C 382 30.47 -22.39 -20.64
CA ILE C 382 31.67 -23.15 -20.94
C ILE C 382 31.92 -24.20 -19.87
N PRO C 383 32.00 -25.48 -20.25
CA PRO C 383 32.24 -26.58 -19.32
C PRO C 383 33.71 -26.75 -18.95
N TYR C 384 34.35 -25.66 -18.55
CA TYR C 384 35.76 -25.73 -18.17
C TYR C 384 35.99 -25.76 -16.66
N PHE C 385 37.26 -25.88 -16.29
CA PHE C 385 37.70 -25.96 -14.91
C PHE C 385 38.25 -24.66 -14.36
N THR C 386 39.34 -24.18 -14.98
CA THR C 386 40.00 -22.94 -14.55
C THR C 386 39.15 -21.69 -14.85
N THR C 387 37.93 -21.68 -14.34
CA THR C 387 37.04 -20.53 -14.51
C THR C 387 37.44 -19.61 -13.36
N SER C 388 38.22 -20.18 -12.45
CA SER C 388 38.73 -19.51 -11.27
C SER C 388 39.78 -20.42 -10.66
N GLY C 389 40.34 -21.29 -11.50
CA GLY C 389 41.35 -22.22 -11.03
C GLY C 389 40.82 -23.02 -9.86
N ILE C 390 39.61 -23.56 -10.00
CA ILE C 390 38.99 -24.35 -8.95
C ILE C 390 39.08 -25.83 -9.25
N GLN C 391 39.32 -26.62 -8.21
CA GLN C 391 39.45 -28.07 -8.32
C GLN C 391 39.11 -28.78 -7.01
N VAL C 392 38.02 -29.54 -7.00
CA VAL C 392 37.59 -30.26 -5.81
C VAL C 392 38.62 -31.27 -5.28
N ARG C 393 39.33 -30.86 -4.22
CA ARG C 393 40.34 -31.70 -3.59
C ARG C 393 39.84 -33.12 -3.34
N TYR C 394 38.81 -33.26 -2.51
CA TYR C 394 38.27 -34.57 -2.22
C TYR C 394 36.98 -34.50 -1.41
N LEU C 395 36.35 -35.66 -1.24
CA LEU C 395 35.10 -35.76 -0.49
C LEU C 395 35.18 -36.92 0.49
N LYS C 396 35.29 -36.61 1.77
CA LYS C 396 35.36 -37.63 2.81
C LYS C 396 34.04 -38.38 2.87
N ILE C 397 34.02 -39.49 3.60
CA ILE C 397 32.81 -40.29 3.72
C ILE C 397 32.78 -41.07 5.03
N ILE C 398 32.26 -40.43 6.08
CA ILE C 398 32.17 -41.07 7.39
C ILE C 398 30.76 -40.98 7.98
N GLU C 399 30.24 -42.14 8.37
CA GLU C 399 28.92 -42.24 8.97
C GLU C 399 28.83 -43.53 9.77
N LYS C 400 27.70 -43.75 10.43
CA LYS C 400 27.51 -44.95 11.23
C LYS C 400 27.29 -46.21 10.38
N SER C 401 26.41 -46.11 9.40
CA SER C 401 26.13 -47.24 8.52
C SER C 401 27.21 -47.37 7.45
N GLY C 402 27.05 -48.35 6.56
CA GLY C 402 28.03 -48.54 5.51
C GLY C 402 28.20 -47.34 4.60
N TYR C 403 29.41 -47.15 4.08
CA TYR C 403 29.71 -46.03 3.19
C TYR C 403 30.11 -46.52 1.80
N GLN C 404 29.49 -45.94 0.78
CA GLN C 404 29.76 -46.30 -0.60
C GLN C 404 30.60 -45.22 -1.28
N ALA C 405 30.00 -44.03 -1.42
CA ALA C 405 30.66 -42.88 -2.03
C ALA C 405 30.76 -42.92 -3.55
N LEU C 406 29.82 -42.27 -4.21
CA LEU C 406 29.79 -42.16 -5.67
C LEU C 406 29.75 -40.66 -5.98
N PRO C 407 30.85 -39.96 -5.70
CA PRO C 407 31.01 -38.51 -5.92
C PRO C 407 31.27 -38.04 -7.35
N TRP C 408 30.24 -37.46 -7.96
CA TRP C 408 30.37 -36.93 -9.31
C TRP C 408 30.68 -35.44 -9.20
N VAL C 409 31.42 -34.90 -10.16
CA VAL C 409 31.77 -33.48 -10.15
C VAL C 409 31.60 -32.83 -11.52
N ARG C 410 31.11 -31.59 -11.53
CA ARG C 410 30.91 -30.86 -12.78
C ARG C 410 31.73 -29.59 -12.82
N TYR C 411 32.16 -29.21 -14.02
CA TYR C 411 32.94 -28.01 -14.21
C TYR C 411 32.41 -27.18 -15.37
N ILE C 412 31.77 -26.07 -15.05
CA ILE C 412 31.22 -25.17 -16.07
C ILE C 412 31.25 -23.73 -15.56
N THR C 413 30.72 -22.80 -16.36
CA THR C 413 30.69 -21.39 -15.99
C THR C 413 30.00 -20.56 -17.06
N GLN C 414 29.03 -19.73 -16.65
CA GLN C 414 28.32 -18.89 -17.60
C GLN C 414 28.74 -17.44 -17.45
N ASN C 415 27.95 -16.54 -18.02
CA ASN C 415 28.23 -15.11 -17.97
C ASN C 415 28.02 -14.50 -16.59
N GLY C 416 27.13 -13.51 -16.51
CA GLY C 416 26.86 -12.86 -15.24
C GLY C 416 26.85 -11.34 -15.41
N ASP C 417 28.03 -10.77 -15.60
CA ASP C 417 28.15 -9.33 -15.78
C ASP C 417 29.28 -8.98 -16.74
N TYR C 418 28.92 -8.54 -17.94
CA TYR C 418 29.89 -8.14 -18.96
C TYR C 418 29.44 -6.82 -19.57
N GLN C 419 30.39 -5.97 -19.94
CA GLN C 419 30.02 -4.68 -20.53
C GLN C 419 31.16 -3.95 -21.23
N LEU C 420 30.87 -3.44 -22.44
CA LEU C 420 31.85 -2.69 -23.21
C LEU C 420 31.29 -2.10 -24.50
N ARG C 421 31.36 -0.78 -24.59
CA ARG C 421 30.89 -0.04 -25.75
C ARG C 421 31.18 1.42 -25.44
N THR C 422 32.35 1.64 -24.85
CA THR C 422 32.84 2.96 -24.47
C THR C 422 31.72 3.96 -24.17
N MET D 1 -26.48 12.80 -19.93
CA MET D 1 -26.80 11.51 -19.26
C MET D 1 -25.70 10.47 -19.46
N ILE D 2 -26.08 9.25 -19.81
CA ILE D 2 -25.10 8.19 -20.01
C ILE D 2 -24.30 8.40 -21.28
N HIS D 3 -22.98 8.25 -21.19
CA HIS D 3 -22.12 8.42 -22.35
C HIS D 3 -21.67 7.08 -22.91
N PHE D 4 -21.60 6.07 -22.05
CA PHE D 4 -21.20 4.74 -22.47
C PHE D 4 -21.31 3.73 -21.32
N ILE D 5 -21.40 2.46 -21.68
CA ILE D 5 -21.53 1.39 -20.69
C ILE D 5 -20.69 0.18 -21.08
N LEU D 6 -19.94 -0.35 -20.11
CA LEU D 6 -19.10 -1.53 -20.35
C LEU D 6 -19.15 -2.48 -19.17
N LEU D 7 -19.04 -3.77 -19.45
CA LEU D 7 -19.10 -4.79 -18.42
C LEU D 7 -17.87 -5.69 -18.45
N PHE D 8 -16.89 -5.42 -17.58
CA PHE D 8 -15.68 -6.23 -17.54
C PHE D 8 -15.56 -6.94 -16.20
N SER D 9 -15.19 -8.22 -16.24
CA SER D 9 -15.02 -9.02 -15.04
C SER D 9 -13.78 -8.58 -14.28
N ARG D 10 -13.48 -9.29 -13.20
CA ARG D 10 -12.30 -8.99 -12.39
C ARG D 10 -11.09 -8.89 -13.30
N GLN D 11 -11.02 -9.82 -14.25
CA GLN D 11 -9.92 -9.86 -15.20
C GLN D 11 -10.08 -8.78 -16.28
N GLY D 12 -10.02 -9.20 -17.54
CA GLY D 12 -10.15 -8.23 -18.63
C GLY D 12 -11.06 -8.70 -19.75
N LYS D 13 -11.88 -9.70 -19.46
CA LYS D 13 -12.82 -10.22 -20.45
C LYS D 13 -14.09 -9.38 -20.52
N LEU D 14 -14.10 -8.39 -21.40
CA LEU D 14 -15.25 -7.51 -21.56
C LEU D 14 -16.44 -8.31 -22.07
N ARG D 15 -17.48 -8.40 -21.25
CA ARG D 15 -18.68 -9.14 -21.61
C ARG D 15 -19.58 -8.35 -22.56
N LEU D 16 -19.63 -7.03 -22.37
CA LEU D 16 -20.48 -6.20 -23.22
C LEU D 16 -20.08 -4.73 -23.11
N GLN D 17 -20.12 -4.04 -24.24
CA GLN D 17 -19.78 -2.62 -24.28
C GLN D 17 -20.57 -1.89 -25.37
N LYS D 18 -21.40 -0.94 -24.93
CA LYS D 18 -22.22 -0.16 -25.84
C LYS D 18 -22.07 1.33 -25.53
N TRP D 19 -21.64 2.10 -26.52
CA TRP D 19 -21.45 3.53 -26.34
C TRP D 19 -22.66 4.33 -26.82
N TYR D 20 -22.91 5.46 -26.17
CA TYR D 20 -24.04 6.32 -26.51
C TYR D 20 -23.61 7.67 -27.06
N ILE D 21 -22.34 7.78 -27.44
CA ILE D 21 -21.82 9.03 -27.99
C ILE D 21 -20.76 8.77 -29.04
N THR D 22 -20.77 9.61 -30.08
CA THR D 22 -19.83 9.49 -31.18
C THR D 22 -18.39 9.54 -30.69
N LEU D 23 -17.57 8.62 -31.18
CA LEU D 23 -16.16 8.54 -30.79
C LEU D 23 -15.47 7.41 -31.55
N PRO D 24 -14.26 7.68 -32.06
CA PRO D 24 -13.52 6.64 -32.80
C PRO D 24 -13.05 5.56 -31.84
N ASP D 25 -12.85 4.36 -32.36
CA ASP D 25 -12.40 3.23 -31.55
C ASP D 25 -11.12 3.57 -30.79
N LYS D 26 -10.43 4.61 -31.23
CA LYS D 26 -9.19 5.02 -30.59
C LYS D 26 -9.45 5.46 -29.15
N GLU D 27 -10.06 6.64 -28.99
CA GLU D 27 -10.37 7.13 -27.64
C GLU D 27 -11.23 6.14 -26.87
N ARG D 28 -11.91 5.25 -27.58
CA ARG D 28 -12.76 4.26 -26.92
C ARG D 28 -11.92 3.35 -26.03
N LYS D 29 -10.86 2.77 -26.59
CA LYS D 29 -9.99 1.89 -25.83
C LYS D 29 -9.13 2.72 -24.88
N LYS D 30 -9.04 4.01 -25.17
CA LYS D 30 -8.29 4.96 -24.35
C LYS D 30 -9.09 5.12 -23.05
N ILE D 31 -10.37 5.43 -23.22
CA ILE D 31 -11.28 5.61 -22.11
C ILE D 31 -11.51 4.26 -21.41
N THR D 32 -11.15 3.19 -22.11
CA THR D 32 -11.31 1.84 -21.57
C THR D 32 -10.32 1.59 -20.43
N ARG D 33 -9.12 1.12 -20.78
CA ARG D 33 -8.08 0.83 -19.82
C ARG D 33 -7.92 1.93 -18.77
N GLU D 34 -7.93 3.18 -19.22
CA GLU D 34 -7.80 4.32 -18.32
C GLU D 34 -8.74 4.18 -17.13
N ILE D 35 -10.01 3.98 -17.42
CA ILE D 35 -11.02 3.82 -16.37
C ILE D 35 -10.95 2.43 -15.76
N VAL D 36 -10.87 1.42 -16.63
CA VAL D 36 -10.80 0.03 -16.19
C VAL D 36 -9.92 -0.15 -14.96
N GLN D 37 -8.61 0.02 -15.13
CA GLN D 37 -7.66 -0.12 -14.03
C GLN D 37 -8.16 0.60 -12.78
N ILE D 38 -8.60 1.84 -12.94
CA ILE D 38 -9.08 2.65 -11.84
C ILE D 38 -10.34 2.06 -11.21
N ILE D 39 -11.20 1.48 -12.05
CA ILE D 39 -12.45 0.87 -11.58
C ILE D 39 -12.17 -0.16 -10.48
N LEU D 40 -11.45 -1.20 -10.85
CA LEU D 40 -11.12 -2.29 -9.93
C LEU D 40 -10.14 -1.86 -8.83
N SER D 41 -9.51 -0.70 -9.02
CA SER D 41 -8.54 -0.18 -8.06
C SER D 41 -9.13 0.05 -6.67
N ARG D 42 -10.45 -0.06 -6.56
CA ARG D 42 -11.14 0.15 -5.29
C ARG D 42 -12.03 -1.01 -4.88
N GLY D 43 -11.95 -1.38 -3.61
CA GLY D 43 -12.76 -2.47 -3.09
C GLY D 43 -14.20 -2.01 -2.91
N HIS D 44 -15.03 -2.87 -2.33
CA HIS D 44 -16.44 -2.55 -2.12
C HIS D 44 -16.65 -1.80 -0.80
N ARG D 45 -15.54 -1.29 -0.24
CA ARG D 45 -15.57 -0.56 1.01
C ARG D 45 -15.48 0.95 0.76
N THR D 46 -15.83 1.36 -0.45
CA THR D 46 -15.78 2.78 -0.81
C THR D 46 -17.00 3.22 -1.63
N SER D 47 -17.07 4.51 -1.90
CA SER D 47 -18.17 5.07 -2.67
C SER D 47 -18.34 4.36 -4.01
N SER D 48 -19.47 4.58 -4.66
CA SER D 48 -19.77 3.96 -5.94
C SER D 48 -19.89 4.99 -7.05
N PHE D 49 -19.27 6.15 -6.86
CA PHE D 49 -19.33 7.21 -7.87
C PHE D 49 -18.00 7.96 -7.96
N VAL D 50 -17.43 8.01 -9.16
CA VAL D 50 -16.17 8.71 -9.38
C VAL D 50 -16.21 9.58 -10.63
N ASP D 51 -15.79 10.83 -10.49
CA ASP D 51 -15.77 11.77 -11.61
C ASP D 51 -14.52 11.55 -12.46
N TRP D 52 -14.72 11.07 -13.68
CA TRP D 52 -13.61 10.82 -14.59
C TRP D 52 -13.78 11.62 -15.88
N LYS D 53 -12.92 12.62 -16.06
CA LYS D 53 -12.97 13.48 -17.25
C LYS D 53 -14.32 14.15 -17.44
N GLU D 54 -14.64 15.10 -16.57
CA GLU D 54 -15.89 15.85 -16.65
C GLU D 54 -17.16 15.05 -16.39
N LEU D 55 -17.13 13.76 -16.69
CA LEU D 55 -18.30 12.90 -16.52
C LEU D 55 -18.24 11.98 -15.30
N LYS D 56 -19.38 11.82 -14.63
CA LYS D 56 -19.46 10.96 -13.45
C LYS D 56 -19.69 9.51 -13.84
N LEU D 57 -18.97 8.61 -13.18
CA LEU D 57 -19.08 7.19 -13.46
C LEU D 57 -19.71 6.44 -12.29
N VAL D 58 -20.40 5.35 -12.59
CA VAL D 58 -21.05 4.53 -11.57
C VAL D 58 -20.66 3.08 -11.78
N TYR D 59 -20.71 2.27 -10.73
CA TYR D 59 -20.36 0.87 -10.85
C TYR D 59 -20.90 0.02 -9.70
N LYS D 60 -21.26 -1.23 -10.02
CA LYS D 60 -21.79 -2.18 -9.05
C LYS D 60 -21.19 -3.54 -9.40
N ARG D 61 -20.49 -4.14 -8.45
CA ARG D 61 -19.85 -5.43 -8.68
C ARG D 61 -20.79 -6.63 -8.55
N TYR D 62 -21.28 -7.12 -9.69
CA TYR D 62 -22.18 -8.27 -9.70
C TYR D 62 -21.31 -9.52 -9.81
N ALA D 63 -21.12 -10.20 -8.68
CA ALA D 63 -20.29 -11.39 -8.65
C ALA D 63 -18.90 -11.03 -9.15
N SER D 64 -18.42 -11.75 -10.15
CA SER D 64 -17.09 -11.49 -10.70
C SER D 64 -17.19 -10.61 -11.94
N LEU D 65 -18.27 -9.83 -12.03
CA LEU D 65 -18.49 -8.93 -13.16
C LEU D 65 -18.79 -7.50 -12.74
N TYR D 66 -18.39 -6.55 -13.57
CA TYR D 66 -18.60 -5.13 -13.29
C TYR D 66 -19.53 -4.46 -14.30
N PHE D 67 -20.45 -3.64 -13.78
CA PHE D 67 -21.39 -2.90 -14.62
C PHE D 67 -21.16 -1.41 -14.36
N CYS D 68 -20.58 -0.71 -15.34
CA CYS D 68 -20.29 0.71 -15.18
C CYS D 68 -20.83 1.58 -16.32
N CYS D 69 -20.73 2.90 -16.15
CA CYS D 69 -21.21 3.86 -17.14
C CYS D 69 -20.83 5.29 -16.78
N ALA D 70 -20.82 6.18 -17.77
CA ALA D 70 -20.49 7.59 -17.55
C ALA D 70 -21.72 8.46 -17.67
N ILE D 71 -21.81 9.49 -16.83
CA ILE D 71 -22.94 10.40 -16.84
C ILE D 71 -22.47 11.85 -16.81
N GLU D 72 -23.28 12.76 -17.34
CA GLU D 72 -22.93 14.17 -17.35
C GLU D 72 -23.08 14.71 -15.92
N ASN D 73 -22.19 15.62 -15.54
CA ASN D 73 -22.21 16.21 -14.21
C ASN D 73 -23.59 16.70 -13.79
N GLN D 74 -24.40 17.10 -14.77
CA GLN D 74 -25.74 17.59 -14.49
C GLN D 74 -26.75 16.48 -14.73
N ASP D 75 -26.75 15.49 -13.85
CA ASP D 75 -27.67 14.37 -13.98
C ASP D 75 -27.94 13.67 -12.65
N ASN D 76 -28.74 12.61 -12.68
CA ASN D 76 -29.09 11.87 -11.47
C ASN D 76 -28.16 10.67 -11.26
N GLU D 77 -27.23 10.83 -10.32
CA GLU D 77 -26.26 9.79 -10.01
C GLU D 77 -26.89 8.52 -9.46
N LEU D 78 -27.55 8.63 -8.31
CA LEU D 78 -28.19 7.48 -7.69
C LEU D 78 -29.11 6.74 -8.68
N LEU D 79 -30.09 7.45 -9.24
CA LEU D 79 -31.01 6.83 -10.19
C LEU D 79 -30.23 5.99 -11.19
N THR D 80 -29.10 6.52 -11.64
CA THR D 80 -28.25 5.82 -12.60
C THR D 80 -27.86 4.46 -12.04
N LEU D 81 -27.33 4.47 -10.82
CA LEU D 81 -26.92 3.24 -10.16
C LEU D 81 -28.10 2.28 -10.15
N GLU D 82 -29.30 2.84 -9.98
CA GLU D 82 -30.54 2.08 -9.96
C GLU D 82 -30.82 1.49 -11.34
N ILE D 83 -30.55 2.27 -12.37
CA ILE D 83 -30.78 1.83 -13.74
C ILE D 83 -30.02 0.55 -13.98
N VAL D 84 -28.90 0.39 -13.26
CA VAL D 84 -28.07 -0.80 -13.37
C VAL D 84 -28.92 -1.98 -12.88
N HIS D 85 -29.44 -1.85 -11.66
CA HIS D 85 -30.26 -2.89 -11.08
C HIS D 85 -31.48 -3.11 -11.98
N ARG D 86 -31.69 -2.16 -12.88
CA ARG D 86 -32.79 -2.22 -13.84
C ARG D 86 -32.36 -3.09 -15.02
N TYR D 87 -31.42 -2.58 -15.80
CA TYR D 87 -30.91 -3.30 -16.96
C TYR D 87 -30.58 -4.75 -16.62
N VAL D 88 -29.98 -4.97 -15.46
CA VAL D 88 -29.63 -6.32 -15.05
C VAL D 88 -30.87 -7.21 -14.97
N GLU D 89 -31.99 -6.62 -14.58
CA GLU D 89 -33.26 -7.34 -14.49
C GLU D 89 -33.61 -7.81 -15.90
N LEU D 90 -33.33 -6.95 -16.86
CA LEU D 90 -33.58 -7.25 -18.27
C LEU D 90 -32.87 -8.55 -18.63
N LEU D 91 -31.57 -8.60 -18.38
CA LEU D 91 -30.77 -9.78 -18.68
C LEU D 91 -31.18 -10.95 -17.80
N ASP D 92 -31.26 -10.70 -16.50
CA ASP D 92 -31.61 -11.72 -15.52
C ASP D 92 -32.83 -12.56 -15.91
N LYS D 93 -34.02 -11.99 -15.75
CA LYS D 93 -35.25 -12.70 -16.06
C LYS D 93 -35.29 -13.26 -17.48
N TYR D 94 -34.29 -12.93 -18.29
CA TYR D 94 -34.23 -13.42 -19.66
C TYR D 94 -33.40 -14.70 -19.76
N PHE D 95 -32.48 -14.88 -18.83
CA PHE D 95 -31.62 -16.06 -18.80
C PHE D 95 -31.78 -16.83 -17.50
N GLY D 96 -32.35 -16.18 -16.49
CA GLY D 96 -32.55 -16.82 -15.20
C GLY D 96 -31.33 -16.59 -14.32
N ASN D 97 -31.28 -15.42 -13.70
CA ASN D 97 -30.16 -15.06 -12.83
C ASN D 97 -28.86 -15.39 -13.56
N VAL D 98 -28.77 -14.92 -14.80
CA VAL D 98 -27.61 -15.15 -15.66
C VAL D 98 -26.28 -14.89 -14.99
N CYS D 99 -25.24 -15.57 -15.46
CA CYS D 99 -23.89 -15.41 -14.92
C CYS D 99 -22.93 -14.80 -15.94
N GLU D 100 -22.09 -15.65 -16.54
CA GLU D 100 -21.12 -15.21 -17.52
C GLU D 100 -21.29 -15.89 -18.87
N LEU D 101 -21.48 -17.21 -18.84
CA LEU D 101 -21.67 -18.00 -20.05
C LEU D 101 -22.57 -17.29 -21.07
N ASP D 102 -23.80 -17.01 -20.65
CA ASP D 102 -24.78 -16.34 -21.52
C ASP D 102 -24.30 -14.97 -22.01
N ILE D 103 -23.59 -14.24 -21.16
CA ILE D 103 -23.10 -12.92 -21.52
C ILE D 103 -22.13 -12.97 -22.70
N ILE D 104 -21.21 -13.93 -22.67
CA ILE D 104 -20.22 -14.07 -23.74
C ILE D 104 -20.85 -14.68 -24.99
N PHE D 105 -21.46 -15.84 -24.83
CA PHE D 105 -22.10 -16.54 -25.93
C PHE D 105 -23.31 -15.82 -26.51
N ASN D 106 -24.04 -15.09 -25.66
CA ASN D 106 -25.22 -14.37 -26.13
C ASN D 106 -25.17 -12.87 -25.92
N PHE D 107 -23.99 -12.28 -26.08
CA PHE D 107 -23.85 -10.84 -25.91
C PHE D 107 -24.80 -10.16 -26.89
N GLU D 108 -25.25 -10.93 -27.88
CA GLU D 108 -26.17 -10.46 -28.90
C GLU D 108 -27.53 -10.12 -28.29
N LYS D 109 -28.18 -11.11 -27.69
CA LYS D 109 -29.48 -10.87 -27.06
C LYS D 109 -29.31 -9.84 -25.96
N ALA D 110 -28.19 -9.94 -25.23
CA ALA D 110 -27.90 -9.00 -24.16
C ALA D 110 -27.97 -7.60 -24.72
N TYR D 111 -27.45 -7.44 -25.94
CA TYR D 111 -27.47 -6.15 -26.62
C TYR D 111 -28.90 -5.83 -27.04
N PHE D 112 -29.54 -6.77 -27.71
CA PHE D 112 -30.91 -6.59 -28.18
C PHE D 112 -31.82 -6.08 -27.09
N ILE D 113 -31.66 -6.63 -25.88
CA ILE D 113 -32.47 -6.22 -24.75
C ILE D 113 -31.99 -4.84 -24.32
N LEU D 114 -30.70 -4.73 -24.07
CA LEU D 114 -30.08 -3.48 -23.66
C LEU D 114 -30.61 -2.32 -24.51
N ASP D 115 -30.41 -2.42 -25.82
CA ASP D 115 -30.86 -1.38 -26.74
C ASP D 115 -32.38 -1.25 -26.76
N GLU D 116 -33.07 -2.37 -26.55
CA GLU D 116 -34.54 -2.37 -26.55
C GLU D 116 -35.05 -1.78 -25.24
N PHE D 117 -34.17 -1.09 -24.53
CA PHE D 117 -34.50 -0.45 -23.26
C PHE D 117 -33.86 0.94 -23.24
N ILE D 118 -32.62 1.00 -23.73
CA ILE D 118 -31.88 2.26 -23.79
C ILE D 118 -31.68 2.59 -25.26
N ILE D 119 -31.96 3.83 -25.64
CA ILE D 119 -31.82 4.26 -27.03
C ILE D 119 -31.60 5.77 -27.11
N GLY D 120 -30.57 6.17 -27.85
CA GLY D 120 -30.28 7.58 -27.99
C GLY D 120 -29.75 8.20 -26.71
N GLY D 121 -29.20 7.37 -25.83
CA GLY D 121 -28.65 7.86 -24.58
C GLY D 121 -29.62 7.87 -23.40
N GLU D 122 -30.85 7.40 -23.64
CA GLU D 122 -31.83 7.37 -22.56
C GLU D 122 -32.75 6.15 -22.58
N ILE D 123 -33.53 6.02 -21.51
CA ILE D 123 -34.48 4.92 -21.35
C ILE D 123 -35.68 5.08 -22.28
N GLN D 124 -36.17 3.97 -22.80
CA GLN D 124 -37.33 3.96 -23.68
C GLN D 124 -38.51 3.34 -22.94
N GLU D 125 -38.19 2.51 -21.95
CA GLU D 125 -39.21 1.85 -21.14
C GLU D 125 -38.80 1.76 -19.68
N THR D 126 -39.70 2.17 -18.80
CA THR D 126 -39.45 2.14 -17.36
C THR D 126 -39.92 0.84 -16.73
N SER D 127 -41.21 0.73 -16.45
CA SER D 127 -41.77 -0.47 -15.82
C SER D 127 -41.06 -1.75 -16.28
N LYS D 128 -40.74 -2.59 -15.31
CA LYS D 128 -40.07 -3.86 -15.57
C LYS D 128 -40.86 -4.69 -16.57
N LYS D 129 -42.17 -4.78 -16.33
CA LYS D 129 -43.07 -5.53 -17.20
C LYS D 129 -43.05 -5.07 -18.65
N ILE D 130 -42.98 -3.74 -18.85
CA ILE D 130 -42.95 -3.18 -20.19
C ILE D 130 -41.52 -3.24 -20.74
N ALA D 131 -40.79 -4.27 -20.31
CA ALA D 131 -39.41 -4.49 -20.73
C ALA D 131 -39.21 -5.99 -20.94
N VAL D 132 -39.46 -6.76 -19.90
CA VAL D 132 -39.32 -8.22 -19.94
C VAL D 132 -40.19 -8.78 -21.06
N LYS D 133 -41.33 -8.13 -21.31
CA LYS D 133 -42.25 -8.55 -22.36
C LYS D 133 -42.04 -7.71 -23.62
N ALA D 134 -41.21 -6.68 -23.51
CA ALA D 134 -40.94 -5.80 -24.65
C ALA D 134 -39.93 -6.44 -25.59
N ILE D 135 -38.90 -7.04 -25.02
CA ILE D 135 -37.85 -7.69 -25.81
C ILE D 135 -38.21 -9.14 -26.09
N GLU D 136 -38.89 -9.78 -25.13
CA GLU D 136 -39.29 -11.17 -25.28
C GLU D 136 -40.08 -11.40 -26.56
N ASP D 137 -40.89 -10.41 -26.92
CA ASP D 137 -41.71 -10.50 -28.13
C ASP D 137 -40.93 -10.03 -29.35
N SER D 138 -39.89 -9.25 -29.11
CA SER D 138 -39.06 -8.74 -30.20
C SER D 138 -38.05 -9.81 -30.59
N ASP D 139 -37.62 -10.58 -29.60
CA ASP D 139 -36.66 -11.67 -29.81
C ASP D 139 -37.40 -12.94 -30.19
N MET D 140 -38.72 -12.88 -30.13
CA MET D 140 -39.57 -14.02 -30.46
C MET D 140 -40.03 -13.92 -31.92
N LEU D 141 -39.67 -12.83 -32.57
CA LEU D 141 -40.03 -12.59 -33.97
C LEU D 141 -38.85 -12.96 -34.87
N GLN D 142 -37.70 -13.24 -34.25
CA GLN D 142 -36.49 -13.59 -34.97
C GLN D 142 -36.23 -15.09 -34.86
N GLU D 143 -36.90 -15.73 -33.90
CA GLU D 143 -36.76 -17.17 -33.68
C GLU D 143 -37.69 -17.96 -34.59
N VAL D 144 -38.65 -17.27 -35.20
CA VAL D 144 -39.60 -17.93 -36.08
C VAL D 144 -39.47 -17.43 -37.52
N SER D 145 -38.26 -17.06 -37.91
CA SER D 145 -38.02 -16.57 -39.26
C SER D 145 -36.52 -16.60 -39.57
N GLU E 8 -30.15 -38.80 15.24
CA GLU E 8 -29.49 -37.92 16.19
C GLU E 8 -30.38 -36.75 16.56
N MET E 9 -30.25 -36.29 17.81
CA MET E 9 -31.04 -35.17 18.32
C MET E 9 -30.13 -34.16 19.02
N ARG E 10 -30.10 -32.94 18.53
CA ARG E 10 -29.27 -31.89 19.14
C ARG E 10 -29.86 -31.49 20.49
N ILE E 11 -29.05 -31.59 21.54
CA ILE E 11 -29.50 -31.24 22.88
C ILE E 11 -28.63 -30.16 23.52
N LEU E 12 -29.23 -29.01 23.78
CA LEU E 12 -28.54 -27.88 24.38
C LEU E 12 -28.59 -27.97 25.91
N MET E 13 -27.41 -27.92 26.53
CA MET E 13 -27.30 -27.99 27.98
C MET E 13 -27.34 -26.59 28.60
N VAL E 14 -28.09 -26.45 29.68
CA VAL E 14 -28.20 -25.17 30.36
C VAL E 14 -28.36 -25.34 31.87
N GLY E 15 -28.19 -24.25 32.61
CA GLY E 15 -28.31 -24.31 34.05
C GLY E 15 -27.39 -23.32 34.74
N LEU E 16 -27.59 -23.12 36.04
CA LEU E 16 -26.77 -22.19 36.80
C LEU E 16 -25.31 -22.62 36.78
N ASP E 17 -24.41 -21.64 36.91
CA ASP E 17 -22.98 -21.92 36.91
C ASP E 17 -22.63 -22.70 38.17
N ALA E 18 -21.64 -23.57 38.07
CA ALA E 18 -21.20 -24.40 39.18
C ALA E 18 -22.31 -25.37 39.61
N ALA E 19 -22.96 -25.96 38.62
CA ALA E 19 -24.04 -26.90 38.87
C ALA E 19 -23.58 -28.34 38.64
N GLY E 20 -22.87 -28.56 37.54
CA GLY E 20 -22.38 -29.88 37.23
C GLY E 20 -22.31 -30.19 35.75
N LYS E 21 -22.95 -29.34 34.94
CA LYS E 21 -22.98 -29.50 33.48
C LYS E 21 -21.77 -30.22 32.91
N THR E 22 -20.64 -29.52 32.85
CA THR E 22 -19.41 -30.08 32.31
C THR E 22 -19.09 -31.43 32.93
N THR E 23 -18.87 -31.44 34.24
CA THR E 23 -18.55 -32.66 34.96
C THR E 23 -19.48 -33.79 34.54
N ILE E 24 -20.77 -33.48 34.44
CA ILE E 24 -21.78 -34.45 34.03
C ILE E 24 -21.45 -35.03 32.67
N LEU E 25 -21.33 -34.15 31.67
CA LEU E 25 -21.01 -34.56 30.31
C LEU E 25 -19.91 -35.61 30.25
N TYR E 26 -18.70 -35.21 30.63
CA TYR E 26 -17.55 -36.10 30.61
C TYR E 26 -17.74 -37.36 31.46
N LYS E 27 -18.62 -37.27 32.45
CA LYS E 27 -18.90 -38.43 33.31
C LYS E 27 -19.78 -39.40 32.54
N LEU E 28 -20.64 -38.86 31.69
CA LEU E 28 -21.54 -39.67 30.88
C LEU E 28 -20.86 -40.14 29.60
N LYS E 29 -20.35 -39.18 28.82
CA LYS E 29 -19.69 -39.48 27.57
C LYS E 29 -18.46 -40.38 27.70
N LEU E 30 -17.86 -40.43 28.89
CA LEU E 30 -16.68 -41.24 29.08
C LEU E 30 -16.74 -42.18 30.29
N GLY E 31 -17.60 -41.85 31.25
CA GLY E 31 -17.71 -42.69 32.44
C GLY E 31 -16.66 -42.36 33.49
N GLU E 32 -16.32 -41.08 33.59
CA GLU E 32 -15.33 -40.63 34.54
C GLU E 32 -15.62 -39.21 35.03
N ILE E 33 -15.21 -38.91 36.26
CA ILE E 33 -15.42 -37.59 36.84
C ILE E 33 -14.12 -36.80 36.74
N VAL E 34 -14.02 -35.95 35.72
CA VAL E 34 -12.84 -35.14 35.50
C VAL E 34 -12.83 -33.87 36.35
N THR E 35 -11.68 -33.20 36.35
CA THR E 35 -11.51 -31.96 37.09
C THR E 35 -11.63 -30.83 36.08
N THR E 36 -12.59 -29.93 36.29
CA THR E 36 -12.79 -28.84 35.35
C THR E 36 -12.81 -27.46 36.00
N ILE E 37 -13.32 -26.50 35.24
CA ILE E 37 -13.44 -25.11 35.66
C ILE E 37 -14.60 -24.53 34.85
N PRO E 38 -15.05 -23.30 35.19
CA PRO E 38 -16.15 -22.70 34.45
C PRO E 38 -15.96 -22.73 32.93
N THR E 39 -16.52 -23.73 32.28
CA THR E 39 -16.40 -23.85 30.83
C THR E 39 -16.82 -22.55 30.18
N ILE E 40 -16.29 -22.27 29.00
CA ILE E 40 -16.61 -21.05 28.27
C ILE E 40 -16.56 -21.33 26.76
N GLY E 41 -16.04 -22.51 26.43
CA GLY E 41 -15.94 -22.90 25.04
C GLY E 41 -16.72 -24.18 24.82
N PHE E 42 -17.83 -24.30 25.54
CA PHE E 42 -18.71 -25.47 25.45
C PHE E 42 -18.03 -26.71 24.89
N ASN E 43 -17.63 -27.61 25.78
CA ASN E 43 -16.97 -28.83 25.34
C ASN E 43 -17.96 -29.70 24.55
N VAL E 44 -17.56 -30.04 23.33
CA VAL E 44 -18.40 -30.85 22.46
C VAL E 44 -18.30 -32.35 22.72
N GLU E 45 -19.44 -33.02 22.64
CA GLU E 45 -19.55 -34.46 22.83
C GLU E 45 -20.91 -34.93 22.37
N THR E 46 -20.94 -36.10 21.74
CA THR E 46 -22.19 -36.67 21.24
C THR E 46 -22.31 -38.13 21.67
N VAL E 47 -22.99 -38.33 22.79
CA VAL E 47 -23.19 -39.68 23.33
C VAL E 47 -24.46 -40.30 22.76
N GLU E 48 -24.36 -41.55 22.35
CA GLU E 48 -25.51 -42.27 21.80
C GLU E 48 -26.22 -43.00 22.91
N TYR E 49 -27.51 -43.27 22.72
CA TYR E 49 -28.30 -43.97 23.72
C TYR E 49 -29.56 -44.55 23.07
N LYS E 50 -29.42 -45.73 22.48
CA LYS E 50 -30.52 -46.42 21.82
C LYS E 50 -30.92 -45.75 20.50
N ASN E 51 -30.10 -45.97 19.47
CA ASN E 51 -30.34 -45.41 18.15
C ASN E 51 -30.69 -43.93 18.15
N ILE E 52 -30.19 -43.19 19.13
CA ILE E 52 -30.44 -41.76 19.24
C ILE E 52 -29.18 -41.07 19.76
N SER E 53 -28.39 -40.50 18.85
CA SER E 53 -27.15 -39.83 19.22
C SER E 53 -27.39 -38.35 19.50
N PHE E 54 -27.40 -37.98 20.78
CA PHE E 54 -27.62 -36.59 21.18
C PHE E 54 -26.31 -35.81 21.13
N THR E 55 -26.39 -34.58 20.63
CA THR E 55 -25.21 -33.72 20.56
C THR E 55 -25.19 -32.89 21.84
N VAL E 56 -24.15 -33.06 22.65
CA VAL E 56 -24.03 -32.34 23.91
C VAL E 56 -23.45 -30.95 23.73
N TRP E 57 -24.10 -29.96 24.34
CA TRP E 57 -23.66 -28.57 24.26
C TRP E 57 -23.56 -27.96 25.66
N ASP E 58 -22.46 -28.25 26.34
CA ASP E 58 -22.21 -27.73 27.69
C ASP E 58 -21.50 -26.38 27.65
N VAL E 59 -22.28 -25.30 27.72
CA VAL E 59 -21.73 -23.96 27.68
C VAL E 59 -21.52 -23.37 29.08
N GLY E 60 -20.58 -22.45 29.18
CA GLY E 60 -20.30 -21.81 30.46
C GLY E 60 -21.53 -21.19 31.11
N GLY E 61 -21.71 -21.46 32.39
CA GLY E 61 -22.85 -20.93 33.11
C GLY E 61 -22.57 -19.62 33.80
N LEU E 62 -21.37 -19.07 33.61
CA LEU E 62 -20.99 -17.82 34.25
C LEU E 62 -21.93 -16.70 33.80
N ASP E 63 -22.32 -15.86 34.75
CA ASP E 63 -23.23 -14.74 34.51
C ASP E 63 -22.87 -13.89 33.30
N LYS E 64 -21.70 -13.25 33.33
CA LYS E 64 -21.26 -12.38 32.25
C LYS E 64 -21.30 -13.01 30.86
N ILE E 65 -21.24 -14.33 30.77
CA ILE E 65 -21.26 -14.99 29.48
C ILE E 65 -22.55 -15.77 29.20
N ARG E 66 -23.56 -15.57 30.05
CA ARG E 66 -24.85 -16.24 29.87
C ARG E 66 -25.61 -15.70 28.66
N PRO E 67 -25.65 -14.36 28.50
CA PRO E 67 -26.37 -13.78 27.37
C PRO E 67 -25.91 -14.34 26.03
N LEU E 68 -24.72 -14.93 26.02
CA LEU E 68 -24.13 -15.52 24.82
C LEU E 68 -24.77 -16.85 24.49
N TRP E 69 -25.53 -17.40 25.43
CA TRP E 69 -26.21 -18.69 25.24
C TRP E 69 -27.17 -18.66 24.05
N ARG E 70 -27.45 -17.48 23.53
CA ARG E 70 -28.37 -17.34 22.40
C ARG E 70 -27.77 -17.84 21.09
N HIS E 71 -26.46 -17.67 20.92
CA HIS E 71 -25.78 -18.10 19.71
C HIS E 71 -25.82 -19.61 19.51
N TYR E 72 -26.36 -20.34 20.49
CA TYR E 72 -26.45 -21.79 20.40
C TYR E 72 -27.88 -22.27 20.21
N PHE E 73 -28.84 -21.41 20.48
CA PHE E 73 -30.25 -21.76 20.34
C PHE E 73 -30.55 -22.44 19.01
N GLN E 74 -29.73 -22.15 17.99
CA GLN E 74 -29.93 -22.71 16.67
C GLN E 74 -30.14 -24.23 16.65
N ASN E 75 -31.20 -24.65 15.96
CA ASN E 75 -31.54 -26.05 15.79
C ASN E 75 -31.52 -26.89 17.07
N THR E 76 -31.80 -26.25 18.21
CA THR E 76 -31.83 -26.96 19.48
C THR E 76 -33.16 -27.69 19.64
N GLN E 77 -33.09 -29.00 19.82
CA GLN E 77 -34.28 -29.83 19.96
C GLN E 77 -34.54 -30.25 21.40
N GLY E 78 -33.46 -30.47 22.15
CA GLY E 78 -33.60 -30.88 23.54
C GLY E 78 -32.87 -30.00 24.51
N LEU E 79 -33.57 -29.56 25.55
CA LEU E 79 -32.98 -28.69 26.56
C LEU E 79 -32.87 -29.39 27.90
N ILE E 80 -31.84 -29.04 28.66
CA ILE E 80 -31.60 -29.63 29.97
C ILE E 80 -31.13 -28.53 30.93
N PHE E 81 -31.95 -28.20 31.92
CA PHE E 81 -31.61 -27.16 32.88
C PHE E 81 -31.11 -27.74 34.21
N VAL E 82 -29.81 -28.04 34.26
CA VAL E 82 -29.19 -28.59 35.46
C VAL E 82 -28.84 -27.45 36.42
N VAL E 83 -29.35 -27.54 37.65
CA VAL E 83 -29.11 -26.51 38.67
C VAL E 83 -28.52 -27.09 39.95
N ASP E 84 -27.90 -26.23 40.76
CA ASP E 84 -27.31 -26.64 42.02
C ASP E 84 -28.39 -26.58 43.11
N SER E 85 -29.00 -27.73 43.37
CA SER E 85 -30.07 -27.85 44.35
C SER E 85 -29.75 -27.24 45.71
N ASN E 86 -28.50 -27.32 46.13
CA ASN E 86 -28.09 -26.79 47.42
C ASN E 86 -27.79 -25.29 47.41
N ASP E 87 -27.80 -24.71 46.22
CA ASP E 87 -27.52 -23.27 46.10
C ASP E 87 -28.84 -22.50 46.10
N ARG E 88 -29.44 -22.41 47.29
CA ARG E 88 -30.71 -21.73 47.49
C ARG E 88 -30.63 -20.23 47.22
N GLU E 89 -29.43 -19.67 47.39
CA GLU E 89 -29.22 -18.25 47.17
C GLU E 89 -29.52 -17.80 45.74
N ARG E 90 -29.17 -18.64 44.76
CA ARG E 90 -29.40 -18.30 43.37
C ARG E 90 -30.60 -19.00 42.74
N VAL E 91 -31.38 -19.69 43.56
CA VAL E 91 -32.56 -20.40 43.07
C VAL E 91 -33.44 -19.44 42.26
N ASN E 92 -33.54 -18.21 42.77
CA ASN E 92 -34.34 -17.17 42.11
C ASN E 92 -33.71 -16.88 40.75
N GLU E 93 -32.39 -16.74 40.75
CA GLU E 93 -31.63 -16.45 39.55
C GLU E 93 -31.82 -17.56 38.52
N ALA E 94 -31.95 -18.79 39.01
CA ALA E 94 -32.16 -19.94 38.14
C ALA E 94 -33.50 -19.78 37.45
N ARG E 95 -34.53 -19.52 38.25
CA ARG E 95 -35.88 -19.33 37.74
C ARG E 95 -35.89 -18.30 36.61
N GLU E 96 -35.29 -17.15 36.87
CA GLU E 96 -35.21 -16.08 35.89
C GLU E 96 -34.59 -16.56 34.58
N GLU E 97 -33.30 -16.90 34.64
CA GLU E 97 -32.58 -17.37 33.47
C GLU E 97 -33.38 -18.38 32.67
N LEU E 98 -33.94 -19.37 33.37
CA LEU E 98 -34.76 -20.40 32.73
C LEU E 98 -35.89 -19.81 31.91
N MET E 99 -36.54 -18.78 32.46
CA MET E 99 -37.65 -18.11 31.80
C MET E 99 -37.18 -17.30 30.60
N ARG E 100 -36.16 -16.47 30.81
CA ARG E 100 -35.62 -15.65 29.73
C ARG E 100 -35.12 -16.55 28.60
N MET E 101 -35.19 -17.86 28.84
CA MET E 101 -34.76 -18.85 27.87
C MET E 101 -35.98 -19.47 27.20
N LEU E 102 -36.99 -19.81 27.99
CA LEU E 102 -38.20 -20.42 27.47
C LEU E 102 -38.98 -19.41 26.62
N ALA E 103 -38.79 -18.13 26.90
CA ALA E 103 -39.48 -17.08 26.15
C ALA E 103 -39.10 -17.12 24.68
N GLU E 104 -37.82 -17.38 24.42
CA GLU E 104 -37.33 -17.45 23.03
C GLU E 104 -38.16 -18.39 22.18
N ASP E 105 -38.30 -18.04 20.90
CA ASP E 105 -39.07 -18.83 19.96
C ASP E 105 -38.29 -20.03 19.45
N GLU E 106 -36.98 -19.85 19.28
CA GLU E 106 -36.13 -20.92 18.77
C GLU E 106 -36.10 -22.14 19.68
N LEU E 107 -36.72 -22.03 20.85
CA LEU E 107 -36.75 -23.14 21.80
C LEU E 107 -38.19 -23.46 22.20
N ARG E 108 -39.14 -22.89 21.48
CA ARG E 108 -40.56 -23.10 21.79
C ARG E 108 -41.01 -24.55 21.64
N ASP E 109 -40.19 -25.38 20.99
CA ASP E 109 -40.55 -26.78 20.80
C ASP E 109 -39.65 -27.71 21.60
N ALA E 110 -38.38 -27.33 21.75
CA ALA E 110 -37.43 -28.14 22.49
C ALA E 110 -37.93 -28.50 23.88
N VAL E 111 -37.76 -29.77 24.25
CA VAL E 111 -38.18 -30.25 25.57
C VAL E 111 -37.13 -29.87 26.62
N LEU E 112 -37.55 -29.75 27.87
CA LEU E 112 -36.63 -29.38 28.93
C LEU E 112 -36.42 -30.47 29.98
N LEU E 113 -35.17 -30.61 30.42
CA LEU E 113 -34.82 -31.60 31.43
C LEU E 113 -34.04 -30.94 32.55
N VAL E 114 -34.74 -30.52 33.60
CA VAL E 114 -34.11 -29.86 34.74
C VAL E 114 -33.47 -30.87 35.69
N PHE E 115 -32.15 -30.75 35.87
CA PHE E 115 -31.40 -31.63 36.75
C PHE E 115 -30.84 -30.91 37.96
N ALA E 116 -31.51 -31.05 39.10
CA ALA E 116 -31.06 -30.44 40.34
C ALA E 116 -29.95 -31.34 40.88
N ASN E 117 -28.77 -31.23 40.30
CA ASN E 117 -27.62 -32.04 40.68
C ASN E 117 -27.18 -31.78 42.12
N LYS E 118 -26.13 -32.51 42.52
CA LYS E 118 -25.55 -32.39 43.86
C LYS E 118 -26.49 -32.84 44.96
N GLN E 119 -27.15 -33.98 44.77
CA GLN E 119 -28.07 -34.50 45.76
C GLN E 119 -27.35 -35.19 46.92
N ASP E 120 -26.04 -35.02 46.97
CA ASP E 120 -25.23 -35.61 48.02
C ASP E 120 -25.36 -34.77 49.29
N LEU E 121 -25.35 -33.45 49.11
CA LEU E 121 -25.48 -32.52 50.23
C LEU E 121 -26.86 -32.70 50.86
N PRO E 122 -26.91 -33.03 52.16
CA PRO E 122 -28.16 -33.25 52.90
C PRO E 122 -29.12 -32.06 52.97
N ASN E 123 -28.61 -30.87 52.65
CA ASN E 123 -29.44 -29.66 52.70
C ASN E 123 -30.00 -29.29 51.34
N ALA E 124 -29.44 -29.87 50.28
CA ALA E 124 -29.90 -29.59 48.92
C ALA E 124 -31.40 -29.79 48.77
N MET E 125 -32.06 -28.77 48.24
CA MET E 125 -33.51 -28.81 48.01
C MET E 125 -33.86 -30.03 47.17
N ASN E 126 -34.88 -30.77 47.58
CA ASN E 126 -35.28 -31.96 46.83
C ASN E 126 -36.08 -31.60 45.58
N ALA E 127 -36.43 -32.62 44.81
CA ALA E 127 -37.19 -32.44 43.57
C ALA E 127 -38.34 -31.44 43.71
N ALA E 128 -39.35 -31.81 44.50
CA ALA E 128 -40.51 -30.96 44.72
C ALA E 128 -40.16 -29.50 44.96
N GLU E 129 -39.10 -29.26 45.72
CA GLU E 129 -38.68 -27.90 46.04
C GLU E 129 -38.21 -27.14 44.80
N ILE E 130 -37.25 -27.72 44.08
CA ILE E 130 -36.73 -27.08 42.87
C ILE E 130 -37.87 -26.77 41.91
N THR E 131 -38.68 -27.78 41.62
CA THR E 131 -39.81 -27.63 40.72
C THR E 131 -40.69 -26.45 41.13
N ASP E 132 -40.87 -26.28 42.43
CA ASP E 132 -41.68 -25.19 42.98
C ASP E 132 -40.95 -23.86 42.85
N LYS E 133 -39.73 -23.80 43.40
CA LYS E 133 -38.93 -22.59 43.37
C LYS E 133 -38.74 -22.04 41.94
N LEU E 134 -39.10 -22.84 40.95
CA LEU E 134 -38.97 -22.43 39.56
C LEU E 134 -40.33 -22.26 38.91
N GLY E 135 -41.38 -22.58 39.65
CA GLY E 135 -42.74 -22.45 39.13
C GLY E 135 -43.01 -23.38 37.97
N LEU E 136 -42.21 -24.44 37.86
CA LEU E 136 -42.35 -25.41 36.79
C LEU E 136 -43.80 -25.86 36.60
N HIS E 137 -44.48 -26.17 37.70
CA HIS E 137 -45.87 -26.61 37.65
C HIS E 137 -46.79 -25.67 36.90
N SER E 138 -46.51 -24.37 36.97
CA SER E 138 -47.34 -23.37 36.29
C SER E 138 -46.87 -23.12 34.87
N LEU E 139 -46.44 -24.18 34.19
CA LEU E 139 -45.97 -24.08 32.82
C LEU E 139 -46.87 -24.84 31.86
N ARG E 140 -47.75 -24.11 31.17
CA ARG E 140 -48.67 -24.72 30.22
C ARG E 140 -48.02 -24.85 28.84
N HIS E 141 -48.48 -25.82 28.06
CA HIS E 141 -47.98 -26.03 26.71
C HIS E 141 -46.44 -26.08 26.71
N ARG E 142 -45.88 -26.98 27.52
CA ARG E 142 -44.43 -27.10 27.60
C ARG E 142 -43.99 -28.49 28.02
N ASN E 143 -43.07 -29.07 27.25
CA ASN E 143 -42.55 -30.40 27.55
C ASN E 143 -41.37 -30.28 28.50
N TRP E 144 -41.49 -30.88 29.68
CA TRP E 144 -40.41 -30.83 30.65
C TRP E 144 -40.41 -32.03 31.60
N TYR E 145 -39.42 -32.07 32.48
CA TYR E 145 -39.26 -33.14 33.45
C TYR E 145 -38.15 -32.77 34.41
N ILE E 146 -38.14 -33.38 35.59
CA ILE E 146 -37.10 -33.10 36.57
C ILE E 146 -36.72 -34.39 37.31
N GLN E 147 -35.42 -34.66 37.35
CA GLN E 147 -34.92 -35.86 38.00
C GLN E 147 -33.78 -35.55 38.98
N ALA E 148 -33.82 -36.19 40.15
CA ALA E 148 -32.78 -36.00 41.15
C ALA E 148 -31.45 -36.43 40.55
N THR E 149 -30.46 -35.55 40.58
CA THR E 149 -29.15 -35.88 40.02
C THR E 149 -27.97 -35.50 40.90
N CYS E 150 -26.83 -36.14 40.61
CA CYS E 150 -25.59 -35.92 41.33
C CYS E 150 -24.45 -36.49 40.51
N ALA E 151 -23.80 -35.64 39.73
CA ALA E 151 -22.70 -36.04 38.85
C ALA E 151 -21.59 -36.79 39.56
N THR E 152 -21.34 -36.47 40.82
CA THR E 152 -20.28 -37.12 41.59
C THR E 152 -20.54 -38.60 41.85
N SER E 153 -21.33 -39.22 40.98
CA SER E 153 -21.65 -40.64 41.12
C SER E 153 -22.34 -41.17 39.87
N GLY E 154 -23.08 -40.29 39.19
CA GLY E 154 -23.78 -40.69 37.98
C GLY E 154 -25.27 -40.88 38.18
N ASP E 155 -25.72 -40.82 39.42
CA ASP E 155 -27.13 -40.99 39.74
C ASP E 155 -28.03 -39.99 39.03
N GLY E 156 -29.13 -40.47 38.49
CA GLY E 156 -30.08 -39.60 37.80
C GLY E 156 -29.68 -39.21 36.39
N LEU E 157 -28.42 -39.37 36.04
CA LEU E 157 -27.94 -38.99 34.72
C LEU E 157 -28.63 -39.74 33.57
N TYR E 158 -28.19 -40.96 33.28
CA TYR E 158 -28.78 -41.73 32.19
C TYR E 158 -30.29 -41.73 32.25
N GLU E 159 -30.84 -41.55 33.46
CA GLU E 159 -32.30 -41.51 33.61
C GLU E 159 -32.86 -40.47 32.64
N GLY E 160 -32.41 -39.23 32.81
CA GLY E 160 -32.85 -38.15 31.95
C GLY E 160 -32.77 -38.51 30.49
N LEU E 161 -31.73 -39.24 30.11
CA LEU E 161 -31.54 -39.66 28.74
C LEU E 161 -32.78 -40.41 28.28
N ASP E 162 -33.22 -41.36 29.09
CA ASP E 162 -34.40 -42.16 28.78
C ASP E 162 -35.57 -41.22 28.46
N TRP E 163 -35.70 -40.15 29.24
CA TRP E 163 -36.76 -39.19 29.02
C TRP E 163 -36.49 -38.44 27.72
N LEU E 164 -35.38 -37.70 27.72
CA LEU E 164 -34.96 -36.92 26.56
C LEU E 164 -35.07 -37.73 25.27
N SER E 165 -34.54 -38.94 25.29
CA SER E 165 -34.58 -39.83 24.13
C SER E 165 -36.00 -40.08 23.66
N ASN E 166 -36.72 -40.91 24.40
CA ASN E 166 -38.09 -41.26 24.06
C ASN E 166 -38.95 -40.03 23.73
N GLN E 167 -39.12 -39.15 24.70
CA GLN E 167 -39.92 -37.95 24.51
C GLN E 167 -39.68 -37.26 23.17
N LEU E 168 -38.42 -36.94 22.88
CA LEU E 168 -38.06 -36.27 21.64
C LEU E 168 -38.45 -37.05 20.39
N ARG E 169 -38.21 -38.36 20.38
CA ARG E 169 -38.54 -39.20 19.24
C ARG E 169 -40.04 -39.55 19.22
N ASN E 170 -40.78 -38.93 18.30
CA ASN E 170 -42.21 -39.18 18.19
C ASN E 170 -42.53 -40.53 17.53
N GLN E 171 -41.54 -41.41 17.49
CA GLN E 171 -41.72 -42.72 16.89
C GLN E 171 -40.64 -43.69 17.36
N LYS E 172 -39.72 -44.06 16.46
CA LYS E 172 -38.65 -44.97 16.81
C LYS E 172 -37.30 -44.39 16.38
PG GTP F . -19.76 -23.55 35.07
O1G GTP F . -19.93 -22.15 35.58
O2G GTP F . -18.43 -24.13 35.56
O3G GTP F . -19.85 -23.58 33.53
O3B GTP F . -20.97 -24.44 35.67
PB GTP F . -21.24 -26.03 35.42
O1B GTP F . -22.65 -26.38 35.70
O2B GTP F . -20.78 -26.49 34.05
O3A GTP F . -20.29 -26.70 36.55
PA GTP F . -19.03 -27.72 36.39
O1A GTP F . -19.48 -29.02 35.86
O2A GTP F . -17.88 -27.07 35.65
O5' GTP F . -18.60 -27.92 37.92
C5' GTP F . -18.12 -26.81 38.68
C4' GTP F . -17.61 -27.27 40.05
O4' GTP F . -18.64 -27.90 40.79
C3' GTP F . -16.45 -28.25 39.97
O3' GTP F . -15.42 -27.81 40.86
C2' GTP F . -17.06 -29.57 40.35
O2' GTP F . -16.18 -30.48 41.00
C1' GTP F . -18.25 -29.17 41.22
N9 GTP F . -19.40 -30.09 41.10
C8 GTP F . -20.20 -30.39 40.02
N7 GTP F . -21.13 -31.30 40.42
C5 GTP F . -20.93 -31.58 41.74
C6 GTP F . -21.55 -32.43 42.68
O6 GTP F . -22.52 -33.15 42.41
N1 GTP F . -21.05 -32.47 43.99
C2 GTP F . -19.97 -31.69 44.38
N2 GTP F . -19.55 -31.77 45.64
N3 GTP F . -19.36 -30.86 43.47
C4 GTP F . -19.82 -30.82 42.17
MG MG G . -18.39 -25.78 33.47
#